data_8IY7
# 
_entry.id   8IY7 
# 
_audit_conform.dict_name       mmcif_pdbx.dic 
_audit_conform.dict_version    5.387 
_audit_conform.dict_location   http://mmcif.pdb.org/dictionaries/ascii/mmcif_pdbx.dic 
# 
loop_
_database_2.database_id 
_database_2.database_code 
_database_2.pdbx_database_accession 
_database_2.pdbx_DOI 
PDB   8IY7         pdb_00008iy7 10.2210/pdb8iy7/pdb 
WWPDB D_1300036750 ?            ?                   
EMDB  EMD-35816    ?            ?                   
# 
_pdbx_audit_revision_history.ordinal             1 
_pdbx_audit_revision_history.data_content_type   'Structure model' 
_pdbx_audit_revision_history.major_revision      1 
_pdbx_audit_revision_history.minor_revision      0 
_pdbx_audit_revision_history.revision_date       2024-04-10 
# 
_pdbx_audit_revision_details.ordinal             1 
_pdbx_audit_revision_details.revision_ordinal    1 
_pdbx_audit_revision_details.data_content_type   'Structure model' 
_pdbx_audit_revision_details.provider            repository 
_pdbx_audit_revision_details.type                'Initial release' 
_pdbx_audit_revision_details.description         ? 
_pdbx_audit_revision_details.details             ? 
# 
_pdbx_database_status.status_code                     REL 
_pdbx_database_status.status_code_sf                  ? 
_pdbx_database_status.status_code_mr                  ? 
_pdbx_database_status.entry_id                        8IY7 
_pdbx_database_status.recvd_initial_deposition_date   2023-04-04 
_pdbx_database_status.SG_entry                        N 
_pdbx_database_status.deposit_site                    PDBJ 
_pdbx_database_status.process_site                    PDBJ 
_pdbx_database_status.status_code_cs                  ? 
_pdbx_database_status.status_code_nmr_data            ? 
_pdbx_database_status.methods_development_category    ? 
_pdbx_database_status.pdb_format_compatible           Y 
# 
_pdbx_database_related.db_name        EMDB 
_pdbx_database_related.details        'Cryo-EM structure of DIP-2I8I fibril polymorph1' 
_pdbx_database_related.db_id          EMD-35816 
_pdbx_database_related.content_type   'associated EM volume' 
# 
_pdbx_contact_author.id                 2 
_pdbx_contact_author.email              dannielee@sjtu.edu.cn 
_pdbx_contact_author.name_first         Cong 
_pdbx_contact_author.name_last          Liu 
_pdbx_contact_author.name_mi            ? 
_pdbx_contact_author.role               'principal investigator/group leader' 
_pdbx_contact_author.identifier_ORCID   0000-0003-3425-6672 
# 
loop_
_audit_author.name 
_audit_author.pdbx_ordinal 
_audit_author.identifier_ORCID 
'Li, D.N.' 1 ? 
'Ma, Y.Y.' 2 ? 
'Li, D.'   3 ? 
'Dai, B.'  4 ? 
'Liu, C.'  5 ? 
# 
_citation.abstract                  ? 
_citation.abstract_id_CAS           ? 
_citation.book_id_ISBN              ? 
_citation.book_publisher            ? 
_citation.book_publisher_city       ? 
_citation.book_title                ? 
_citation.coordinate_linkage        ? 
_citation.country                   ? 
_citation.database_id_Medline       ? 
_citation.details                   ? 
_citation.id                        primary 
_citation.journal_abbrev            'To Be Published' 
_citation.journal_id_ASTM           ? 
_citation.journal_id_CSD            0353 
_citation.journal_id_ISSN           ? 
_citation.journal_full              ? 
_citation.journal_issue             ? 
_citation.journal_volume            ? 
_citation.language                  ? 
_citation.page_first                ? 
_citation.page_last                 ? 
_citation.title                     'Cryo-EM structure of DIP-2I8I fibril polymorph1' 
_citation.year                      ? 
_citation.database_id_CSD           ? 
_citation.pdbx_database_id_DOI      ? 
_citation.pdbx_database_id_PubMed   ? 
_citation.pdbx_database_id_patent   ? 
_citation.unpublished_flag          ? 
# 
loop_
_citation_author.citation_id 
_citation_author.name 
_citation_author.ordinal 
_citation_author.identifier_ORCID 
primary 'Li, D.N.' 1 ? 
primary 'Ma, Y.Y.' 2 ? 
primary 'Li, D.'   3 ? 
primary 'Dai, B.'  4 ? 
primary 'Liu, C.'  5 ? 
# 
_entity.id                         1 
_entity.type                       polymer 
_entity.src_method                 syn 
_entity.pdbx_description           GLY-PHI-GLY-ASN-GLY-ASN-GLY-PHI-GLY 
_entity.formula_weight             1077.621 
_entity.pdbx_number_of_molecules   24 
_entity.pdbx_ec                    ? 
_entity.pdbx_mutation              ? 
_entity.pdbx_fragment              ? 
_entity.details                    ? 
# 
_entity_poly.entity_id                      1 
_entity_poly.type                           'polypeptide(L)' 
_entity_poly.nstd_linkage                   no 
_entity_poly.nstd_monomer                   yes 
_entity_poly.pdbx_seq_one_letter_code       'G(PHI)GNGNG(PHI)G' 
_entity_poly.pdbx_seq_one_letter_code_can   GFGNGNGFG 
_entity_poly.pdbx_strand_id                 A,B,C,D,E,F,G,J,M,P,S,V,H,K,N,Q,T,W,I,L,O,R,U,X 
_entity_poly.pdbx_target_identifier         ? 
# 
loop_
_entity_poly_seq.entity_id 
_entity_poly_seq.num 
_entity_poly_seq.mon_id 
_entity_poly_seq.hetero 
1 1 GLY n 
1 2 PHI n 
1 3 GLY n 
1 4 ASN n 
1 5 GLY n 
1 6 ASN n 
1 7 GLY n 
1 8 PHI n 
1 9 GLY n 
# 
_pdbx_entity_src_syn.entity_id              1 
_pdbx_entity_src_syn.pdbx_src_id            1 
_pdbx_entity_src_syn.pdbx_alt_source_flag   sample 
_pdbx_entity_src_syn.pdbx_beg_seq_num       1 
_pdbx_entity_src_syn.pdbx_end_seq_num       9 
_pdbx_entity_src_syn.organism_scientific    'Homo sapiens' 
_pdbx_entity_src_syn.organism_common_name   ? 
_pdbx_entity_src_syn.ncbi_taxonomy_id       9606 
_pdbx_entity_src_syn.details                ? 
# 
loop_
_chem_comp.id 
_chem_comp.type 
_chem_comp.mon_nstd_flag 
_chem_comp.name 
_chem_comp.pdbx_synonyms 
_chem_comp.formula 
_chem_comp.formula_weight 
ASN 'L-peptide linking' y ASPARAGINE         ? 'C4 H8 N2 O3'   132.118 
GLY 'peptide linking'   y GLYCINE            ? 'C2 H5 N O2'    75.067  
PHI 'L-peptide linking' n IODO-PHENYLALANINE ? 'C9 H10 I N O2' 291.086 
# 
loop_
_pdbx_poly_seq_scheme.asym_id 
_pdbx_poly_seq_scheme.entity_id 
_pdbx_poly_seq_scheme.seq_id 
_pdbx_poly_seq_scheme.mon_id 
_pdbx_poly_seq_scheme.ndb_seq_num 
_pdbx_poly_seq_scheme.pdb_seq_num 
_pdbx_poly_seq_scheme.auth_seq_num 
_pdbx_poly_seq_scheme.pdb_mon_id 
_pdbx_poly_seq_scheme.auth_mon_id 
_pdbx_poly_seq_scheme.pdb_strand_id 
_pdbx_poly_seq_scheme.pdb_ins_code 
_pdbx_poly_seq_scheme.hetero 
A 1 1 GLY 1 22 22 GLY GLY A . n 
A 1 2 PHI 2 23 23 PHI PHI A . n 
A 1 3 GLY 3 24 24 GLY GLY A . n 
A 1 4 ASN 4 25 25 ASN ASN A . n 
A 1 5 GLY 5 26 26 GLY GLY A . n 
A 1 6 ASN 6 27 27 ASN ASN A . n 
A 1 7 GLY 7 28 28 GLY GLY A . n 
A 1 8 PHI 8 29 29 PHI PHI A . n 
A 1 9 GLY 9 30 30 GLY GLY A . n 
B 1 1 GLY 1 22 22 GLY GLY B . n 
B 1 2 PHI 2 23 23 PHI PHI B . n 
B 1 3 GLY 3 24 24 GLY GLY B . n 
B 1 4 ASN 4 25 25 ASN ASN B . n 
B 1 5 GLY 5 26 26 GLY GLY B . n 
B 1 6 ASN 6 27 27 ASN ASN B . n 
B 1 7 GLY 7 28 28 GLY GLY B . n 
B 1 8 PHI 8 29 29 PHI PHI B . n 
B 1 9 GLY 9 30 30 GLY GLY B . n 
C 1 1 GLY 1 22 22 GLY GLY C . n 
C 1 2 PHI 2 23 23 PHI PHI C . n 
C 1 3 GLY 3 24 24 GLY GLY C . n 
C 1 4 ASN 4 25 25 ASN ASN C . n 
C 1 5 GLY 5 26 26 GLY GLY C . n 
C 1 6 ASN 6 27 27 ASN ASN C . n 
C 1 7 GLY 7 28 28 GLY GLY C . n 
C 1 8 PHI 8 29 29 PHI PHI C . n 
C 1 9 GLY 9 30 30 GLY GLY C . n 
D 1 1 GLY 1 22 22 GLY GLY D . n 
D 1 2 PHI 2 23 23 PHI PHI D . n 
D 1 3 GLY 3 24 24 GLY GLY D . n 
D 1 4 ASN 4 25 25 ASN ASN D . n 
D 1 5 GLY 5 26 26 GLY GLY D . n 
D 1 6 ASN 6 27 27 ASN ASN D . n 
D 1 7 GLY 7 28 28 GLY GLY D . n 
D 1 8 PHI 8 29 29 PHI PHI D . n 
D 1 9 GLY 9 30 30 GLY GLY D . n 
E 1 1 GLY 1 22 22 GLY GLY E . n 
E 1 2 PHI 2 23 23 PHI PHI E . n 
E 1 3 GLY 3 24 24 GLY GLY E . n 
E 1 4 ASN 4 25 25 ASN ASN E . n 
E 1 5 GLY 5 26 26 GLY GLY E . n 
E 1 6 ASN 6 27 27 ASN ASN E . n 
E 1 7 GLY 7 28 28 GLY GLY E . n 
E 1 8 PHI 8 29 29 PHI PHI E . n 
E 1 9 GLY 9 30 30 GLY GLY E . n 
F 1 1 GLY 1 22 22 GLY GLY F . n 
F 1 2 PHI 2 23 23 PHI PHI F . n 
F 1 3 GLY 3 24 24 GLY GLY F . n 
F 1 4 ASN 4 25 25 ASN ASN F . n 
F 1 5 GLY 5 26 26 GLY GLY F . n 
F 1 6 ASN 6 27 27 ASN ASN F . n 
F 1 7 GLY 7 28 28 GLY GLY F . n 
F 1 8 PHI 8 29 29 PHI PHI F . n 
F 1 9 GLY 9 30 30 GLY GLY F . n 
G 1 1 GLY 1 22 22 GLY GLY G . n 
G 1 2 PHI 2 23 23 PHI PHI G . n 
G 1 3 GLY 3 24 24 GLY GLY G . n 
G 1 4 ASN 4 25 25 ASN ASN G . n 
G 1 5 GLY 5 26 26 GLY GLY G . n 
G 1 6 ASN 6 27 27 ASN ASN G . n 
G 1 7 GLY 7 28 28 GLY GLY G . n 
G 1 8 PHI 8 29 29 PHI PHI G . n 
G 1 9 GLY 9 30 30 GLY GLY G . n 
H 1 1 GLY 1 22 22 GLY GLY J . n 
H 1 2 PHI 2 23 23 PHI PHI J . n 
H 1 3 GLY 3 24 24 GLY GLY J . n 
H 1 4 ASN 4 25 25 ASN ASN J . n 
H 1 5 GLY 5 26 26 GLY GLY J . n 
H 1 6 ASN 6 27 27 ASN ASN J . n 
H 1 7 GLY 7 28 28 GLY GLY J . n 
H 1 8 PHI 8 29 29 PHI PHI J . n 
H 1 9 GLY 9 30 30 GLY GLY J . n 
I 1 1 GLY 1 22 22 GLY GLY M . n 
I 1 2 PHI 2 23 23 PHI PHI M . n 
I 1 3 GLY 3 24 24 GLY GLY M . n 
I 1 4 ASN 4 25 25 ASN ASN M . n 
I 1 5 GLY 5 26 26 GLY GLY M . n 
I 1 6 ASN 6 27 27 ASN ASN M . n 
I 1 7 GLY 7 28 28 GLY GLY M . n 
I 1 8 PHI 8 29 29 PHI PHI M . n 
I 1 9 GLY 9 30 30 GLY GLY M . n 
J 1 1 GLY 1 22 22 GLY GLY P . n 
J 1 2 PHI 2 23 23 PHI PHI P . n 
J 1 3 GLY 3 24 24 GLY GLY P . n 
J 1 4 ASN 4 25 25 ASN ASN P . n 
J 1 5 GLY 5 26 26 GLY GLY P . n 
J 1 6 ASN 6 27 27 ASN ASN P . n 
J 1 7 GLY 7 28 28 GLY GLY P . n 
J 1 8 PHI 8 29 29 PHI PHI P . n 
J 1 9 GLY 9 30 30 GLY GLY P . n 
K 1 1 GLY 1 22 22 GLY GLY S . n 
K 1 2 PHI 2 23 23 PHI PHI S . n 
K 1 3 GLY 3 24 24 GLY GLY S . n 
K 1 4 ASN 4 25 25 ASN ASN S . n 
K 1 5 GLY 5 26 26 GLY GLY S . n 
K 1 6 ASN 6 27 27 ASN ASN S . n 
K 1 7 GLY 7 28 28 GLY GLY S . n 
K 1 8 PHI 8 29 29 PHI PHI S . n 
K 1 9 GLY 9 30 30 GLY GLY S . n 
L 1 1 GLY 1 22 22 GLY GLY V . n 
L 1 2 PHI 2 23 23 PHI PHI V . n 
L 1 3 GLY 3 24 24 GLY GLY V . n 
L 1 4 ASN 4 25 25 ASN ASN V . n 
L 1 5 GLY 5 26 26 GLY GLY V . n 
L 1 6 ASN 6 27 27 ASN ASN V . n 
L 1 7 GLY 7 28 28 GLY GLY V . n 
L 1 8 PHI 8 29 29 PHI PHI V . n 
L 1 9 GLY 9 30 30 GLY GLY V . n 
M 1 1 GLY 1 22 22 GLY GLY H . n 
M 1 2 PHI 2 23 23 PHI PHI H . n 
M 1 3 GLY 3 24 24 GLY GLY H . n 
M 1 4 ASN 4 25 25 ASN ASN H . n 
M 1 5 GLY 5 26 26 GLY GLY H . n 
M 1 6 ASN 6 27 27 ASN ASN H . n 
M 1 7 GLY 7 28 28 GLY GLY H . n 
M 1 8 PHI 8 29 29 PHI PHI H . n 
M 1 9 GLY 9 30 30 GLY GLY H . n 
N 1 1 GLY 1 22 22 GLY GLY K . n 
N 1 2 PHI 2 23 23 PHI PHI K . n 
N 1 3 GLY 3 24 24 GLY GLY K . n 
N 1 4 ASN 4 25 25 ASN ASN K . n 
N 1 5 GLY 5 26 26 GLY GLY K . n 
N 1 6 ASN 6 27 27 ASN ASN K . n 
N 1 7 GLY 7 28 28 GLY GLY K . n 
N 1 8 PHI 8 29 29 PHI PHI K . n 
N 1 9 GLY 9 30 30 GLY GLY K . n 
O 1 1 GLY 1 22 22 GLY GLY N . n 
O 1 2 PHI 2 23 23 PHI PHI N . n 
O 1 3 GLY 3 24 24 GLY GLY N . n 
O 1 4 ASN 4 25 25 ASN ASN N . n 
O 1 5 GLY 5 26 26 GLY GLY N . n 
O 1 6 ASN 6 27 27 ASN ASN N . n 
O 1 7 GLY 7 28 28 GLY GLY N . n 
O 1 8 PHI 8 29 29 PHI PHI N . n 
O 1 9 GLY 9 30 30 GLY GLY N . n 
P 1 1 GLY 1 22 22 GLY GLY Q . n 
P 1 2 PHI 2 23 23 PHI PHI Q . n 
P 1 3 GLY 3 24 24 GLY GLY Q . n 
P 1 4 ASN 4 25 25 ASN ASN Q . n 
P 1 5 GLY 5 26 26 GLY GLY Q . n 
P 1 6 ASN 6 27 27 ASN ASN Q . n 
P 1 7 GLY 7 28 28 GLY GLY Q . n 
P 1 8 PHI 8 29 29 PHI PHI Q . n 
P 1 9 GLY 9 30 30 GLY GLY Q . n 
Q 1 1 GLY 1 22 22 GLY GLY T . n 
Q 1 2 PHI 2 23 23 PHI PHI T . n 
Q 1 3 GLY 3 24 24 GLY GLY T . n 
Q 1 4 ASN 4 25 25 ASN ASN T . n 
Q 1 5 GLY 5 26 26 GLY GLY T . n 
Q 1 6 ASN 6 27 27 ASN ASN T . n 
Q 1 7 GLY 7 28 28 GLY GLY T . n 
Q 1 8 PHI 8 29 29 PHI PHI T . n 
Q 1 9 GLY 9 30 30 GLY GLY T . n 
R 1 1 GLY 1 22 22 GLY GLY W . n 
R 1 2 PHI 2 23 23 PHI PHI W . n 
R 1 3 GLY 3 24 24 GLY GLY W . n 
R 1 4 ASN 4 25 25 ASN ASN W . n 
R 1 5 GLY 5 26 26 GLY GLY W . n 
R 1 6 ASN 6 27 27 ASN ASN W . n 
R 1 7 GLY 7 28 28 GLY GLY W . n 
R 1 8 PHI 8 29 29 PHI PHI W . n 
R 1 9 GLY 9 30 30 GLY GLY W . n 
S 1 1 GLY 1 22 22 GLY GLY I . n 
S 1 2 PHI 2 23 23 PHI PHI I . n 
S 1 3 GLY 3 24 24 GLY GLY I . n 
S 1 4 ASN 4 25 25 ASN ASN I . n 
S 1 5 GLY 5 26 26 GLY GLY I . n 
S 1 6 ASN 6 27 27 ASN ASN I . n 
S 1 7 GLY 7 28 28 GLY GLY I . n 
S 1 8 PHI 8 29 29 PHI PHI I . n 
S 1 9 GLY 9 30 30 GLY GLY I . n 
T 1 1 GLY 1 22 22 GLY GLY L . n 
T 1 2 PHI 2 23 23 PHI PHI L . n 
T 1 3 GLY 3 24 24 GLY GLY L . n 
T 1 4 ASN 4 25 25 ASN ASN L . n 
T 1 5 GLY 5 26 26 GLY GLY L . n 
T 1 6 ASN 6 27 27 ASN ASN L . n 
T 1 7 GLY 7 28 28 GLY GLY L . n 
T 1 8 PHI 8 29 29 PHI PHI L . n 
T 1 9 GLY 9 30 30 GLY GLY L . n 
U 1 1 GLY 1 22 22 GLY GLY O . n 
U 1 2 PHI 2 23 23 PHI PHI O . n 
U 1 3 GLY 3 24 24 GLY GLY O . n 
U 1 4 ASN 4 25 25 ASN ASN O . n 
U 1 5 GLY 5 26 26 GLY GLY O . n 
U 1 6 ASN 6 27 27 ASN ASN O . n 
U 1 7 GLY 7 28 28 GLY GLY O . n 
U 1 8 PHI 8 29 29 PHI PHI O . n 
U 1 9 GLY 9 30 30 GLY GLY O . n 
V 1 1 GLY 1 22 22 GLY GLY R . n 
V 1 2 PHI 2 23 23 PHI PHI R . n 
V 1 3 GLY 3 24 24 GLY GLY R . n 
V 1 4 ASN 4 25 25 ASN ASN R . n 
V 1 5 GLY 5 26 26 GLY GLY R . n 
V 1 6 ASN 6 27 27 ASN ASN R . n 
V 1 7 GLY 7 28 28 GLY GLY R . n 
V 1 8 PHI 8 29 29 PHI PHI R . n 
V 1 9 GLY 9 30 30 GLY GLY R . n 
W 1 1 GLY 1 22 22 GLY GLY U . n 
W 1 2 PHI 2 23 23 PHI PHI U . n 
W 1 3 GLY 3 24 24 GLY GLY U . n 
W 1 4 ASN 4 25 25 ASN ASN U . n 
W 1 5 GLY 5 26 26 GLY GLY U . n 
W 1 6 ASN 6 27 27 ASN ASN U . n 
W 1 7 GLY 7 28 28 GLY GLY U . n 
W 1 8 PHI 8 29 29 PHI PHI U . n 
W 1 9 GLY 9 30 30 GLY GLY U . n 
X 1 1 GLY 1 22 22 GLY GLY X . n 
X 1 2 PHI 2 23 23 PHI PHI X . n 
X 1 3 GLY 3 24 24 GLY GLY X . n 
X 1 4 ASN 4 25 25 ASN ASN X . n 
X 1 5 GLY 5 26 26 GLY GLY X . n 
X 1 6 ASN 6 27 27 ASN ASN X . n 
X 1 7 GLY 7 28 28 GLY GLY X . n 
X 1 8 PHI 8 29 29 PHI PHI X . n 
X 1 9 GLY 9 30 30 GLY GLY X . n 
# 
_cell.angle_alpha                  90.00 
_cell.angle_alpha_esd              ? 
_cell.angle_beta                   90.00 
_cell.angle_beta_esd               ? 
_cell.angle_gamma                  90.00 
_cell.angle_gamma_esd              ? 
_cell.entry_id                     8IY7 
_cell.details                      ? 
_cell.formula_units_Z              ? 
_cell.length_a                     1.00 
_cell.length_a_esd                 ? 
_cell.length_b                     1.00 
_cell.length_b_esd                 ? 
_cell.length_c                     1.00 
_cell.length_c_esd                 ? 
_cell.volume                       ? 
_cell.volume_esd                   ? 
_cell.Z_PDB                        ? 
_cell.reciprocal_angle_alpha       ? 
_cell.reciprocal_angle_beta        ? 
_cell.reciprocal_angle_gamma       ? 
_cell.reciprocal_angle_alpha_esd   ? 
_cell.reciprocal_angle_beta_esd    ? 
_cell.reciprocal_angle_gamma_esd   ? 
_cell.reciprocal_length_a          ? 
_cell.reciprocal_length_b          ? 
_cell.reciprocal_length_c          ? 
_cell.reciprocal_length_a_esd      ? 
_cell.reciprocal_length_b_esd      ? 
_cell.reciprocal_length_c_esd      ? 
_cell.pdbx_unique_axis             ? 
_cell.pdbx_esd_method              ? 
# 
_symmetry.entry_id                         8IY7 
_symmetry.cell_setting                     ? 
_symmetry.Int_Tables_number                1 
_symmetry.space_group_name_Hall            ? 
_symmetry.space_group_name_H-M             'P 1' 
_symmetry.pdbx_full_space_group_name_H-M   ? 
# 
_exptl.absorpt_coefficient_mu     ? 
_exptl.absorpt_correction_T_max   ? 
_exptl.absorpt_correction_T_min   ? 
_exptl.absorpt_correction_type    ? 
_exptl.absorpt_process_details    ? 
_exptl.entry_id                   8IY7 
_exptl.crystals_number            ? 
_exptl.details                    ? 
_exptl.method                     'ELECTRON MICROSCOPY' 
_exptl.method_details             ? 
# 
_refine.pdbx_refine_id                           'ELECTRON MICROSCOPY' 
_refine.entry_id                                 8IY7 
_refine.pdbx_diffrn_id                           ? 
_refine.pdbx_TLS_residual_ADP_flag               ? 
_refine.ls_number_reflns_obs                     ? 
_refine.ls_number_reflns_all                     ? 
_refine.pdbx_ls_sigma_I                          ? 
_refine.pdbx_ls_sigma_F                          ? 
_refine.pdbx_data_cutoff_high_absF               ? 
_refine.pdbx_data_cutoff_low_absF                ? 
_refine.pdbx_data_cutoff_high_rms_absF           ? 
_refine.ls_d_res_low                             ? 
_refine.ls_d_res_high                            . 
_refine.ls_percent_reflns_obs                    ? 
_refine.ls_R_factor_obs                          ? 
_refine.ls_R_factor_all                          ? 
_refine.ls_R_factor_R_work                       ? 
_refine.ls_R_factor_R_free                       ? 
_refine.ls_R_factor_R_free_error                 ? 
_refine.ls_R_factor_R_free_error_details         ? 
_refine.ls_percent_reflns_R_free                 ? 
_refine.ls_number_reflns_R_free                  ? 
_refine.ls_number_parameters                     ? 
_refine.ls_number_restraints                     ? 
_refine.occupancy_min                            ? 
_refine.occupancy_max                            ? 
_refine.correlation_coeff_Fo_to_Fc               ? 
_refine.correlation_coeff_Fo_to_Fc_free          ? 
_refine.B_iso_mean                               ? 
_refine.aniso_B[1][1]                            ? 
_refine.aniso_B[2][2]                            ? 
_refine.aniso_B[3][3]                            ? 
_refine.aniso_B[1][2]                            ? 
_refine.aniso_B[1][3]                            ? 
_refine.aniso_B[2][3]                            ? 
_refine.solvent_model_details                    ? 
_refine.solvent_model_param_ksol                 ? 
_refine.solvent_model_param_bsol                 ? 
_refine.pdbx_solvent_vdw_probe_radii             ? 
_refine.pdbx_solvent_ion_probe_radii             ? 
_refine.pdbx_solvent_shrinkage_radii             ? 
_refine.pdbx_ls_cross_valid_method               ? 
_refine.details                                  ? 
_refine.pdbx_starting_model                      ? 
_refine.pdbx_method_to_determine_struct          ? 
_refine.pdbx_isotropic_thermal_model             ? 
_refine.pdbx_stereochemistry_target_values       ? 
_refine.pdbx_stereochem_target_val_spec_case     ? 
_refine.pdbx_R_Free_selection_details            ? 
_refine.pdbx_overall_ESU_R                       ? 
_refine.pdbx_overall_ESU_R_Free                  ? 
_refine.overall_SU_ML                            ? 
_refine.pdbx_overall_phase_error                 ? 
_refine.overall_SU_B                             ? 
_refine.overall_SU_R_Cruickshank_DPI             ? 
_refine.pdbx_overall_SU_R_free_Cruickshank_DPI   ? 
_refine.pdbx_overall_SU_R_Blow_DPI               ? 
_refine.pdbx_overall_SU_R_free_Blow_DPI          ? 
# 
loop_
_refine_ls_restr.pdbx_refine_id 
_refine_ls_restr.criterion 
_refine_ls_restr.dev_ideal 
_refine_ls_restr.dev_ideal_target 
_refine_ls_restr.number 
_refine_ls_restr.rejects 
_refine_ls_restr.type 
_refine_ls_restr.weight 
_refine_ls_restr.pdbx_restraint_function 
'ELECTRON MICROSCOPY' ? 0.010  ? 1488 ? f_bond_d           ? ? 
'ELECTRON MICROSCOPY' ? 2.595  ? 1968 ? f_angle_d          ? ? 
'ELECTRON MICROSCOPY' ? 15.554 ? 552  ? f_dihedral_angle_d ? ? 
'ELECTRON MICROSCOPY' ? 0.173  ? 96   ? f_chiral_restr     ? ? 
'ELECTRON MICROSCOPY' ? 0.005  ? 312  ? f_plane_restr      ? ? 
# 
_struct.entry_id                     8IY7 
_struct.title                        'Cryo-EM structure of DIP-2I8I fibril polymorph1' 
_struct.pdbx_model_details           ? 
_struct.pdbx_formula_weight          ? 
_struct.pdbx_formula_weight_method   ? 
_struct.pdbx_model_type_details      ? 
_struct.pdbx_CASP_flag               N 
# 
_struct_keywords.entry_id        8IY7 
_struct_keywords.text            'Iodized peptide, PROTEIN FIBRIL' 
_struct_keywords.pdbx_keywords   'PROTEIN FIBRIL' 
# 
loop_
_struct_asym.id 
_struct_asym.pdbx_blank_PDB_chainid_flag 
_struct_asym.pdbx_modified 
_struct_asym.entity_id 
_struct_asym.details 
A N N 1 ? 
B N N 1 ? 
C N N 1 ? 
D N N 1 ? 
E N N 1 ? 
F N N 1 ? 
G N N 1 ? 
H N N 1 ? 
I N N 1 ? 
J N N 1 ? 
K N N 1 ? 
L N N 1 ? 
M N N 1 ? 
N N N 1 ? 
O N N 1 ? 
P N N 1 ? 
Q N N 1 ? 
R N N 1 ? 
S N N 1 ? 
T N N 1 ? 
U N N 1 ? 
V N N 1 ? 
W N N 1 ? 
X N N 1 ? 
# 
_struct_ref.id                         1 
_struct_ref.db_name                    PDB 
_struct_ref.db_code                    8IY7 
_struct_ref.pdbx_db_accession          8IY7 
_struct_ref.pdbx_db_isoform            ? 
_struct_ref.entity_id                  1 
_struct_ref.pdbx_seq_one_letter_code   ? 
_struct_ref.pdbx_align_begin           1 
# 
loop_
_struct_ref_seq.align_id 
_struct_ref_seq.ref_id 
_struct_ref_seq.pdbx_PDB_id_code 
_struct_ref_seq.pdbx_strand_id 
_struct_ref_seq.seq_align_beg 
_struct_ref_seq.pdbx_seq_align_beg_ins_code 
_struct_ref_seq.seq_align_end 
_struct_ref_seq.pdbx_seq_align_end_ins_code 
_struct_ref_seq.pdbx_db_accession 
_struct_ref_seq.db_align_beg 
_struct_ref_seq.pdbx_db_align_beg_ins_code 
_struct_ref_seq.db_align_end 
_struct_ref_seq.pdbx_db_align_end_ins_code 
_struct_ref_seq.pdbx_auth_seq_align_beg 
_struct_ref_seq.pdbx_auth_seq_align_end 
1  1 8IY7 A 1 ? 9 ? 8IY7 22 ? 30 ? 22 30 
2  1 8IY7 B 1 ? 9 ? 8IY7 22 ? 30 ? 22 30 
3  1 8IY7 C 1 ? 9 ? 8IY7 22 ? 30 ? 22 30 
4  1 8IY7 D 1 ? 9 ? 8IY7 22 ? 30 ? 22 30 
5  1 8IY7 E 1 ? 9 ? 8IY7 22 ? 30 ? 22 30 
6  1 8IY7 F 1 ? 9 ? 8IY7 22 ? 30 ? 22 30 
7  1 8IY7 G 1 ? 9 ? 8IY7 22 ? 30 ? 22 30 
8  1 8IY7 J 1 ? 9 ? 8IY7 22 ? 30 ? 22 30 
9  1 8IY7 M 1 ? 9 ? 8IY7 22 ? 30 ? 22 30 
10 1 8IY7 P 1 ? 9 ? 8IY7 22 ? 30 ? 22 30 
11 1 8IY7 S 1 ? 9 ? 8IY7 22 ? 30 ? 22 30 
12 1 8IY7 V 1 ? 9 ? 8IY7 22 ? 30 ? 22 30 
13 1 8IY7 H 1 ? 9 ? 8IY7 22 ? 30 ? 22 30 
14 1 8IY7 K 1 ? 9 ? 8IY7 22 ? 30 ? 22 30 
15 1 8IY7 N 1 ? 9 ? 8IY7 22 ? 30 ? 22 30 
16 1 8IY7 Q 1 ? 9 ? 8IY7 22 ? 30 ? 22 30 
17 1 8IY7 T 1 ? 9 ? 8IY7 22 ? 30 ? 22 30 
18 1 8IY7 W 1 ? 9 ? 8IY7 22 ? 30 ? 22 30 
19 1 8IY7 I 1 ? 9 ? 8IY7 22 ? 30 ? 22 30 
20 1 8IY7 L 1 ? 9 ? 8IY7 22 ? 30 ? 22 30 
21 1 8IY7 O 1 ? 9 ? 8IY7 22 ? 30 ? 22 30 
22 1 8IY7 R 1 ? 9 ? 8IY7 22 ? 30 ? 22 30 
23 1 8IY7 U 1 ? 9 ? 8IY7 22 ? 30 ? 22 30 
24 1 8IY7 X 1 ? 9 ? 8IY7 22 ? 30 ? 22 30 
# 
_pdbx_struct_assembly.id                   1 
_pdbx_struct_assembly.details              author_defined_assembly 
_pdbx_struct_assembly.method_details       ? 
_pdbx_struct_assembly.oligomeric_details   24-meric 
_pdbx_struct_assembly.oligomeric_count     24 
# 
_pdbx_struct_assembly_gen.assembly_id       1 
_pdbx_struct_assembly_gen.oper_expression   1 
_pdbx_struct_assembly_gen.asym_id_list      A,B,C,D,E,F,G,H,I,J,K,L,M,N,O,P,Q,R,S,T,U,V,W,X 
# 
_pdbx_struct_assembly_auth_evidence.id                     1 
_pdbx_struct_assembly_auth_evidence.assembly_id            1 
_pdbx_struct_assembly_auth_evidence.experimental_support   'electron microscopy' 
_pdbx_struct_assembly_auth_evidence.details                ? 
# 
_pdbx_struct_oper_list.id                   1 
_pdbx_struct_oper_list.type                 'identity operation' 
_pdbx_struct_oper_list.name                 1_555 
_pdbx_struct_oper_list.symmetry_operation   ? 
_pdbx_struct_oper_list.matrix[1][1]         1.0000000000 
_pdbx_struct_oper_list.matrix[1][2]         0.0000000000 
_pdbx_struct_oper_list.matrix[1][3]         0.0000000000 
_pdbx_struct_oper_list.vector[1]            0.0000000000 
_pdbx_struct_oper_list.matrix[2][1]         0.0000000000 
_pdbx_struct_oper_list.matrix[2][2]         1.0000000000 
_pdbx_struct_oper_list.matrix[2][3]         0.0000000000 
_pdbx_struct_oper_list.vector[2]            0.0000000000 
_pdbx_struct_oper_list.matrix[3][1]         0.0000000000 
_pdbx_struct_oper_list.matrix[3][2]         0.0000000000 
_pdbx_struct_oper_list.matrix[3][3]         1.0000000000 
_pdbx_struct_oper_list.vector[3]            0.0000000000 
# 
loop_
_struct_conn.id 
_struct_conn.conn_type_id 
_struct_conn.pdbx_leaving_atom_flag 
_struct_conn.pdbx_PDB_id 
_struct_conn.ptnr1_label_asym_id 
_struct_conn.ptnr1_label_comp_id 
_struct_conn.ptnr1_label_seq_id 
_struct_conn.ptnr1_label_atom_id 
_struct_conn.pdbx_ptnr1_label_alt_id 
_struct_conn.pdbx_ptnr1_PDB_ins_code 
_struct_conn.pdbx_ptnr1_standard_comp_id 
_struct_conn.ptnr1_symmetry 
_struct_conn.ptnr2_label_asym_id 
_struct_conn.ptnr2_label_comp_id 
_struct_conn.ptnr2_label_seq_id 
_struct_conn.ptnr2_label_atom_id 
_struct_conn.pdbx_ptnr2_label_alt_id 
_struct_conn.pdbx_ptnr2_PDB_ins_code 
_struct_conn.ptnr1_auth_asym_id 
_struct_conn.ptnr1_auth_comp_id 
_struct_conn.ptnr1_auth_seq_id 
_struct_conn.ptnr2_auth_asym_id 
_struct_conn.ptnr2_auth_comp_id 
_struct_conn.ptnr2_auth_seq_id 
_struct_conn.ptnr2_symmetry 
_struct_conn.pdbx_ptnr3_label_atom_id 
_struct_conn.pdbx_ptnr3_label_seq_id 
_struct_conn.pdbx_ptnr3_label_comp_id 
_struct_conn.pdbx_ptnr3_label_asym_id 
_struct_conn.pdbx_ptnr3_label_alt_id 
_struct_conn.pdbx_ptnr3_PDB_ins_code 
_struct_conn.details 
_struct_conn.pdbx_dist_value 
_struct_conn.pdbx_value_order 
_struct_conn.pdbx_role 
covale1  covale both ? A GLY 1 C ? ? ? 1_555 A PHI 2 N ? ? A GLY 22 A PHI 23 1_555 ? ? ? ? ? ? ? 1.323 ? ? 
covale2  covale both ? A PHI 2 C ? ? ? 1_555 A GLY 3 N ? ? A PHI 23 A GLY 24 1_555 ? ? ? ? ? ? ? 1.329 ? ? 
covale3  covale both ? A GLY 7 C ? ? ? 1_555 A PHI 8 N ? ? A GLY 28 A PHI 29 1_555 ? ? ? ? ? ? ? 1.326 ? ? 
covale4  covale both ? A PHI 8 C ? ? ? 1_555 A GLY 9 N ? ? A PHI 29 A GLY 30 1_555 ? ? ? ? ? ? ? 1.324 ? ? 
covale5  covale both ? B GLY 1 C ? ? ? 1_555 B PHI 2 N ? ? B GLY 22 B PHI 23 1_555 ? ? ? ? ? ? ? 1.318 ? ? 
covale6  covale both ? B PHI 2 C ? ? ? 1_555 B GLY 3 N ? ? B PHI 23 B GLY 24 1_555 ? ? ? ? ? ? ? 1.330 ? ? 
covale7  covale both ? B GLY 7 C ? ? ? 1_555 B PHI 8 N ? ? B GLY 28 B PHI 29 1_555 ? ? ? ? ? ? ? 1.314 ? ? 
covale8  covale both ? B PHI 8 C ? ? ? 1_555 B GLY 9 N ? ? B PHI 29 B GLY 30 1_555 ? ? ? ? ? ? ? 1.321 ? ? 
covale9  covale both ? C GLY 1 C ? ? ? 1_555 C PHI 2 N ? ? C GLY 22 C PHI 23 1_555 ? ? ? ? ? ? ? 1.319 ? ? 
covale10 covale both ? C PHI 2 C ? ? ? 1_555 C GLY 3 N ? ? C PHI 23 C GLY 24 1_555 ? ? ? ? ? ? ? 1.327 ? ? 
covale11 covale both ? C GLY 7 C ? ? ? 1_555 C PHI 8 N ? ? C GLY 28 C PHI 29 1_555 ? ? ? ? ? ? ? 1.320 ? ? 
covale12 covale both ? C PHI 8 C ? ? ? 1_555 C GLY 9 N ? ? C PHI 29 C GLY 30 1_555 ? ? ? ? ? ? ? 1.326 ? ? 
covale13 covale both ? D GLY 1 C ? ? ? 1_555 D PHI 2 N ? ? D GLY 22 D PHI 23 1_555 ? ? ? ? ? ? ? 1.319 ? ? 
covale14 covale both ? D PHI 2 C ? ? ? 1_555 D GLY 3 N ? ? D PHI 23 D GLY 24 1_555 ? ? ? ? ? ? ? 1.325 ? ? 
covale15 covale both ? D GLY 7 C ? ? ? 1_555 D PHI 8 N ? ? D GLY 28 D PHI 29 1_555 ? ? ? ? ? ? ? 1.322 ? ? 
covale16 covale both ? D PHI 8 C ? ? ? 1_555 D GLY 9 N ? ? D PHI 29 D GLY 30 1_555 ? ? ? ? ? ? ? 1.326 ? ? 
covale17 covale both ? E GLY 1 C ? ? ? 1_555 E PHI 2 N ? ? E GLY 22 E PHI 23 1_555 ? ? ? ? ? ? ? 1.328 ? ? 
covale18 covale both ? E PHI 2 C ? ? ? 1_555 E GLY 3 N ? ? E PHI 23 E GLY 24 1_555 ? ? ? ? ? ? ? 1.334 ? ? 
covale19 covale both ? E GLY 7 C ? ? ? 1_555 E PHI 8 N ? ? E GLY 28 E PHI 29 1_555 ? ? ? ? ? ? ? 1.328 ? ? 
covale20 covale both ? E PHI 8 C ? ? ? 1_555 E GLY 9 N ? ? E PHI 29 E GLY 30 1_555 ? ? ? ? ? ? ? 1.318 ? ? 
covale21 covale both ? F GLY 1 C ? ? ? 1_555 F PHI 2 N ? ? F GLY 22 F PHI 23 1_555 ? ? ? ? ? ? ? 1.317 ? ? 
covale22 covale both ? F PHI 2 C ? ? ? 1_555 F GLY 3 N ? ? F PHI 23 F GLY 24 1_555 ? ? ? ? ? ? ? 1.328 ? ? 
covale23 covale both ? F GLY 7 C ? ? ? 1_555 F PHI 8 N ? ? F GLY 28 F PHI 29 1_555 ? ? ? ? ? ? ? 1.319 ? ? 
covale24 covale both ? F PHI 8 C ? ? ? 1_555 F GLY 9 N ? ? F PHI 29 F GLY 30 1_555 ? ? ? ? ? ? ? 1.330 ? ? 
covale25 covale both ? G GLY 1 C ? ? ? 1_555 G PHI 2 N ? ? G GLY 22 G PHI 23 1_555 ? ? ? ? ? ? ? 1.326 ? ? 
covale26 covale both ? G PHI 2 C ? ? ? 1_555 G GLY 3 N ? ? G PHI 23 G GLY 24 1_555 ? ? ? ? ? ? ? 1.327 ? ? 
covale27 covale both ? G GLY 7 C ? ? ? 1_555 G PHI 8 N ? ? G GLY 28 G PHI 29 1_555 ? ? ? ? ? ? ? 1.329 ? ? 
covale28 covale both ? G PHI 8 C ? ? ? 1_555 G GLY 9 N ? ? G PHI 29 G GLY 30 1_555 ? ? ? ? ? ? ? 1.326 ? ? 
covale29 covale both ? H GLY 1 C ? ? ? 1_555 H PHI 2 N ? ? J GLY 22 J PHI 23 1_555 ? ? ? ? ? ? ? 1.324 ? ? 
covale30 covale both ? H PHI 2 C ? ? ? 1_555 H GLY 3 N ? ? J PHI 23 J GLY 24 1_555 ? ? ? ? ? ? ? 1.327 ? ? 
covale31 covale both ? H GLY 7 C ? ? ? 1_555 H PHI 8 N ? ? J GLY 28 J PHI 29 1_555 ? ? ? ? ? ? ? 1.335 ? ? 
covale32 covale both ? H PHI 8 C ? ? ? 1_555 H GLY 9 N ? ? J PHI 29 J GLY 30 1_555 ? ? ? ? ? ? ? 1.320 ? ? 
covale33 covale both ? I GLY 1 C ? ? ? 1_555 I PHI 2 N ? ? M GLY 22 M PHI 23 1_555 ? ? ? ? ? ? ? 1.327 ? ? 
covale34 covale both ? I PHI 2 C ? ? ? 1_555 I GLY 3 N ? ? M PHI 23 M GLY 24 1_555 ? ? ? ? ? ? ? 1.326 ? ? 
covale35 covale both ? I GLY 7 C ? ? ? 1_555 I PHI 8 N ? ? M GLY 28 M PHI 29 1_555 ? ? ? ? ? ? ? 1.330 ? ? 
covale36 covale both ? I PHI 8 C ? ? ? 1_555 I GLY 9 N ? ? M PHI 29 M GLY 30 1_555 ? ? ? ? ? ? ? 1.325 ? ? 
covale37 covale both ? J GLY 1 C ? ? ? 1_555 J PHI 2 N ? ? P GLY 22 P PHI 23 1_555 ? ? ? ? ? ? ? 1.330 ? ? 
covale38 covale both ? J PHI 2 C ? ? ? 1_555 J GLY 3 N ? ? P PHI 23 P GLY 24 1_555 ? ? ? ? ? ? ? 1.326 ? ? 
covale39 covale both ? J GLY 7 C ? ? ? 1_555 J PHI 8 N ? ? P GLY 28 P PHI 29 1_555 ? ? ? ? ? ? ? 1.332 ? ? 
covale40 covale both ? J PHI 8 C ? ? ? 1_555 J GLY 9 N ? ? P PHI 29 P GLY 30 1_555 ? ? ? ? ? ? ? 1.322 ? ? 
covale41 covale both ? K GLY 1 C ? ? ? 1_555 K PHI 2 N ? ? S GLY 22 S PHI 23 1_555 ? ? ? ? ? ? ? 1.329 ? ? 
covale42 covale both ? K PHI 2 C ? ? ? 1_555 K GLY 3 N ? ? S PHI 23 S GLY 24 1_555 ? ? ? ? ? ? ? 1.326 ? ? 
covale43 covale both ? K GLY 7 C ? ? ? 1_555 K PHI 8 N ? ? S GLY 28 S PHI 29 1_555 ? ? ? ? ? ? ? 1.328 ? ? 
covale44 covale both ? K PHI 8 C ? ? ? 1_555 K GLY 9 N ? ? S PHI 29 S GLY 30 1_555 ? ? ? ? ? ? ? 1.327 ? ? 
covale45 covale both ? L GLY 1 C ? ? ? 1_555 L PHI 2 N ? ? V GLY 22 V PHI 23 1_555 ? ? ? ? ? ? ? 1.327 ? ? 
covale46 covale both ? L PHI 2 C ? ? ? 1_555 L GLY 3 N ? ? V PHI 23 V GLY 24 1_555 ? ? ? ? ? ? ? 1.327 ? ? 
covale47 covale both ? L GLY 7 C ? ? ? 1_555 L PHI 8 N ? ? V GLY 28 V PHI 29 1_555 ? ? ? ? ? ? ? 1.327 ? ? 
covale48 covale both ? L PHI 8 C ? ? ? 1_555 L GLY 9 N ? ? V PHI 29 V GLY 30 1_555 ? ? ? ? ? ? ? 1.323 ? ? 
covale49 covale both ? M GLY 1 C ? ? ? 1_555 M PHI 2 N ? ? H GLY 22 H PHI 23 1_555 ? ? ? ? ? ? ? 1.327 ? ? 
covale50 covale both ? M PHI 2 C ? ? ? 1_555 M GLY 3 N ? ? H PHI 23 H GLY 24 1_555 ? ? ? ? ? ? ? 1.329 ? ? 
covale51 covale none ? M PHI 2 I ? ? ? 1_555 M PHI 8 I ? ? H PHI 23 H PHI 29 1_555 ? ? ? ? ? ? ? 3.008 ? ? 
covale52 covale both ? M GLY 7 C ? ? ? 1_555 M PHI 8 N ? ? H GLY 28 H PHI 29 1_555 ? ? ? ? ? ? ? 1.322 ? ? 
covale53 covale both ? M PHI 8 C ? ? ? 1_555 M GLY 9 N ? ? H PHI 29 H GLY 30 1_555 ? ? ? ? ? ? ? 1.323 ? ? 
covale54 covale both ? N GLY 1 C ? ? ? 1_555 N PHI 2 N ? ? K GLY 22 K PHI 23 1_555 ? ? ? ? ? ? ? 1.326 ? ? 
covale55 covale both ? N PHI 2 C ? ? ? 1_555 N GLY 3 N ? ? K PHI 23 K GLY 24 1_555 ? ? ? ? ? ? ? 1.326 ? ? 
covale56 covale both ? N GLY 7 C ? ? ? 1_555 N PHI 8 N ? ? K GLY 28 K PHI 29 1_555 ? ? ? ? ? ? ? 1.323 ? ? 
covale57 covale both ? N PHI 8 C ? ? ? 1_555 N GLY 9 N ? ? K PHI 29 K GLY 30 1_555 ? ? ? ? ? ? ? 1.323 ? ? 
covale58 covale both ? O GLY 1 C ? ? ? 1_555 O PHI 2 N ? ? N GLY 22 N PHI 23 1_555 ? ? ? ? ? ? ? 1.326 ? ? 
covale59 covale both ? O PHI 2 C ? ? ? 1_555 O GLY 3 N ? ? N PHI 23 N GLY 24 1_555 ? ? ? ? ? ? ? 1.329 ? ? 
covale60 covale both ? O GLY 7 C ? ? ? 1_555 O PHI 8 N ? ? N GLY 28 N PHI 29 1_555 ? ? ? ? ? ? ? 1.330 ? ? 
covale61 covale both ? O PHI 8 C ? ? ? 1_555 O GLY 9 N ? ? N PHI 29 N GLY 30 1_555 ? ? ? ? ? ? ? 1.325 ? ? 
covale62 covale both ? P GLY 1 C ? ? ? 1_555 P PHI 2 N ? ? Q GLY 22 Q PHI 23 1_555 ? ? ? ? ? ? ? 1.330 ? ? 
covale63 covale both ? P PHI 2 C ? ? ? 1_555 P GLY 3 N ? ? Q PHI 23 Q GLY 24 1_555 ? ? ? ? ? ? ? 1.329 ? ? 
covale64 covale both ? P GLY 7 C ? ? ? 1_555 P PHI 8 N ? ? Q GLY 28 Q PHI 29 1_555 ? ? ? ? ? ? ? 1.337 ? ? 
covale65 covale both ? P PHI 8 C ? ? ? 1_555 P GLY 9 N ? ? Q PHI 29 Q GLY 30 1_555 ? ? ? ? ? ? ? 1.323 ? ? 
covale66 covale both ? Q GLY 1 C ? ? ? 1_555 Q PHI 2 N ? ? T GLY 22 T PHI 23 1_555 ? ? ? ? ? ? ? 1.331 ? ? 
covale67 covale both ? Q PHI 2 C ? ? ? 1_555 Q GLY 3 N ? ? T PHI 23 T GLY 24 1_555 ? ? ? ? ? ? ? 1.331 ? ? 
covale68 covale both ? Q GLY 7 C ? ? ? 1_555 Q PHI 8 N ? ? T GLY 28 T PHI 29 1_555 ? ? ? ? ? ? ? 1.331 ? ? 
covale69 covale both ? Q PHI 8 C ? ? ? 1_555 Q GLY 9 N ? ? T PHI 29 T GLY 30 1_555 ? ? ? ? ? ? ? 1.324 ? ? 
covale70 covale both ? R GLY 1 C ? ? ? 1_555 R PHI 2 N ? ? W GLY 22 W PHI 23 1_555 ? ? ? ? ? ? ? 1.326 ? ? 
covale71 covale both ? R PHI 2 C ? ? ? 1_555 R GLY 3 N ? ? W PHI 23 W GLY 24 1_555 ? ? ? ? ? ? ? 1.327 ? ? 
covale72 covale both ? R GLY 7 C ? ? ? 1_555 R PHI 8 N ? ? W GLY 28 W PHI 29 1_555 ? ? ? ? ? ? ? 1.325 ? ? 
covale73 covale both ? R PHI 8 C ? ? ? 1_555 R GLY 9 N ? ? W PHI 29 W GLY 30 1_555 ? ? ? ? ? ? ? 1.329 ? ? 
covale74 covale both ? S GLY 1 C ? ? ? 1_555 S PHI 2 N ? ? I GLY 22 I PHI 23 1_555 ? ? ? ? ? ? ? 1.327 ? ? 
covale75 covale both ? S PHI 2 C ? ? ? 1_555 S GLY 3 N ? ? I PHI 23 I GLY 24 1_555 ? ? ? ? ? ? ? 1.330 ? ? 
covale76 covale both ? S GLY 7 C ? ? ? 1_555 S PHI 8 N ? ? I GLY 28 I PHI 29 1_555 ? ? ? ? ? ? ? 1.329 ? ? 
covale77 covale both ? S PHI 8 C ? ? ? 1_555 S GLY 9 N ? ? I PHI 29 I GLY 30 1_555 ? ? ? ? ? ? ? 1.329 ? ? 
covale78 covale both ? T GLY 1 C ? ? ? 1_555 T PHI 2 N ? ? L GLY 22 L PHI 23 1_555 ? ? ? ? ? ? ? 1.319 ? ? 
covale79 covale both ? T PHI 2 C ? ? ? 1_555 T GLY 3 N ? ? L PHI 23 L GLY 24 1_555 ? ? ? ? ? ? ? 1.318 ? ? 
covale80 covale both ? T GLY 7 C ? ? ? 1_555 T PHI 8 N ? ? L GLY 28 L PHI 29 1_555 ? ? ? ? ? ? ? 1.329 ? ? 
covale81 covale both ? T PHI 8 C ? ? ? 1_555 T GLY 9 N ? ? L PHI 29 L GLY 30 1_555 ? ? ? ? ? ? ? 1.326 ? ? 
covale82 covale both ? U GLY 1 C ? ? ? 1_555 U PHI 2 N ? ? O GLY 22 O PHI 23 1_555 ? ? ? ? ? ? ? 1.327 ? ? 
covale83 covale both ? U PHI 2 C ? ? ? 1_555 U GLY 3 N ? ? O PHI 23 O GLY 24 1_555 ? ? ? ? ? ? ? 1.333 ? ? 
covale84 covale both ? U GLY 7 C ? ? ? 1_555 U PHI 8 N ? ? O GLY 28 O PHI 29 1_555 ? ? ? ? ? ? ? 1.321 ? ? 
covale85 covale both ? U PHI 8 C ? ? ? 1_555 U GLY 9 N ? ? O PHI 29 O GLY 30 1_555 ? ? ? ? ? ? ? 1.324 ? ? 
covale86 covale both ? V GLY 1 C ? ? ? 1_555 V PHI 2 N ? ? R GLY 22 R PHI 23 1_555 ? ? ? ? ? ? ? 1.325 ? ? 
covale87 covale both ? V PHI 2 C ? ? ? 1_555 V GLY 3 N ? ? R PHI 23 R GLY 24 1_555 ? ? ? ? ? ? ? 1.330 ? ? 
covale88 covale both ? V GLY 7 C ? ? ? 1_555 V PHI 8 N ? ? R GLY 28 R PHI 29 1_555 ? ? ? ? ? ? ? 1.332 ? ? 
covale89 covale both ? V PHI 8 C ? ? ? 1_555 V GLY 9 N ? ? R PHI 29 R GLY 30 1_555 ? ? ? ? ? ? ? 1.329 ? ? 
covale90 covale both ? W GLY 1 C ? ? ? 1_555 W PHI 2 N ? ? U GLY 22 U PHI 23 1_555 ? ? ? ? ? ? ? 1.323 ? ? 
covale91 covale both ? W PHI 2 C ? ? ? 1_555 W GLY 3 N ? ? U PHI 23 U GLY 24 1_555 ? ? ? ? ? ? ? 1.332 ? ? 
covale92 covale both ? W GLY 7 C ? ? ? 1_555 W PHI 8 N ? ? U GLY 28 U PHI 29 1_555 ? ? ? ? ? ? ? 1.326 ? ? 
covale93 covale both ? W PHI 8 C ? ? ? 1_555 W GLY 9 N ? ? U PHI 29 U GLY 30 1_555 ? ? ? ? ? ? ? 1.328 ? ? 
covale94 covale both ? X GLY 1 C ? ? ? 1_555 X PHI 2 N ? ? X GLY 22 X PHI 23 1_555 ? ? ? ? ? ? ? 1.322 ? ? 
covale95 covale both ? X PHI 2 C ? ? ? 1_555 X GLY 3 N ? ? X PHI 23 X GLY 24 1_555 ? ? ? ? ? ? ? 1.329 ? ? 
covale96 covale both ? X GLY 7 C ? ? ? 1_555 X PHI 8 N ? ? X GLY 28 X PHI 29 1_555 ? ? ? ? ? ? ? 1.324 ? ? 
covale97 covale both ? X PHI 8 C ? ? ? 1_555 X GLY 9 N ? ? X PHI 29 X GLY 30 1_555 ? ? ? ? ? ? ? 1.323 ? ? 
# 
_struct_conn_type.id          covale 
_struct_conn_type.criteria    ? 
_struct_conn_type.reference   ? 
# 
_pdbx_validate_close_contact.id               1 
_pdbx_validate_close_contact.PDB_model_num    1 
_pdbx_validate_close_contact.auth_atom_id_1   I 
_pdbx_validate_close_contact.auth_asym_id_1   I 
_pdbx_validate_close_contact.auth_comp_id_1   PHI 
_pdbx_validate_close_contact.auth_seq_id_1    23 
_pdbx_validate_close_contact.PDB_ins_code_1   ? 
_pdbx_validate_close_contact.label_alt_id_1   ? 
_pdbx_validate_close_contact.auth_atom_id_2   I 
_pdbx_validate_close_contact.auth_asym_id_2   I 
_pdbx_validate_close_contact.auth_comp_id_2   PHI 
_pdbx_validate_close_contact.auth_seq_id_2    29 
_pdbx_validate_close_contact.PDB_ins_code_2   ? 
_pdbx_validate_close_contact.label_alt_id_2   ? 
_pdbx_validate_close_contact.dist             1.94 
# 
loop_
_pdbx_validate_rmsd_angle.id 
_pdbx_validate_rmsd_angle.PDB_model_num 
_pdbx_validate_rmsd_angle.auth_atom_id_1 
_pdbx_validate_rmsd_angle.auth_asym_id_1 
_pdbx_validate_rmsd_angle.auth_comp_id_1 
_pdbx_validate_rmsd_angle.auth_seq_id_1 
_pdbx_validate_rmsd_angle.PDB_ins_code_1 
_pdbx_validate_rmsd_angle.label_alt_id_1 
_pdbx_validate_rmsd_angle.auth_atom_id_2 
_pdbx_validate_rmsd_angle.auth_asym_id_2 
_pdbx_validate_rmsd_angle.auth_comp_id_2 
_pdbx_validate_rmsd_angle.auth_seq_id_2 
_pdbx_validate_rmsd_angle.PDB_ins_code_2 
_pdbx_validate_rmsd_angle.label_alt_id_2 
_pdbx_validate_rmsd_angle.auth_atom_id_3 
_pdbx_validate_rmsd_angle.auth_asym_id_3 
_pdbx_validate_rmsd_angle.auth_comp_id_3 
_pdbx_validate_rmsd_angle.auth_seq_id_3 
_pdbx_validate_rmsd_angle.PDB_ins_code_3 
_pdbx_validate_rmsd_angle.label_alt_id_3 
_pdbx_validate_rmsd_angle.angle_value 
_pdbx_validate_rmsd_angle.angle_target_value 
_pdbx_validate_rmsd_angle.angle_deviation 
_pdbx_validate_rmsd_angle.angle_standard_deviation 
_pdbx_validate_rmsd_angle.linker_flag 
1  1 N  C GLY 24 ? ? CA C GLY 24 ? ? C  C GLY 24 ? ? 133.47 113.10 20.37  2.50 N 
2  1 N  C ASN 25 ? ? CA C ASN 25 ? ? CB C ASN 25 ? ? 131.61 110.60 21.01  1.80 N 
3  1 N  C ASN 25 ? ? CA C ASN 25 ? ? C  C ASN 25 ? ? 91.25  111.00 -19.75 2.70 N 
4  1 N  F ASN 25 ? ? CA F ASN 25 ? ? C  F ASN 25 ? ? 127.89 111.00 16.89  2.70 N 
5  1 N  G GLY 24 ? ? CA G GLY 24 ? ? C  G GLY 24 ? ? 135.90 113.10 22.80  2.50 N 
6  1 CB G ASN 25 ? ? CA G ASN 25 ? ? C  G ASN 25 ? ? 135.08 110.40 24.68  2.00 N 
7  1 N  G GLY 26 ? ? CA G GLY 26 ? ? C  G GLY 26 ? ? 97.80  113.10 -15.30 2.50 N 
8  1 N  M GLY 24 ? ? CA M GLY 24 ? ? C  M GLY 24 ? ? 146.11 113.10 33.01  2.50 N 
9  1 N  M ASN 25 ? ? CA M ASN 25 ? ? CB M ASN 25 ? ? 130.84 110.60 20.24  1.80 N 
10 1 N  M ASN 25 ? ? CA M ASN 25 ? ? C  M ASN 25 ? ? 90.21  111.00 -20.79 2.70 N 
11 1 N  P GLY 24 ? ? CA P GLY 24 ? ? C  P GLY 24 ? ? 151.80 113.10 38.70  2.50 N 
12 1 N  P ASN 25 ? ? CA P ASN 25 ? ? CB P ASN 25 ? ? 124.52 110.60 13.92  1.80 N 
13 1 N  V GLY 24 ? ? CA V GLY 24 ? ? C  V GLY 24 ? ? 130.57 113.10 17.47  2.50 N 
14 1 N  H GLY 24 ? ? CA H GLY 24 ? ? C  H GLY 24 ? ? 93.63  113.10 -19.47 2.50 N 
15 1 N  K ASN 25 ? ? CA K ASN 25 ? ? C  K ASN 25 ? ? 127.39 111.00 16.39  2.70 N 
16 1 N  N GLY 24 ? ? CA N GLY 24 ? ? C  N GLY 24 ? ? 143.43 113.10 30.33  2.50 N 
17 1 N  N ASN 25 ? ? CA N ASN 25 ? ? CB N ASN 25 ? ? 133.55 110.60 22.95  1.80 N 
18 1 N  N ASN 25 ? ? CA N ASN 25 ? ? C  N ASN 25 ? ? 72.98  111.00 -38.02 2.70 N 
19 1 N  N GLY 26 ? ? CA N GLY 26 ? ? C  N GLY 26 ? ? 129.49 113.10 16.39  2.50 N 
20 1 N  Q GLY 24 ? ? CA Q GLY 24 ? ? C  Q GLY 24 ? ? 150.79 113.10 37.69  2.50 N 
21 1 N  T GLY 28 ? ? CA T GLY 28 ? ? C  T GLY 28 ? ? 91.87  113.10 -21.23 2.50 N 
22 1 N  W GLY 24 ? ? CA W GLY 24 ? ? C  W GLY 24 ? ? 142.71 113.10 29.61  2.50 N 
23 1 N  I GLY 24 ? ? CA I GLY 24 ? ? C  I GLY 24 ? ? 97.05  113.10 -16.05 2.50 N 
24 1 N  I GLY 30 ? ? CA I GLY 30 ? ? C  I GLY 30 ? ? 90.72  113.10 -22.38 2.50 N 
25 1 N  O ASN 25 ? ? CA O ASN 25 ? ? CB O ASN 25 ? ? 99.68  110.60 -10.92 1.80 N 
26 1 N  O ASN 25 ? ? CA O ASN 25 ? ? C  O ASN 25 ? ? 130.87 111.00 19.87  2.70 N 
27 1 N  X GLY 24 ? ? CA X GLY 24 ? ? C  X GLY 24 ? ? 141.39 113.10 28.29  2.50 N 
28 1 N  X ASN 25 ? ? CA X ASN 25 ? ? CB X ASN 25 ? ? 127.42 110.60 16.82  1.80 N 
29 1 N  X ASN 25 ? ? CA X ASN 25 ? ? C  X ASN 25 ? ? 94.56  111.00 -16.44 2.70 N 
# 
loop_
_pdbx_validate_torsion.id 
_pdbx_validate_torsion.PDB_model_num 
_pdbx_validate_torsion.auth_comp_id 
_pdbx_validate_torsion.auth_asym_id 
_pdbx_validate_torsion.auth_seq_id 
_pdbx_validate_torsion.PDB_ins_code 
_pdbx_validate_torsion.label_alt_id 
_pdbx_validate_torsion.phi 
_pdbx_validate_torsion.psi 
1 1 ASN C 25 ? ? -174.03 -171.03 
2 1 ASN G 25 ? ? -106.13 -78.77  
3 1 PHI S 23 ? ? 176.68  174.73  
4 1 PHI V 23 ? ? -172.96 136.85  
5 1 ASN V 27 ? ? -164.86 98.52   
6 1 ASN N 25 ? ? -173.81 -175.37 
7 1 ASN O 27 ? ? -160.44 -163.65 
8 1 ASN R 27 ? ? -140.95 53.60   
9 1 ASN X 25 ? ? -161.82 -162.95 
# 
_pdbx_entry_details.entry_id                 8IY7 
_pdbx_entry_details.nonpolymer_details       ? 
_pdbx_entry_details.sequence_details         ? 
_pdbx_entry_details.compound_details         ? 
_pdbx_entry_details.source_details           ? 
_pdbx_entry_details.has_ligand_of_interest   Y 
# 
_em_3d_fitting.id                1 
_em_3d_fitting.entry_id          8IY7 
_em_3d_fitting.method            ? 
_em_3d_fitting.target_criteria   ? 
_em_3d_fitting.details           ? 
_em_3d_fitting.overall_b_value   ? 
_em_3d_fitting.ref_space         ? 
_em_3d_fitting.ref_protocol      ? 
# 
_em_3d_reconstruction.entry_id                    8IY7 
_em_3d_reconstruction.id                          1 
_em_3d_reconstruction.method                      ? 
_em_3d_reconstruction.algorithm                   ? 
_em_3d_reconstruction.citation_id                 ? 
_em_3d_reconstruction.details                     ? 
_em_3d_reconstruction.resolution                  3.71 
_em_3d_reconstruction.resolution_method           'FSC 0.143 CUT-OFF' 
_em_3d_reconstruction.magnification_calibration   ? 
_em_3d_reconstruction.nominal_pixel_size          ? 
_em_3d_reconstruction.actual_pixel_size           ? 
_em_3d_reconstruction.num_particles               13423 
_em_3d_reconstruction.euler_angles_details        ? 
_em_3d_reconstruction.num_class_averages          ? 
_em_3d_reconstruction.refinement_type             ? 
_em_3d_reconstruction.image_processing_id         1 
_em_3d_reconstruction.symmetry_type               HELICAL 
# 
_em_buffer.id            1 
_em_buffer.specimen_id   1 
_em_buffer.name          ? 
_em_buffer.details       ? 
_em_buffer.pH            7.0 
# 
_em_entity_assembly.id                   1 
_em_entity_assembly.parent_id            0 
_em_entity_assembly.source               RECOMBINANT 
_em_entity_assembly.type                 COMPLEX 
_em_entity_assembly.name                 'Cryo-EM structure of DIP-2I8I fibril polymorph1' 
_em_entity_assembly.details              ? 
_em_entity_assembly.synonym              ? 
_em_entity_assembly.oligomeric_details   ? 
_em_entity_assembly.entity_id_list       1 
# 
_em_imaging.entry_id                        8IY7 
_em_imaging.id                              1 
_em_imaging.astigmatism                     ? 
_em_imaging.electron_beam_tilt_params       ? 
_em_imaging.residual_tilt                   ? 
_em_imaging.microscope_model                'FEI TITAN KRIOS' 
_em_imaging.specimen_holder_type            ? 
_em_imaging.specimen_holder_model           ? 
_em_imaging.details                         ? 
_em_imaging.date                            ? 
_em_imaging.accelerating_voltage            300 
_em_imaging.illumination_mode               'FLOOD BEAM' 
_em_imaging.mode                            'BRIGHT FIELD' 
_em_imaging.nominal_cs                      ? 
_em_imaging.nominal_defocus_min             1000 
_em_imaging.nominal_defocus_max             2000 
_em_imaging.calibrated_defocus_min          ? 
_em_imaging.calibrated_defocus_max          ? 
_em_imaging.tilt_angle_min                  ? 
_em_imaging.tilt_angle_max                  ? 
_em_imaging.nominal_magnification           ? 
_em_imaging.calibrated_magnification        ? 
_em_imaging.electron_source                 'FIELD EMISSION GUN' 
_em_imaging.citation_id                     ? 
_em_imaging.temperature                     ? 
_em_imaging.detector_distance               ? 
_em_imaging.recording_temperature_minimum   ? 
_em_imaging.recording_temperature_maximum   ? 
_em_imaging.alignment_procedure             ? 
_em_imaging.c2_aperture_diameter            ? 
_em_imaging.specimen_id                     1 
_em_imaging.cryogen                         ? 
# 
_em_vitrification.entry_id              8IY7 
_em_vitrification.id                    1 
_em_vitrification.specimen_id           1 
_em_vitrification.cryogen_name          ETHANE 
_em_vitrification.humidity              ? 
_em_vitrification.temp                  ? 
_em_vitrification.chamber_temperature   ? 
_em_vitrification.instrument            ? 
_em_vitrification.method                ? 
_em_vitrification.time_resolved_state   ? 
_em_vitrification.citation_id           ? 
_em_vitrification.details               ? 
# 
_em_experiment.entry_id                8IY7 
_em_experiment.id                      1 
_em_experiment.reconstruction_method   HELICAL 
_em_experiment.aggregation_state       FILAMENT 
_em_experiment.entity_assembly_id      1 
# 
loop_
_chem_comp_atom.comp_id 
_chem_comp_atom.atom_id 
_chem_comp_atom.type_symbol 
_chem_comp_atom.pdbx_aromatic_flag 
_chem_comp_atom.pdbx_stereo_config 
_chem_comp_atom.pdbx_ordinal 
ASN N    N N N 1  
ASN CA   C N S 2  
ASN C    C N N 3  
ASN O    O N N 4  
ASN CB   C N N 5  
ASN CG   C N N 6  
ASN OD1  O N N 7  
ASN ND2  N N N 8  
ASN OXT  O N N 9  
ASN H    H N N 10 
ASN H2   H N N 11 
ASN HA   H N N 12 
ASN HB2  H N N 13 
ASN HB3  H N N 14 
ASN HD21 H N N 15 
ASN HD22 H N N 16 
ASN HXT  H N N 17 
GLY N    N N N 18 
GLY CA   C N N 19 
GLY C    C N N 20 
GLY O    O N N 21 
GLY OXT  O N N 22 
GLY H    H N N 23 
GLY H2   H N N 24 
GLY HA2  H N N 25 
GLY HA3  H N N 26 
GLY HXT  H N N 27 
PHI N    N N N 28 
PHI CA   C N S 29 
PHI CB   C N N 30 
PHI CG   C Y N 31 
PHI CD1  C Y N 32 
PHI CD2  C Y N 33 
PHI CE1  C Y N 34 
PHI CE2  C Y N 35 
PHI CZ   C Y N 36 
PHI I    I N N 37 
PHI C    C N N 38 
PHI O    O N N 39 
PHI OXT  O N N 40 
PHI H    H N N 41 
PHI H2   H N N 42 
PHI HA   H N N 43 
PHI HB2  H N N 44 
PHI HB3  H N N 45 
PHI HD1  H N N 46 
PHI HD2  H N N 47 
PHI HE1  H N N 48 
PHI HE2  H N N 49 
PHI HXT  H N N 50 
# 
loop_
_chem_comp_bond.comp_id 
_chem_comp_bond.atom_id_1 
_chem_comp_bond.atom_id_2 
_chem_comp_bond.value_order 
_chem_comp_bond.pdbx_aromatic_flag 
_chem_comp_bond.pdbx_stereo_config 
_chem_comp_bond.pdbx_ordinal 
ASN N   CA   sing N N 1  
ASN N   H    sing N N 2  
ASN N   H2   sing N N 3  
ASN CA  C    sing N N 4  
ASN CA  CB   sing N N 5  
ASN CA  HA   sing N N 6  
ASN C   O    doub N N 7  
ASN C   OXT  sing N N 8  
ASN CB  CG   sing N N 9  
ASN CB  HB2  sing N N 10 
ASN CB  HB3  sing N N 11 
ASN CG  OD1  doub N N 12 
ASN CG  ND2  sing N N 13 
ASN ND2 HD21 sing N N 14 
ASN ND2 HD22 sing N N 15 
ASN OXT HXT  sing N N 16 
GLY N   CA   sing N N 17 
GLY N   H    sing N N 18 
GLY N   H2   sing N N 19 
GLY CA  C    sing N N 20 
GLY CA  HA2  sing N N 21 
GLY CA  HA3  sing N N 22 
GLY C   O    doub N N 23 
GLY C   OXT  sing N N 24 
GLY OXT HXT  sing N N 25 
PHI N   CA   sing N N 26 
PHI N   H    sing N N 27 
PHI N   H2   sing N N 28 
PHI CA  CB   sing N N 29 
PHI CA  C    sing N N 30 
PHI CA  HA   sing N N 31 
PHI CB  CG   sing N N 32 
PHI CB  HB2  sing N N 33 
PHI CB  HB3  sing N N 34 
PHI CG  CD1  doub Y N 35 
PHI CG  CD2  sing Y N 36 
PHI CD1 CE1  sing Y N 37 
PHI CD1 HD1  sing N N 38 
PHI CD2 CE2  doub Y N 39 
PHI CD2 HD2  sing N N 40 
PHI CE1 CZ   doub Y N 41 
PHI CE1 HE1  sing N N 42 
PHI CE2 CZ   sing Y N 43 
PHI CE2 HE2  sing N N 44 
PHI CZ  I    sing N N 45 
PHI C   O    doub N N 46 
PHI C   OXT  sing N N 47 
PHI OXT HXT  sing N N 48 
# 
_em_ctf_correction.details                  ? 
_em_ctf_correction.em_image_processing_id   1 
_em_ctf_correction.id                       1 
_em_ctf_correction.type                     NONE 
# 
_em_entity_assembly_naturalsource.cell                 ? 
_em_entity_assembly_naturalsource.cellular_location    ? 
_em_entity_assembly_naturalsource.entity_assembly_id   1 
_em_entity_assembly_naturalsource.id                   2 
_em_entity_assembly_naturalsource.ncbi_tax_id          9606 
_em_entity_assembly_naturalsource.organism             'Homo sapiens' 
_em_entity_assembly_naturalsource.organelle            ? 
_em_entity_assembly_naturalsource.organ                ? 
_em_entity_assembly_naturalsource.strain               ? 
_em_entity_assembly_naturalsource.tissue               ? 
# 
_em_entity_assembly_recombinant.cell                 ? 
_em_entity_assembly_recombinant.entity_assembly_id   1 
_em_entity_assembly_recombinant.id                   2 
_em_entity_assembly_recombinant.ncbi_tax_id          9606 
_em_entity_assembly_recombinant.organism             'Homo sapiens' 
_em_entity_assembly_recombinant.plasmid              ? 
_em_entity_assembly_recombinant.strain               ? 
# 
_em_helical_entity.id                             1 
_em_helical_entity.image_processing_id            1 
_em_helical_entity.details                        ? 
_em_helical_entity.axial_symmetry                 C1 
_em_helical_entity.angular_rotation_per_subunit   -1.24 
_em_helical_entity.axial_rise_per_subunit         4.83 
# 
_em_image_processing.details              ? 
_em_image_processing.id                   1 
_em_image_processing.image_recording_id   1 
# 
_em_image_recording.average_exposure_time               ? 
_em_image_recording.avg_electron_dose_per_subtomogram   ? 
_em_image_recording.avg_electron_dose_per_image         60 
_em_image_recording.details                             ? 
_em_image_recording.detector_mode                       ? 
_em_image_recording.film_or_detector_model              'GATAN K3 BIOQUANTUM (6k x 4k)' 
_em_image_recording.id                                  1 
_em_image_recording.imaging_id                          1 
_em_image_recording.num_diffraction_images              ? 
_em_image_recording.num_grids_imaged                    ? 
_em_image_recording.num_real_images                     ? 
# 
loop_
_em_software.category 
_em_software.details 
_em_software.id 
_em_software.image_processing_id 
_em_software.fitting_id 
_em_software.imaging_id 
_em_software.name 
_em_software.version 
'MODEL REFINEMENT'              ? 1  ? ? ? PHENIX 1.15.2_3472: 
'IMAGE ACQUISITION'             ? 2  1 1 1 ?      ?            
'PARTICLE SELECTION'            ? 3  1 1 1 ?      ?            
'VOLUME SELECTION'              ? 4  1 1 1 ?      ?            
CLASSIFICATION                  ? 5  1 1 1 ?      ?            
MASKING                         ? 6  1 1 1 ?      ?            
RECONSTRUCTION                  ? 7  1 1 1 ?      ?            
'INITIAL EULER ASSIGNMENT'      ? 8  1 1 1 ?      ?            
'FINAL EULER ASSIGNMENT'        ? 9  1 1 1 ?      ?            
'CTF CORRECTION'                ? 10 1 1 1 ?      ?            
'LAYERLINE INDEXING'            ? 11 1 1 1 ?      ?            
'DIFFRACTION INDEXING'          ? 12 1 1 1 ?      ?            
'MODEL FITTING'                 ? 13 1 1 1 ?      ?            
'SERIES ALIGNMENT'              ? 14 1 1 1 ?      ?            
'MOLECULAR REPLACEMENT'         ? 15 1 1 1 ?      ?            
'LATTICE DISTORTION CORRECTION' ? 16 1 1 1 ?      ?            
'SYMMETRY DETERMINATION'        ? 17 1 1 1 ?      ?            
'CRYSTALLOGRAPHY MERGING'       ? 18 1 1 1 ?      ?            
OTHER                           ? 19 1 1 1 ?      ?            
# 
_em_specimen.concentration           ? 
_em_specimen.details                 ? 
_em_specimen.embedding_applied       NO 
_em_specimen.experiment_id           1 
_em_specimen.id                      1 
_em_specimen.shadowing_applied       NO 
_em_specimen.staining_applied        NO 
_em_specimen.vitrification_applied   YES 
# 
_pdbx_audit_support.funding_organization   'Not funded' 
_pdbx_audit_support.country                ? 
_pdbx_audit_support.grant_number           ? 
_pdbx_audit_support.ordinal                1 
# 
_pdbx_entity_instance_feature.ordinal        1 
_pdbx_entity_instance_feature.comp_id        PHI 
_pdbx_entity_instance_feature.asym_id        ? 
_pdbx_entity_instance_feature.seq_num        ? 
_pdbx_entity_instance_feature.auth_comp_id   PHI 
_pdbx_entity_instance_feature.auth_asym_id   ? 
_pdbx_entity_instance_feature.auth_seq_num   ? 
_pdbx_entity_instance_feature.feature_type   'SUBJECT OF INVESTIGATION' 
_pdbx_entity_instance_feature.details        ? 
# 
_atom_sites.entry_id                    8IY7 
_atom_sites.Cartn_transf_matrix[1][1]   ? 
_atom_sites.Cartn_transf_matrix[1][2]   ? 
_atom_sites.Cartn_transf_matrix[1][3]   ? 
_atom_sites.Cartn_transf_matrix[2][1]   ? 
_atom_sites.Cartn_transf_matrix[2][2]   ? 
_atom_sites.Cartn_transf_matrix[2][3]   ? 
_atom_sites.Cartn_transf_matrix[3][1]   ? 
_atom_sites.Cartn_transf_matrix[3][2]   ? 
_atom_sites.Cartn_transf_matrix[3][3]   ? 
_atom_sites.Cartn_transf_vector[1]      ? 
_atom_sites.Cartn_transf_vector[2]      ? 
_atom_sites.Cartn_transf_vector[3]      ? 
_atom_sites.fract_transf_matrix[1][1]   1.000000 
_atom_sites.fract_transf_matrix[1][2]   0.000000 
_atom_sites.fract_transf_matrix[1][3]   0.000000 
_atom_sites.fract_transf_matrix[2][1]   0.000000 
_atom_sites.fract_transf_matrix[2][2]   1.000000 
_atom_sites.fract_transf_matrix[2][3]   0.000000 
_atom_sites.fract_transf_matrix[3][1]   0.000000 
_atom_sites.fract_transf_matrix[3][2]   0.000000 
_atom_sites.fract_transf_matrix[3][3]   1.000000 
_atom_sites.fract_transf_vector[1]      0.00000 
_atom_sites.fract_transf_vector[2]      0.00000 
_atom_sites.fract_transf_vector[3]      0.00000 
_atom_sites.solution_primary            ? 
_atom_sites.solution_secondary          ? 
_atom_sites.solution_hydrogens          ? 
_atom_sites.special_details             ? 
# 
loop_
_atom_type.symbol 
C 
I 
N 
O 
# 
loop_
_atom_site.group_PDB 
_atom_site.id 
_atom_site.type_symbol 
_atom_site.label_atom_id 
_atom_site.label_alt_id 
_atom_site.label_comp_id 
_atom_site.label_asym_id 
_atom_site.label_entity_id 
_atom_site.label_seq_id 
_atom_site.pdbx_PDB_ins_code 
_atom_site.Cartn_x 
_atom_site.Cartn_y 
_atom_site.Cartn_z 
_atom_site.occupancy 
_atom_site.B_iso_or_equiv 
_atom_site.pdbx_formal_charge 
_atom_site.auth_seq_id 
_atom_site.auth_comp_id 
_atom_site.auth_asym_id 
_atom_site.auth_atom_id 
_atom_site.pdbx_PDB_model_num 
ATOM   1    N N   . GLY A 1 1 ? 27.078  4.820   8.912   1.00 63.23  ? 22 GLY A N   1 
ATOM   2    C CA  . GLY A 1 1 ? 27.967  3.956   8.157   1.00 63.23  ? 22 GLY A CA  1 
ATOM   3    C C   . GLY A 1 1 ? 27.264  3.081   7.138   1.00 63.23  ? 22 GLY A C   1 
ATOM   4    O O   . GLY A 1 1 ? 27.879  2.265   6.453   1.00 63.23  ? 22 GLY A O   1 
HETATM 5    N N   . PHI A 1 2 ? 25.955  3.247   7.055   1.00 65.64  ? 23 PHI A N   1 
HETATM 6    C CA  . PHI A 1 2 ? 25.174  2.582   6.053   1.00 65.64  ? 23 PHI A CA  1 
HETATM 7    C CB  . PHI A 1 2 ? 24.402  1.313   6.484   1.00 65.64  ? 23 PHI A CB  1 
HETATM 8    C CG  . PHI A 1 2 ? 24.772  0.573   7.729   1.00 65.64  ? 23 PHI A CG  1 
HETATM 9    C CD1 . PHI A 1 2 ? 24.896  -0.823  7.708   1.00 65.64  ? 23 PHI A CD1 1 
HETATM 10   C CD2 . PHI A 1 2 ? 24.946  1.235   8.942   1.00 65.64  ? 23 PHI A CD2 1 
HETATM 11   C CE1 . PHI A 1 2 ? 25.215  -1.528  8.863   1.00 65.64  ? 23 PHI A CE1 1 
HETATM 12   C CE2 . PHI A 1 2 ? 25.281  0.535   10.088  1.00 65.64  ? 23 PHI A CE2 1 
HETATM 13   C CZ  . PHI A 1 2 ? 25.408  -0.843  10.058  1.00 65.64  ? 23 PHI A CZ  1 
HETATM 14   I I   . PHI A 1 2 ? 25.880  -1.808  11.762  1.00 65.64  ? 23 PHI A I   1 
HETATM 15   C C   . PHI A 1 2 ? 24.314  2.863   4.836   1.00 65.64  ? 23 PHI A C   1 
HETATM 16   O O   . PHI A 1 2 ? 24.496  2.299   3.768   1.00 65.64  ? 23 PHI A O   1 
ATOM   17   N N   . GLY A 1 3 ? 23.356  3.768   5.009   1.00 59.26  ? 24 GLY A N   1 
ATOM   18   C CA  . GLY A 1 3 ? 22.344  4.094   4.011   1.00 59.26  ? 24 GLY A CA  1 
ATOM   19   C C   . GLY A 1 3 ? 21.584  5.218   4.716   1.00 59.26  ? 24 GLY A C   1 
ATOM   20   O O   . GLY A 1 3 ? 21.874  5.597   5.854   1.00 59.26  ? 24 GLY A O   1 
ATOM   21   N N   . ASN A 1 4 ? 20.586  5.752   4.006   1.00 53.39  ? 25 ASN A N   1 
ATOM   22   C CA  . ASN A 1 4 ? 19.888  6.951   4.458   1.00 53.39  ? 25 ASN A CA  1 
ATOM   23   C C   . ASN A 1 4 ? 19.142  6.772   5.760   1.00 53.39  ? 25 ASN A C   1 
ATOM   24   O O   . ASN A 1 4 ? 19.235  7.609   6.658   1.00 53.39  ? 25 ASN A O   1 
ATOM   25   C CB  . ASN A 1 4 ? 18.849  7.363   3.433   1.00 53.39  ? 25 ASN A CB  1 
ATOM   26   C CG  . ASN A 1 4 ? 19.467  7.756   2.147   1.00 53.39  ? 25 ASN A CG  1 
ATOM   27   O OD1 . ASN A 1 4 ? 20.633  8.131   2.108   1.00 53.39  ? 25 ASN A OD1 1 
ATOM   28   N ND2 . ASN A 1 4 ? 18.708  7.652   1.067   1.00 53.39  ? 25 ASN A ND2 1 
ATOM   29   N N   . GLY A 1 5 ? 18.367  5.701   5.866   1.00 51.13  ? 26 GLY A N   1 
ATOM   30   C CA  . GLY A 1 5 ? 17.838  5.334   7.157   1.00 51.13  ? 26 GLY A CA  1 
ATOM   31   C C   . GLY A 1 5 ? 17.529  3.858   7.249   1.00 51.13  ? 26 GLY A C   1 
ATOM   32   O O   . GLY A 1 5 ? 16.629  3.354   6.577   1.00 51.13  ? 26 GLY A O   1 
ATOM   33   N N   . ASN A 1 6 ? 18.257  3.163   8.110   1.00 50.34  ? 27 ASN A N   1 
ATOM   34   C CA  . ASN A 1 6 ? 17.975  1.786   8.459   1.00 50.34  ? 27 ASN A CA  1 
ATOM   35   C C   . ASN A 1 6 ? 17.311  1.800   9.820   1.00 50.34  ? 27 ASN A C   1 
ATOM   36   O O   . ASN A 1 6 ? 17.561  2.690   10.631  1.00 50.34  ? 27 ASN A O   1 
ATOM   37   C CB  . ASN A 1 6 ? 19.250  0.936   8.475   1.00 50.34  ? 27 ASN A CB  1 
ATOM   38   C CG  . ASN A 1 6 ? 19.834  0.671   7.075   1.00 50.34  ? 27 ASN A CG  1 
ATOM   39   O OD1 . ASN A 1 6 ? 19.139  0.731   6.063   1.00 50.34  ? 27 ASN A OD1 1 
ATOM   40   N ND2 . ASN A 1 6 ? 21.110  0.350   7.032   1.00 50.34  ? 27 ASN A ND2 1 
ATOM   41   N N   . GLY A 1 7 ? 16.434  0.837   10.048  1.00 55.09  ? 28 GLY A N   1 
ATOM   42   C CA  . GLY A 1 7 ? 15.648  0.819   11.259  1.00 55.09  ? 28 GLY A CA  1 
ATOM   43   C C   . GLY A 1 7 ? 15.556  -0.623  11.681  1.00 55.09  ? 28 GLY A C   1 
ATOM   44   O O   . GLY A 1 7 ? 14.613  -1.312  11.338  1.00 55.09  ? 28 GLY A O   1 
HETATM 45   N N   . PHI A 1 8 ? 16.563  -1.080  12.412  1.00 62.58  ? 29 PHI A N   1 
HETATM 46   C CA  . PHI A 1 8 ? 16.545  -2.396  12.989  1.00 62.58  ? 29 PHI A CA  1 
HETATM 47   C CB  . PHI A 1 8 ? 17.901  -2.972  13.501  1.00 62.58  ? 29 PHI A CB  1 
HETATM 48   C CG  . PHI A 1 8 ? 19.079  -2.120  13.162  1.00 62.58  ? 29 PHI A CG  1 
HETATM 49   C CD1 . PHI A 1 8 ? 20.052  -2.514  12.241  1.00 62.58  ? 29 PHI A CD1 1 
HETATM 50   C CD2 . PHI A 1 8 ? 19.219  -0.879  13.777  1.00 62.58  ? 29 PHI A CD2 1 
HETATM 51   C CE1 . PHI A 1 8 ? 21.124  -1.684  11.942  1.00 62.58  ? 29 PHI A CE1 1 
HETATM 52   C CE2 . PHI A 1 8 ? 20.286  -0.048  13.493  1.00 62.58  ? 29 PHI A CE2 1 
HETATM 53   C CZ  . PHI A 1 8 ? 21.237  -0.451  12.574  1.00 62.58  ? 29 PHI A CZ  1 
HETATM 54   I I   . PHI A 1 8 ? 22.769  0.804   12.210  1.00 62.58  ? 29 PHI A I   1 
HETATM 55   C C   . PHI A 1 8 ? 15.633  -2.058  14.129  1.00 62.58  ? 29 PHI A C   1 
HETATM 56   O O   . PHI A 1 8 ? 15.903  -1.244  15.004  1.00 62.58  ? 29 PHI A O   1 
ATOM   57   N N   . GLY A 1 9 ? 14.458  -2.665  14.069  1.00 60.33  ? 30 GLY A N   1 
ATOM   58   C CA  . GLY A 1 9 ? 13.428  -2.406  15.046  1.00 60.33  ? 30 GLY A CA  1 
ATOM   59   C C   . GLY A 1 9 ? 12.460  -3.551  15.159  1.00 60.33  ? 30 GLY A C   1 
ATOM   60   O O   . GLY A 1 9 ? 12.504  -4.467  14.357  1.00 60.33  ? 30 GLY A O   1 
ATOM   61   O OXT . GLY A 1 9 ? 11.614  -3.612  16.042  1.00 60.33  ? 30 GLY A OXT 1 
ATOM   62   N N   . GLY B 1 1 ? 18.939  11.456  -10.081 1.00 53.50  ? 22 GLY B N   1 
ATOM   63   C CA  . GLY B 1 1 ? 18.899  10.092  -10.572 1.00 53.50  ? 22 GLY B CA  1 
ATOM   64   C C   . GLY B 1 1 ? 17.509  9.707   -11.014 1.00 53.50  ? 22 GLY B C   1 
ATOM   65   O O   . GLY B 1 1 ? 17.312  8.747   -11.745 1.00 53.50  ? 22 GLY B O   1 
HETATM 66   N N   . PHI B 1 2 ? 16.539  10.486  -10.581 1.00 53.94  ? 23 PHI B N   1 
HETATM 67   C CA  . PHI B 1 2 ? 15.174  10.173  -10.839 1.00 53.94  ? 23 PHI B CA  1 
HETATM 68   C CB  . PHI B 1 2 ? 14.438  9.730   -9.567  1.00 53.94  ? 23 PHI B CB  1 
HETATM 69   C CG  . PHI B 1 2 ? 14.972  8.533   -8.866  1.00 53.94  ? 23 PHI B CG  1 
HETATM 70   C CD1 . PHI B 1 2 ? 15.231  7.343   -9.538  1.00 53.94  ? 23 PHI B CD1 1 
HETATM 71   C CD2 . PHI B 1 2 ? 15.181  8.577   -7.486  1.00 53.94  ? 23 PHI B CD2 1 
HETATM 72   C CE1 . PHI B 1 2 ? 15.716  6.239   -8.845  1.00 53.94  ? 23 PHI B CE1 1 
HETATM 73   C CE2 . PHI B 1 2 ? 15.668  7.476   -6.794  1.00 53.94  ? 23 PHI B CE2 1 
HETATM 74   C CZ  . PHI B 1 2 ? 15.940  6.300   -7.477  1.00 53.94  ? 23 PHI B CZ  1 
HETATM 75   I I   . PHI B 1 2 ? 16.624  4.685   -6.485  1.00 53.94  ? 23 PHI B I   1 
HETATM 76   C C   . PHI B 1 2 ? 13.910  10.743  -11.465 1.00 53.94  ? 23 PHI B C   1 
HETATM 77   O O   . PHI B 1 2 ? 12.792  10.496  -11.032 1.00 53.94  ? 23 PHI B O   1 
ATOM   78   N N   . GLY B 1 3 ? 14.085  11.518  -12.532 1.00 54.05  ? 24 GLY B N   1 
ATOM   79   C CA  . GLY B 1 3 ? 12.988  12.221  -13.180 1.00 54.05  ? 24 GLY B CA  1 
ATOM   80   C C   . GLY B 1 3 ? 12.092  13.286  -12.560 1.00 54.05  ? 24 GLY B C   1 
ATOM   81   O O   . GLY B 1 3 ? 12.567  14.188  -11.877 1.00 54.05  ? 24 GLY B O   1 
ATOM   82   N N   . ASN B 1 4 ? 10.785  13.193  -12.824 1.00 54.82  ? 25 ASN B N   1 
ATOM   83   C CA  . ASN B 1 4 ? 9.816   14.204  -12.415 1.00 54.82  ? 25 ASN B CA  1 
ATOM   84   C C   . ASN B 1 4 ? 8.746   13.531  -11.576 1.00 54.82  ? 25 ASN B C   1 
ATOM   85   O O   . ASN B 1 4 ? 8.382   14.040  -10.519 1.00 54.82  ? 25 ASN B O   1 
ATOM   86   C CB  . ASN B 1 4 ? 9.180   14.984  -13.561 1.00 54.82  ? 25 ASN B CB  1 
ATOM   87   C CG  . ASN B 1 4 ? 10.172  15.774  -14.321 1.00 54.82  ? 25 ASN B CG  1 
ATOM   88   O OD1 . ASN B 1 4 ? 11.323  15.856  -13.933 1.00 54.82  ? 25 ASN B OD1 1 
ATOM   89   N ND2 . ASN B 1 4 ? 9.725   16.427  -15.375 1.00 54.82  ? 25 ASN B ND2 1 
ATOM   90   N N   . GLY B 1 5 ? 8.180   12.438  -12.052 1.00 53.99  ? 26 GLY B N   1 
ATOM   91   C CA  . GLY B 1 5 ? 7.138   11.775  -11.304 1.00 53.99  ? 26 GLY B CA  1 
ATOM   92   C C   . GLY B 1 5 ? 7.415   10.311  -11.041 1.00 53.99  ? 26 GLY B C   1 
ATOM   93   O O   . GLY B 1 5 ? 7.490   9.485   -11.958 1.00 53.99  ? 26 GLY B O   1 
ATOM   94   N N   . ASN B 1 6 ? 7.567   9.992   -9.763  1.00 50.05  ? 27 ASN B N   1 
ATOM   95   C CA  . ASN B 1 6 ? 7.832   8.645   -9.294  1.00 50.05  ? 27 ASN B CA  1 
ATOM   96   C C   . ASN B 1 6 ? 7.404   8.602   -7.848  1.00 50.05  ? 27 ASN B C   1 
ATOM   97   O O   . ASN B 1 6 ? 7.745   9.494   -7.076  1.00 50.05  ? 27 ASN B O   1 
ATOM   98   C CB  . ASN B 1 6 ? 9.290   8.287   -9.452  1.00 50.05  ? 27 ASN B CB  1 
ATOM   99   C CG  . ASN B 1 6 ? 10.168  9.142   -8.609  1.00 50.05  ? 27 ASN B CG  1 
ATOM   100  O OD1 . ASN B 1 6 ? 9.802   9.548   -7.515  1.00 50.05  ? 27 ASN B OD1 1 
ATOM   101  N ND2 . ASN B 1 6 ? 11.334  9.440   -9.115  1.00 50.05  ? 27 ASN B ND2 1 
ATOM   102  N N   . GLY B 1 7 ? 6.602   7.622   -7.511  1.00 49.24  ? 28 GLY B N   1 
ATOM   103  C CA  . GLY B 1 7 ? 5.935   7.640   -6.244  1.00 49.24  ? 28 GLY B CA  1 
ATOM   104  C C   . GLY B 1 7 ? 6.090   6.206   -5.897  1.00 49.24  ? 28 GLY B C   1 
ATOM   105  O O   . GLY B 1 7 ? 5.688   5.322   -6.637  1.00 49.24  ? 28 GLY B O   1 
HETATM 106  N N   . PHI B 1 8 ? 6.740   5.982   -4.777  1.00 49.82  ? 29 PHI B N   1 
HETATM 107  C CA  . PHI B 1 8 ? 6.996   4.667   -4.338  1.00 49.82  ? 29 PHI B CA  1 
HETATM 108  C CB  . PHI B 1 8 ? 8.112   4.616   -3.309  1.00 49.82  ? 29 PHI B CB  1 
HETATM 109  C CG  . PHI B 1 8 ? 9.244   4.975   -4.168  1.00 49.82  ? 29 PHI B CG  1 
HETATM 110  C CD1 . PHI B 1 8 ? 9.700   4.004   -5.045  1.00 49.82  ? 29 PHI B CD1 1 
HETATM 111  C CD2 . PHI B 1 8 ? 9.823   6.241   -4.148  1.00 49.82  ? 29 PHI B CD2 1 
HETATM 112  C CE1 . PHI B 1 8 ? 10.753  4.267   -5.892  1.00 49.82  ? 29 PHI B CE1 1 
HETATM 113  C CE2 . PHI B 1 8 ? 10.884  6.507   -4.995  1.00 49.82  ? 29 PHI B CE2 1 
HETATM 114  C CZ  . PHI B 1 8 ? 11.321  5.511   -5.845  1.00 49.82  ? 29 PHI B CZ  1 
HETATM 115  I I   . PHI B 1 8 ? 12.827  5.835   -7.087  1.00 49.82  ? 29 PHI B I   1 
HETATM 116  C C   . PHI B 1 8 ? 5.647   4.318   -3.798  1.00 49.82  ? 29 PHI B C   1 
HETATM 117  O O   . PHI B 1 8 ? 5.102   4.887   -2.868  1.00 49.82  ? 29 PHI B O   1 
ATOM   118  N N   . GLY B 1 9 ? 5.051   3.365   -4.491  1.00 49.99  ? 30 GLY B N   1 
ATOM   119  C CA  . GLY B 1 9 ? 3.667   3.007   -4.288  1.00 49.99  ? 30 GLY B CA  1 
ATOM   120  C C   . GLY B 1 9 ? 3.232   2.687   -2.880  1.00 49.99  ? 30 GLY B C   1 
ATOM   121  O O   . GLY B 1 9 ? 2.079   2.323   -2.682  1.00 49.99  ? 30 GLY B O   1 
ATOM   122  O OXT . GLY B 1 9 ? 3.993   2.770   -1.920  1.00 49.99  ? 30 GLY B OXT 1 
ATOM   123  N N   . GLY C 1 1 ? -7.484  6.281   -11.175 1.00 65.50  ? 22 GLY C N   1 
ATOM   124  C CA  . GLY C 1 1 ? -6.856  7.165   -12.138 1.00 65.50  ? 22 GLY C CA  1 
ATOM   125  C C   . GLY C 1 1 ? -5.419  7.488   -11.793 1.00 65.50  ? 22 GLY C C   1 
ATOM   126  O O   . GLY C 1 1 ? -4.598  6.600   -11.591 1.00 65.50  ? 22 GLY C O   1 
HETATM 127  N N   . PHI C 1 2 ? -5.106  8.768   -11.729 1.00 69.21  ? 23 PHI C N   1 
HETATM 128  C CA  . PHI C 1 2 ? -3.780  9.149   -11.371 1.00 69.21  ? 23 PHI C CA  1 
HETATM 129  C CB  . PHI C 1 2 ? -3.459  10.654  -11.500 1.00 69.21  ? 23 PHI C CB  1 
HETATM 130  C CG  . PHI C 1 2 ? -3.893  11.400  -12.718 1.00 69.21  ? 23 PHI C CG  1 
HETATM 131  C CD1 . PHI C 1 2 ? -4.030  10.817  -13.975 1.00 69.21  ? 23 PHI C CD1 1 
HETATM 132  C CD2 . PHI C 1 2 ? -4.156  12.774  -12.590 1.00 69.21  ? 23 PHI C CD2 1 
HETATM 133  C CE1 . PHI C 1 2 ? -4.434  11.607  -15.055 1.00 69.21  ? 23 PHI C CE1 1 
HETATM 134  C CE2 . PHI C 1 2 ? -4.557  13.551  -13.676 1.00 69.21  ? 23 PHI C CE2 1 
HETATM 135  C CZ  . PHI C 1 2 ? -4.696  12.967  -14.919 1.00 69.21  ? 23 PHI C CZ  1 
HETATM 136  I I   . PHI C 1 2 ? -5.276  14.100  -16.485 1.00 69.21  ? 23 PHI C I   1 
HETATM 137  C C   . PHI C 1 2 ? -3.730  8.544   -9.974  1.00 69.21  ? 23 PHI C C   1 
HETATM 138  O O   . PHI C 1 2 ? -4.604  8.711   -9.133  1.00 69.21  ? 23 PHI C O   1 
ATOM   139  N N   . GLY C 1 3 ? -2.658  7.800   -9.729  1.00 63.93  ? 24 GLY C N   1 
ATOM   140  C CA  . GLY C 1 3 ? -2.396  7.213   -8.428  1.00 63.93  ? 24 GLY C CA  1 
ATOM   141  C C   . GLY C 1 3 ? -1.372  7.493   -7.342  1.00 63.93  ? 24 GLY C C   1 
ATOM   142  O O   . GLY C 1 3 ? -1.535  7.055   -6.212  1.00 63.93  ? 24 GLY C O   1 
ATOM   143  N N   . ASN C 1 4 ? -0.299  8.197   -7.686  1.00 60.19  ? 25 ASN C N   1 
ATOM   144  C CA  . ASN C 1 4 ? 0.696   8.607   -6.708  1.00 60.19  ? 25 ASN C CA  1 
ATOM   145  C C   . ASN C 1 4 ? 1.431   9.425   -7.750  1.00 60.19  ? 25 ASN C C   1 
ATOM   146  O O   . ASN C 1 4 ? 0.912   9.649   -8.843  1.00 60.19  ? 25 ASN C O   1 
ATOM   147  C CB  . ASN C 1 4 ? 1.632   7.808   -5.832  1.00 60.19  ? 25 ASN C CB  1 
ATOM   148  C CG  . ASN C 1 4 ? 1.064   7.564   -4.492  1.00 60.19  ? 25 ASN C CG  1 
ATOM   149  O OD1 . ASN C 1 4 ? 1.135   8.416   -3.624  1.00 60.19  ? 25 ASN C OD1 1 
ATOM   150  N ND2 . ASN C 1 4 ? 0.481   6.400   -4.301  1.00 60.19  ? 25 ASN C ND2 1 
ATOM   151  N N   . GLY C 1 5 ? 2.618   9.925   -7.409  1.00 58.14  ? 26 GLY C N   1 
ATOM   152  C CA  . GLY C 1 5 ? 3.371   10.788  -8.299  1.00 58.14  ? 26 GLY C CA  1 
ATOM   153  C C   . GLY C 1 5 ? 3.499   10.294  -9.722  1.00 58.14  ? 26 GLY C C   1 
ATOM   154  O O   . GLY C 1 5 ? 3.992   9.188   -9.952  1.00 58.14  ? 26 GLY C O   1 
ATOM   155  N N   . ASN C 1 6 ? 3.023   11.084  -10.683 1.00 59.14  ? 27 ASN C N   1 
ATOM   156  C CA  . ASN C 1 6 ? 3.005   10.694  -12.087 1.00 59.14  ? 27 ASN C CA  1 
ATOM   157  C C   . ASN C 1 6 ? 3.902   11.549  -12.966 1.00 59.14  ? 27 ASN C C   1 
ATOM   158  O O   . ASN C 1 6 ? 4.117   12.736  -12.699 1.00 59.14  ? 27 ASN C O   1 
ATOM   159  C CB  . ASN C 1 6 ? 1.579   10.748  -12.575 1.00 59.14  ? 27 ASN C CB  1 
ATOM   160  C CG  . ASN C 1 6 ? 0.743   9.664   -11.981 1.00 59.14  ? 27 ASN C CG  1 
ATOM   161  O OD1 . ASN C 1 6 ? 1.267   8.639   -11.551 1.00 59.14  ? 27 ASN C OD1 1 
ATOM   162  N ND2 . ASN C 1 6 ? -0.554  9.895   -11.897 1.00 59.14  ? 27 ASN C ND2 1 
ATOM   163  N N   . GLY C 1 7 ? 4.405   10.926  -14.034 1.00 61.76  ? 28 GLY C N   1 
ATOM   164  C CA  . GLY C 1 7 ? 5.559   11.436  -14.756 1.00 61.76  ? 28 GLY C CA  1 
ATOM   165  C C   . GLY C 1 7 ? 5.125   11.994  -16.091 1.00 61.76  ? 28 GLY C C   1 
ATOM   166  O O   . GLY C 1 7 ? 5.104   11.291  -17.089 1.00 61.76  ? 28 GLY C O   1 
HETATM 167  N N   . PHI C 1 8 ? 4.800   13.273  -16.117 1.00 64.31  ? 29 PHI C N   1 
HETATM 168  C CA  . PHI C 1 8 ? 4.341   13.890  -17.324 1.00 64.31  ? 29 PHI C CA  1 
HETATM 169  C CB  . PHI C 1 8 ? 3.144   14.858  -17.235 1.00 64.31  ? 29 PHI C CB  1 
HETATM 170  C CG  . PHI C 1 8 ? 2.024   13.940  -16.917 1.00 64.31  ? 29 PHI C CG  1 
HETATM 171  C CD1 . PHI C 1 8 ? 1.995   12.715  -17.589 1.00 64.31  ? 29 PHI C CD1 1 
HETATM 172  C CD2 . PHI C 1 8 ? 1.030   14.238  -15.984 1.00 64.31  ? 29 PHI C CD2 1 
HETATM 173  C CE1 . PHI C 1 8 ? 1.010   11.783  -17.351 1.00 64.31  ? 29 PHI C CE1 1 
HETATM 174  C CE2 . PHI C 1 8 ? 0.036   13.299  -15.742 1.00 64.31  ? 29 PHI C CE2 1 
HETATM 175  C CZ  . PHI C 1 8 ? 0.037   12.089  -16.428 1.00 64.31  ? 29 PHI C CZ  1 
HETATM 176  I I   . PHI C 1 8 ? -1.369  10.691  -16.133 1.00 64.31  ? 29 PHI C I   1 
HETATM 177  C C   . PHI C 1 8 ? 5.745   14.404  -17.363 1.00 64.31  ? 29 PHI C C   1 
HETATM 178  O O   . PHI C 1 8 ? 6.267   15.083  -16.486 1.00 64.31  ? 29 PHI C O   1 
ATOM   179  N N   . GLY C 1 9 ? 6.385   14.018  -18.458 1.00 62.98  ? 30 GLY C N   1 
ATOM   180  C CA  . GLY C 1 9 ? 7.822   14.096  -18.619 1.00 62.98  ? 30 GLY C CA  1 
ATOM   181  C C   . GLY C 1 9 ? 8.228   15.485  -19.034 1.00 62.98  ? 30 GLY C C   1 
ATOM   182  O O   . GLY C 1 9 ? 7.409   16.381  -19.188 1.00 62.98  ? 30 GLY C O   1 
ATOM   183  O OXT . GLY C 1 9 ? 9.410   15.739  -19.231 1.00 62.98  ? 30 GLY C OXT 1 
ATOM   184  N N   . GLY D 1 1 ? 10.899  -5.862  24.904  1.00 86.89  ? 22 GLY D N   1 
ATOM   185  C CA  . GLY D 1 1 ? 12.232  -5.298  24.994  1.00 86.89  ? 22 GLY D CA  1 
ATOM   186  C C   . GLY D 1 1 ? 13.120  -6.032  24.030  1.00 86.89  ? 22 GLY D C   1 
ATOM   187  O O   . GLY D 1 1 ? 12.764  -6.200  22.872  1.00 86.89  ? 22 GLY D O   1 
HETATM 188  N N   . PHI D 1 2 ? 14.259  -6.501  24.503  1.00 86.84  ? 23 PHI D N   1 
HETATM 189  C CA  . PHI D 1 2 ? 15.164  -7.174  23.631  1.00 86.84  ? 23 PHI D CA  1 
HETATM 190  C CB  . PHI D 1 2 ? 16.203  -6.248  22.993  1.00 86.84  ? 23 PHI D CB  1 
HETATM 191  C CG  . PHI D 1 2 ? 15.665  -5.330  21.966  1.00 86.84  ? 23 PHI D CG  1 
HETATM 192  C CD1 . PHI D 1 2 ? 15.467  -5.797  20.673  1.00 86.84  ? 23 PHI D CD1 1 
HETATM 193  C CD2 . PHI D 1 2 ? 15.378  -3.992  22.251  1.00 86.84  ? 23 PHI D CD2 1 
HETATM 194  C CE1 . PHI D 1 2 ? 14.976  -4.956  19.684  1.00 86.84  ? 23 PHI D CE1 1 
HETATM 195  C CE2 . PHI D 1 2 ? 14.888  -3.157  21.252  1.00 86.84  ? 23 PHI D CE2 1 
HETATM 196  C CZ  . PHI D 1 2 ? 14.687  -3.639  19.975  1.00 86.84  ? 23 PHI D CZ  1 
HETATM 197  I I   . PHI D 1 2 ? 13.985  -2.427  18.540  1.00 86.84  ? 23 PHI D I   1 
HETATM 198  C C   . PHI D 1 2 ? 16.071  -7.992  24.511  1.00 86.84  ? 23 PHI D C   1 
HETATM 199  O O   . PHI D 1 2 ? 15.981  -8.042  25.732  1.00 86.84  ? 23 PHI D O   1 
ATOM   200  N N   . GLY D 1 3 ? 17.007  -8.663  23.855  1.00 85.53  ? 24 GLY D N   1 
ATOM   201  C CA  . GLY D 1 3 ? 17.965  -9.495  24.550  1.00 85.53  ? 24 GLY D CA  1 
ATOM   202  C C   . GLY D 1 3 ? 19.163  -8.852  25.206  1.00 85.53  ? 24 GLY D C   1 
ATOM   203  O O   . GLY D 1 3 ? 19.323  -7.634  25.161  1.00 85.53  ? 24 GLY D O   1 
ATOM   204  N N   . ASN D 1 4 ? 19.987  -9.674  25.846  1.00 84.30  ? 25 ASN D N   1 
ATOM   205  C CA  . ASN D 1 4 ? 21.156  -9.181  26.552  1.00 84.30  ? 25 ASN D CA  1 
ATOM   206  C C   . ASN D 1 4 ? 22.338  -8.698  25.723  1.00 84.30  ? 25 ASN D C   1 
ATOM   207  O O   . ASN D 1 4 ? 22.736  -9.323  24.736  1.00 84.30  ? 25 ASN D O   1 
ATOM   208  C CB  . ASN D 1 4 ? 21.489  -10.307 27.513  1.00 84.30  ? 25 ASN D CB  1 
ATOM   209  C CG  . ASN D 1 4 ? 20.399  -10.528 28.515  1.00 84.30  ? 25 ASN D CG  1 
ATOM   210  O OD1 . ASN D 1 4 ? 19.704  -9.593  28.901  1.00 84.30  ? 25 ASN D OD1 1 
ATOM   211  N ND2 . ASN D 1 4 ? 20.197  -11.778 28.899  1.00 84.30  ? 25 ASN D ND2 1 
ATOM   212  N N   . GLY D 1 5 ? 22.933  -7.603  26.175  1.00 83.84  ? 26 GLY D N   1 
ATOM   213  C CA  . GLY D 1 5 ? 24.068  -7.034  25.471  1.00 83.84  ? 26 GLY D CA  1 
ATOM   214  C C   . GLY D 1 5 ? 23.894  -6.685  24.006  1.00 83.84  ? 26 GLY D C   1 
ATOM   215  O O   . GLY D 1 5 ? 24.794  -6.939  23.196  1.00 83.84  ? 26 GLY D O   1 
ATOM   216  N N   . ASN D 1 6 ? 22.756  -6.110  23.649  1.00 81.51  ? 27 ASN D N   1 
ATOM   217  C CA  . ASN D 1 6 ? 22.547  -5.665  22.281  1.00 81.51  ? 27 ASN D CA  1 
ATOM   218  C C   . ASN D 1 6 ? 23.258  -4.348  22.011  1.00 81.51  ? 27 ASN D C   1 
ATOM   219  O O   . ASN D 1 6 ? 22.963  -3.326  22.639  1.00 81.51  ? 27 ASN D O   1 
ATOM   220  C CB  . ASN D 1 6 ? 21.061  -5.548  22.012  1.00 81.51  ? 27 ASN D CB  1 
ATOM   221  C CG  . ASN D 1 6 ? 20.456  -6.865  21.709  1.00 81.51  ? 27 ASN D CG  1 
ATOM   222  O OD1 . ASN D 1 6 ? 21.148  -7.772  21.249  1.00 81.51  ? 27 ASN D OD1 1 
ATOM   223  N ND2 . ASN D 1 6 ? 19.165  -6.997  21.940  1.00 81.51  ? 27 ASN D ND2 1 
ATOM   224  N N   . GLY D 1 7 ? 24.184  -4.375  21.064  1.00 79.16  ? 28 GLY D N   1 
ATOM   225  C CA  . GLY D 1 7 ? 24.917  -3.193  20.664  1.00 79.16  ? 28 GLY D CA  1 
ATOM   226  C C   . GLY D 1 7 ? 25.068  -3.166  19.160  1.00 79.16  ? 28 GLY D C   1 
ATOM   227  O O   . GLY D 1 7 ? 25.461  -4.153  18.543  1.00 79.16  ? 28 GLY D O   1 
HETATM 228  N N   . PHI D 1 8 ? 24.759  -2.026  18.566  1.00 77.75  ? 29 PHI D N   1 
HETATM 229  C CA  . PHI D 1 8 ? 24.576  -1.966  17.145  1.00 77.75  ? 29 PHI D CA  1 
HETATM 230  C CB  . PHI D 1 8 ? 23.292  -1.237  16.727  1.00 77.75  ? 29 PHI D CB  1 
HETATM 231  C CG  . PHI D 1 8 ? 22.070  -1.744  17.393  1.00 77.75  ? 29 PHI D CG  1 
HETATM 232  C CD1 . PHI D 1 8 ? 21.270  -0.849  18.076  1.00 77.75  ? 29 PHI D CD1 1 
HETATM 233  C CD2 . PHI D 1 8 ? 21.680  -3.083  17.344  1.00 77.75  ? 29 PHI D CD2 1 
HETATM 234  C CE1 . PHI D 1 8 ? 20.109  -1.282  18.700  1.00 77.75  ? 29 PHI D CE1 1 
HETATM 235  C CE2 . PHI D 1 8 ? 20.518  -3.528  17.971  1.00 77.75  ? 29 PHI D CE2 1 
HETATM 236  C CZ  . PHI D 1 8 ? 19.734  -2.615  18.653  1.00 77.75  ? 29 PHI D CZ  1 
HETATM 237  I I   . PHI D 1 8 ? 18.039  -3.162  19.586  1.00 77.75  ? 29 PHI D I   1 
HETATM 238  C C   . PHI D 1 8 ? 25.707  -1.273  16.426  1.00 77.75  ? 29 PHI D C   1 
HETATM 239  O O   . PHI D 1 8 ? 25.846  -0.054  16.355  1.00 77.75  ? 29 PHI D O   1 
ATOM   240  N N   . GLY D 1 9 ? 26.556  -2.119  15.858  1.00 75.97  ? 30 GLY D N   1 
ATOM   241  C CA  . GLY D 1 9 ? 27.591  -1.692  14.938  1.00 75.97  ? 30 GLY D CA  1 
ATOM   242  C C   . GLY D 1 9 ? 28.561  -0.676  15.484  1.00 75.97  ? 30 GLY D C   1 
ATOM   243  O O   . GLY D 1 9 ? 28.920  0.279   14.800  1.00 75.97  ? 30 GLY D O   1 
ATOM   244  O OXT . GLY D 1 9 ? 29.005  -0.791  16.621  1.00 75.97  ? 30 GLY D OXT 1 
ATOM   245  N N   . GLY E 1 1 ? 8.449   18.476  -26.264 1.00 75.06  ? 22 GLY E N   1 
ATOM   246  C CA  . GLY E 1 1 ? 7.900   19.790  -25.986 1.00 75.06  ? 22 GLY E CA  1 
ATOM   247  C C   . GLY E 1 1 ? 6.423   19.903  -26.302 1.00 75.06  ? 22 GLY E C   1 
ATOM   248  O O   . GLY E 1 1 ? 5.894   19.148  -27.119 1.00 75.06  ? 22 GLY E O   1 
HETATM 249  N N   . PHI E 1 2 ? 5.759   20.862  -25.669 1.00 75.99  ? 23 PHI E N   1 
HETATM 250  C CA  . PHI E 1 2 ? 4.328   20.944  -25.768 1.00 75.99  ? 23 PHI E CA  1 
HETATM 251  C CB  . PHI E 1 2 ? 3.640   20.752  -24.398 1.00 75.99  ? 23 PHI E CB  1 
HETATM 252  C CG  . PHI E 1 2 ? 4.002   19.420  -23.845 1.00 75.99  ? 23 PHI E CG  1 
HETATM 253  C CD1 . PHI E 1 2 ? 4.069   18.303  -24.677 1.00 75.99  ? 23 PHI E CD1 1 
HETATM 254  C CD2 . PHI E 1 2 ? 4.284   19.258  -22.489 1.00 75.99  ? 23 PHI E CD2 1 
HETATM 255  C CE1 . PHI E 1 2 ? 4.415   17.058  -24.162 1.00 75.99  ? 23 PHI E CE1 1 
HETATM 256  C CE2 . PHI E 1 2 ? 4.635   18.012  -21.969 1.00 75.99  ? 23 PHI E CE2 1 
HETATM 257  C CZ  . PHI E 1 2 ? 4.697   16.905  -22.806 1.00 75.99  ? 23 PHI E CZ  1 
HETATM 258  I I   . PHI E 1 2 ? 5.197   15.101  -22.060 1.00 75.99  ? 23 PHI E I   1 
HETATM 259  C C   . PHI E 1 2 ? 3.383   22.106  -26.014 1.00 75.99  ? 23 PHI E C   1 
HETATM 260  O O   . PHI E 1 2 ? 2.989   22.865  -25.137 1.00 75.99  ? 23 PHI E O   1 
ATOM   261  N N   . GLY E 1 3 ? 3.003   22.240  -27.285 1.00 72.07  ? 24 GLY E N   1 
ATOM   262  C CA  . GLY E 1 3 ? 2.121   23.305  -27.713 1.00 72.07  ? 24 GLY E CA  1 
ATOM   263  C C   . GLY E 1 3 ? 0.682   23.139  -28.190 1.00 72.07  ? 24 GLY E C   1 
ATOM   264  O O   . GLY E 1 3 ? -0.148  24.011  -27.925 1.00 72.07  ? 24 GLY E O   1 
ATOM   265  N N   . ASN E 1 4 ? 0.352   22.044  -28.879 1.00 69.05  ? 25 ASN E N   1 
ATOM   266  C CA  . ASN E 1 4 ? -0.971  21.914  -29.484 1.00 69.05  ? 25 ASN E CA  1 
ATOM   267  C C   . ASN E 1 4 ? -1.818  20.950  -28.669 1.00 69.05  ? 25 ASN E C   1 
ATOM   268  O O   . ASN E 1 4 ? -1.301  20.164  -27.872 1.00 69.05  ? 25 ASN E O   1 
ATOM   269  C CB  . ASN E 1 4 ? -0.800  21.561  -30.958 1.00 69.05  ? 25 ASN E CB  1 
ATOM   270  C CG  . ASN E 1 4 ? -0.224  22.698  -31.752 1.00 69.05  ? 25 ASN E CG  1 
ATOM   271  O OD1 . ASN E 1 4 ? -0.318  23.853  -31.351 1.00 69.05  ? 25 ASN E OD1 1 
ATOM   272  N ND2 . ASN E 1 4 ? 0.387   22.381  -32.878 1.00 69.05  ? 25 ASN E ND2 1 
ATOM   273  N N   . GLY E 1 5 ? -3.122  20.990  -28.918 1.00 66.76  ? 26 GLY E N   1 
ATOM   274  C CA  . GLY E 1 5 ? -4.120  20.442  -28.022 1.00 66.76  ? 26 GLY E CA  1 
ATOM   275  C C   . GLY E 1 5 ? -3.948  18.963  -27.753 1.00 66.76  ? 26 GLY E C   1 
ATOM   276  O O   . GLY E 1 5 ? -3.850  18.160  -28.681 1.00 66.76  ? 26 GLY E O   1 
ATOM   277  N N   . ASN E 1 6 ? -3.915  18.599  -26.476 1.00 65.56  ? 27 ASN E N   1 
ATOM   278  C CA  . ASN E 1 6 ? -3.798  17.214  -26.040 1.00 65.56  ? 27 ASN E CA  1 
ATOM   279  C C   . ASN E 1 6 ? -4.142  17.115  -24.556 1.00 65.56  ? 27 ASN E C   1 
ATOM   280  O O   . ASN E 1 6 ? -4.139  18.111  -23.825 1.00 65.56  ? 27 ASN E O   1 
ATOM   281  C CB  . ASN E 1 6 ? -2.403  16.641  -26.337 1.00 65.56  ? 27 ASN E CB  1 
ATOM   282  C CG  . ASN E 1 6 ? -1.301  17.346  -25.568 1.00 65.56  ? 27 ASN E CG  1 
ATOM   283  O OD1 . ASN E 1 6 ? -1.489  17.781  -24.436 1.00 65.56  ? 27 ASN E OD1 1 
ATOM   284  N ND2 . ASN E 1 6 ? -0.129  17.429  -26.175 1.00 65.56  ? 27 ASN E ND2 1 
ATOM   285  N N   . GLY E 1 7 ? -4.459  15.891  -24.136 1.00 65.76  ? 28 GLY E N   1 
ATOM   286  C CA  . GLY E 1 7 ? -4.883  15.585  -22.778 1.00 65.76  ? 28 GLY E CA  1 
ATOM   287  C C   . GLY E 1 7 ? -4.290  14.205  -22.595 1.00 65.76  ? 28 GLY E C   1 
ATOM   288  O O   . GLY E 1 7 ? -3.755  13.645  -23.536 1.00 65.76  ? 28 GLY E O   1 
HETATM 289  N N   . PHI E 1 8 ? -4.382  13.656  -21.389 1.00 66.51  ? 29 PHI E N   1 
HETATM 290  C CA  . PHI E 1 8 ? -3.577  12.509  -21.025 1.00 66.51  ? 29 PHI E CA  1 
HETATM 291  C CB  . PHI E 1 8 ? -2.308  12.555  -20.151 1.00 66.51  ? 29 PHI E CB  1 
HETATM 292  C CG  . PHI E 1 8 ? -1.448  13.733  -20.377 1.00 66.51  ? 29 PHI E CG  1 
HETATM 293  C CD1 . PHI E 1 8 ? -0.368  13.647  -21.258 1.00 66.51  ? 29 PHI E CD1 1 
HETATM 294  C CD2 . PHI E 1 8 ? -1.699  14.930  -19.692 1.00 66.51  ? 29 PHI E CD2 1 
HETATM 295  C CE1 . PHI E 1 8 ? 0.443   14.763  -21.446 1.00 66.51  ? 29 PHI E CE1 1 
HETATM 296  C CE2 . PHI E 1 8 ? -0.891  16.050  -19.886 1.00 66.51  ? 29 PHI E CE2 1 
HETATM 297  C CZ  . PHI E 1 8 ? 0.184   15.956  -20.764 1.00 66.51  ? 29 PHI E CZ  1 
HETATM 298  I I   . PHI E 1 8 ? 1.363   17.556  -21.061 1.00 66.51  ? 29 PHI E I   1 
HETATM 299  C C   . PHI E 1 8 ? -4.509  11.532  -20.324 1.00 66.51  ? 29 PHI E C   1 
HETATM 300  O O   . PHI E 1 8 ? -4.248  10.922  -19.284 1.00 66.51  ? 29 PHI E O   1 
ATOM   301  N N   . GLY E 1 9 ? -5.654  11.336  -20.948 1.00 66.90  ? 30 GLY E N   1 
ATOM   302  C CA  . GLY E 1 9 ? -6.680  10.544  -20.323 1.00 66.90  ? 30 GLY E CA  1 
ATOM   303  C C   . GLY E 1 9 ? -7.526  11.461  -19.479 1.00 66.90  ? 30 GLY E C   1 
ATOM   304  O O   . GLY E 1 9 ? -8.580  11.077  -18.987 1.00 66.90  ? 30 GLY E O   1 
ATOM   305  O OXT . GLY E 1 9 ? -7.167  12.616  -19.276 1.00 66.90  ? 30 GLY E OXT 1 
ATOM   306  N N   . GLY F 1 1 ? 2.377   -2.505  2.394   1.00 49.30  ? 22 GLY F N   1 
ATOM   307  C CA  . GLY F 1 1 ? 3.243   -2.644  3.550   1.00 49.30  ? 22 GLY F CA  1 
ATOM   308  C C   . GLY F 1 1 ? 4.594   -3.237  3.240   1.00 49.30  ? 22 GLY F C   1 
ATOM   309  O O   . GLY F 1 1 ? 4.720   -4.161  2.453   1.00 49.30  ? 22 GLY F O   1 
HETATM 310  N N   . PHI F 1 2 ? 5.614   -2.694  3.873   1.00 51.32  ? 23 PHI F N   1 
HETATM 311  C CA  . PHI F 1 2 ? 6.931   -3.215  3.732   1.00 51.32  ? 23 PHI F CA  1 
HETATM 312  C CB  . PHI F 1 2 ? 7.894   -2.232  3.057   1.00 51.32  ? 23 PHI F CB  1 
HETATM 313  C CG  . PHI F 1 2 ? 7.405   -1.700  1.757   1.00 51.32  ? 23 PHI F CG  1 
HETATM 314  C CD1 . PHI F 1 2 ? 7.778   -2.278  0.551   1.00 51.32  ? 23 PHI F CD1 1 
HETATM 315  C CD2 . PHI F 1 2 ? 6.586   -0.579  1.697   1.00 51.32  ? 23 PHI F CD2 1 
HETATM 316  C CE1 . PHI F 1 2 ? 7.336   -1.768  -0.666  1.00 51.32  ? 23 PHI F CE1 1 
HETATM 317  C CE2 . PHI F 1 2 ? 6.142   -0.061  0.483   1.00 51.32  ? 23 PHI F CE2 1 
HETATM 318  C CZ  . PHI F 1 2 ? 6.512   -0.656  -0.705  1.00 51.32  ? 23 PHI F CZ  1 
HETATM 319  I I   . PHI F 1 2 ? 5.868   0.100   -2.451  1.00 51.32  ? 23 PHI F I   1 
HETATM 320  C C   . PHI F 1 2 ? 7.402   -3.610  5.122   1.00 51.32  ? 23 PHI F C   1 
HETATM 321  O O   . PHI F 1 2 ? 6.697   -3.515  6.117   1.00 51.32  ? 23 PHI F O   1 
ATOM   322  N N   . GLY F 1 3 ? 8.638   -4.090  5.199   1.00 49.39  ? 24 GLY F N   1 
ATOM   323  C CA  . GLY F 1 3 ? 9.251   -4.436  6.471   1.00 49.39  ? 24 GLY F CA  1 
ATOM   324  C C   . GLY F 1 3 ? 9.970   -3.203  7.000   1.00 49.39  ? 24 GLY F C   1 
ATOM   325  O O   . GLY F 1 3 ? 9.874   -2.123  6.430   1.00 49.39  ? 24 GLY F O   1 
ATOM   326  N N   . ASN F 1 4 ? 10.677  -3.362  8.117   1.00 49.32  ? 25 ASN F N   1 
ATOM   327  C CA  . ASN F 1 4 ? 11.329  -2.237  8.765   1.00 49.32  ? 25 ASN F CA  1 
ATOM   328  C C   . ASN F 1 4 ? 12.385  -1.318  8.191   1.00 49.32  ? 25 ASN F C   1 
ATOM   329  O O   . ASN F 1 4 ? 12.530  -0.194  8.673   1.00 49.32  ? 25 ASN F O   1 
ATOM   330  C CB  . ASN F 1 4 ? 11.883  -2.849  10.033  1.00 49.32  ? 25 ASN F CB  1 
ATOM   331  C CG  . ASN F 1 4 ? 10.825  -3.427  10.885  1.00 49.32  ? 25 ASN F CG  1 
ATOM   332  O OD1 . ASN F 1 4 ? 9.659   -3.040  10.790  1.00 49.32  ? 25 ASN F OD1 1 
ATOM   333  N ND2 . ASN F 1 4 ? 11.202  -4.367  11.727  1.00 49.32  ? 25 ASN F ND2 1 
ATOM   334  N N   . GLY F 1 5 ? 13.163  -1.763  7.230   1.00 46.95  ? 26 GLY F N   1 
ATOM   335  C CA  . GLY F 1 5 ? 14.186  -0.889  6.717   1.00 46.95  ? 26 GLY F CA  1 
ATOM   336  C C   . GLY F 1 5 ? 13.746  -0.242  5.434   1.00 46.95  ? 26 GLY F C   1 
ATOM   337  O O   . GLY F 1 5 ? 13.543  -0.932  4.436   1.00 46.95  ? 26 GLY F O   1 
ATOM   338  N N   . ASN F 1 6 ? 13.598  1.073   5.419   1.00 45.25  ? 27 ASN F N   1 
ATOM   339  C CA  . ASN F 1 6 ? 13.068  1.712   4.227   1.00 45.25  ? 27 ASN F CA  1 
ATOM   340  C C   . ASN F 1 6 ? 13.736  3.051   4.001   1.00 45.25  ? 27 ASN F C   1 
ATOM   341  O O   . ASN F 1 6 ? 13.307  4.059   4.563   1.00 45.25  ? 27 ASN F O   1 
ATOM   342  C CB  . ASN F 1 6 ? 11.575  1.864   4.381   1.00 45.25  ? 27 ASN F CB  1 
ATOM   343  C CG  . ASN F 1 6 ? 10.868  0.590   4.144   1.00 45.25  ? 27 ASN F CG  1 
ATOM   344  O OD1 . ASN F 1 6 ? 11.313  -0.228  3.358   1.00 45.25  ? 27 ASN F OD1 1 
ATOM   345  N ND2 . ASN F 1 6 ? 9.783   0.379   4.848   1.00 45.25  ? 27 ASN F ND2 1 
ATOM   346  N N   . GLY F 1 7 ? 14.723  3.057   3.123   1.00 45.62  ? 28 GLY F N   1 
ATOM   347  C CA  . GLY F 1 7 ? 15.548  4.217   2.936   1.00 45.62  ? 28 GLY F CA  1 
ATOM   348  C C   . GLY F 1 7 ? 15.313  4.873   1.608   1.00 45.62  ? 28 GLY F C   1 
ATOM   349  O O   . GLY F 1 7 ? 16.182  4.903   0.754   1.00 45.62  ? 28 GLY F O   1 
HETATM 350  N N   . PHI F 1 8 ? 14.110  5.383   1.424   1.00 46.42  ? 29 PHI F N   1 
HETATM 351  C CA  . PHI F 1 8 ? 13.775  6.057   0.212   1.00 46.42  ? 29 PHI F CA  1 
HETATM 352  C CB  . PHI F 1 8 ? 12.297  6.415   0.059   1.00 46.42  ? 29 PHI F CB  1 
HETATM 353  C CG  . PHI F 1 8 ? 11.563  5.149   -0.072  1.00 46.42  ? 29 PHI F CG  1 
HETATM 354  C CD1 . PHI F 1 8 ? 11.993  4.216   -1.003  1.00 46.42  ? 29 PHI F CD1 1 
HETATM 355  C CD2 . PHI F 1 8 ? 10.451  4.872   0.716   1.00 46.42  ? 29 PHI F CD2 1 
HETATM 356  C CE1 . PHI F 1 8 ? 11.328  3.012   -1.147  1.00 46.42  ? 29 PHI F CE1 1 
HETATM 357  C CE2 . PHI F 1 8 ? 9.782   3.666   0.556   1.00 46.42  ? 29 PHI F CE2 1 
HETATM 358  C CZ  . PHI F 1 8 ? 10.225  2.752   -0.373  1.00 46.42  ? 29 PHI F CZ  1 
HETATM 359  I I   . PHI F 1 8 ? 9.298   1.003   -0.619  1.00 46.42  ? 29 PHI F I   1 
HETATM 360  C C   . PHI F 1 8 ? 14.597  7.303   0.228   1.00 46.42  ? 29 PHI F C   1 
HETATM 361  O O   . PHI F 1 8 ? 14.842  7.917   1.262   1.00 46.42  ? 29 PHI F O   1 
ATOM   362  N N   . GLY F 1 9 ? 15.074  7.698   -0.949  1.00 47.22  ? 30 GLY F N   1 
ATOM   363  C CA  . GLY F 1 9 ? 15.911  8.884   -1.062  1.00 47.22  ? 30 GLY F CA  1 
ATOM   364  C C   . GLY F 1 9 ? 16.019  9.756   0.173   1.00 47.22  ? 30 GLY F C   1 
ATOM   365  O O   . GLY F 1 9 ? 17.037  9.753   0.866   1.00 47.22  ? 30 GLY F O   1 
ATOM   366  O OXT . GLY F 1 9 ? 15.092  10.490  0.513   1.00 47.22  ? 30 GLY F OXT 1 
ATOM   367  N N   . GLY G 1 1 ? -13.489 -17.331 17.101  1.00 93.46  ? 22 GLY G N   1 
ATOM   368  C CA  . GLY G 1 1 ? -13.995 -18.521 17.754  1.00 93.46  ? 22 GLY G CA  1 
ATOM   369  C C   . GLY G 1 1 ? -15.018 -19.268 16.926  1.00 93.46  ? 22 GLY G C   1 
ATOM   370  O O   . GLY G 1 1 ? -14.752 -20.359 16.427  1.00 93.46  ? 22 GLY G O   1 
HETATM 371  N N   . PHI G 1 2 ? -16.194 -18.673 16.777  1.00 95.45  ? 23 PHI G N   1 
HETATM 372  C CA  . PHI G 1 2 ? -17.267 -19.319 16.074  1.00 95.45  ? 23 PHI G CA  1 
HETATM 373  C CB  . PHI G 1 2 ? -18.239 -20.040 17.029  1.00 95.45  ? 23 PHI G CB  1 
HETATM 374  C CG  . PHI G 1 2 ? -17.500 -20.983 17.906  1.00 95.45  ? 23 PHI G CG  1 
HETATM 375  C CD1 . PHI G 1 2 ? -17.113 -22.224 17.396  1.00 95.45  ? 23 PHI G CD1 1 
HETATM 376  C CD2 . PHI G 1 2 ? -17.180 -20.651 19.227  1.00 95.45  ? 23 PHI G CD2 1 
HETATM 377  C CE1 . PHI G 1 2 ? -16.413 -23.124 18.183  1.00 95.45  ? 23 PHI G CE1 1 
HETATM 378  C CE2 . PHI G 1 2 ? -16.487 -21.559 20.021  1.00 95.45  ? 23 PHI G CE2 1 
HETATM 379  C CZ  . PHI G 1 2 ? -16.101 -22.792 19.495  1.00 95.45  ? 23 PHI G CZ  1 
HETATM 380  I I   . PHI G 1 2 ? -15.089 -24.128 20.615  1.00 95.45  ? 23 PHI G I   1 
HETATM 381  C C   . PHI G 1 2 ? -18.459 -18.633 15.443  1.00 95.45  ? 23 PHI G C   1 
HETATM 382  O O   . PHI G 1 2 ? -19.368 -18.136 16.093  1.00 95.45  ? 23 PHI G O   1 
ATOM   383  N N   . GLY G 1 3 ? -18.461 -18.608 14.116  1.00 92.65  ? 24 GLY G N   1 
ATOM   384  C CA  . GLY G 1 3 ? -19.557 -17.996 13.394  1.00 92.65  ? 24 GLY G CA  1 
ATOM   385  C C   . GLY G 1 3 ? -20.644 -18.478 12.447  1.00 92.65  ? 24 GLY G C   1 
ATOM   386  O O   . GLY G 1 3 ? -21.241 -17.688 11.709  1.00 92.65  ? 24 GLY G O   1 
ATOM   387  N N   . ASN G 1 4 ? -20.916 -19.778 12.473  1.00 91.39  ? 25 ASN G N   1 
ATOM   388  C CA  . ASN G 1 4 ? -21.728 -20.444 11.459  1.00 91.39  ? 25 ASN G CA  1 
ATOM   389  C C   . ASN G 1 4 ? -22.973 -20.629 12.304  1.00 91.39  ? 25 ASN G C   1 
ATOM   390  O O   . ASN G 1 4 ? -23.951 -19.900 12.125  1.00 91.39  ? 25 ASN G O   1 
ATOM   391  C CB  . ASN G 1 4 ? -21.075 -21.211 10.324  1.00 91.39  ? 25 ASN G CB  1 
ATOM   392  C CG  . ASN G 1 4 ? -20.536 -20.302 9.262   1.00 91.39  ? 25 ASN G CG  1 
ATOM   393  O OD1 . ASN G 1 4 ? -20.879 -19.125 9.217   1.00 91.39  ? 25 ASN G OD1 1 
ATOM   394  N ND2 . ASN G 1 4 ? -19.718 -20.845 8.375   1.00 91.39  ? 25 ASN G ND2 1 
ATOM   395  N N   . GLY G 1 5 ? -23.003 -21.618 13.185  1.00 91.60  ? 26 GLY G N   1 
ATOM   396  C CA  . GLY G 1 5 ? -24.133 -21.745 14.082  1.00 91.60  ? 26 GLY G CA  1 
ATOM   397  C C   . GLY G 1 5 ? -23.613 -22.898 14.904  1.00 91.60  ? 26 GLY G C   1 
ATOM   398  O O   . GLY G 1 5 ? -22.591 -23.500 14.582  1.00 91.60  ? 26 GLY G O   1 
ATOM   399  N N   . ASN G 1 6 ? -24.327 -23.216 15.974  1.00 91.44  ? 27 ASN G N   1 
ATOM   400  C CA  . ASN G 1 6 ? -23.822 -24.077 17.023  1.00 91.44  ? 27 ASN G CA  1 
ATOM   401  C C   . ASN G 1 6 ? -24.952 -24.888 17.646  1.00 91.44  ? 27 ASN G C   1 
ATOM   402  O O   . ASN G 1 6 ? -26.135 -24.634 17.414  1.00 91.44  ? 27 ASN G O   1 
ATOM   403  C CB  . ASN G 1 6 ? -23.404 -23.180 18.169  1.00 91.44  ? 27 ASN G CB  1 
ATOM   404  C CG  . ASN G 1 6 ? -22.514 -22.083 17.716  1.00 91.44  ? 27 ASN G CG  1 
ATOM   405  O OD1 . ASN G 1 6 ? -21.518 -22.321 17.048  1.00 91.44  ? 27 ASN G OD1 1 
ATOM   406  N ND2 . ASN G 1 6 ? -22.893 -20.857 18.023  1.00 91.44  ? 27 ASN G ND2 1 
ATOM   407  N N   . GLY G 1 7 ? -24.572 -25.897 18.416  1.00 93.80  ? 28 GLY G N   1 
ATOM   408  C CA  . GLY G 1 7 ? -25.527 -26.750 19.094  1.00 93.80  ? 28 GLY G CA  1 
ATOM   409  C C   . GLY G 1 7 ? -25.697 -26.777 20.601  1.00 93.80  ? 28 GLY G C   1 
ATOM   410  O O   . GLY G 1 7 ? -26.250 -27.727 21.159  1.00 93.80  ? 28 GLY G O   1 
HETATM 411  N N   . PHI G 1 8 ? -25.204 -25.732 21.258  1.00 96.67  ? 29 PHI G N   1 
HETATM 412  C CA  . PHI G 1 8 ? -25.362 -25.581 22.682  1.00 96.67  ? 29 PHI G CA  1 
HETATM 413  C CB  . PHI G 1 8 ? -24.227 -24.771 23.316  1.00 96.67  ? 29 PHI G CB  1 
HETATM 414  C CG  . PHI G 1 8 ? -22.975 -24.673 22.536  1.00 96.67  ? 29 PHI G CG  1 
HETATM 415  C CD1 . PHI G 1 8 ? -22.435 -25.803 21.933  1.00 96.67  ? 29 PHI G CD1 1 
HETATM 416  C CD2 . PHI G 1 8 ? -22.303 -23.455 22.439  1.00 96.67  ? 29 PHI G CD2 1 
HETATM 417  C CE1 . PHI G 1 8 ? -21.251 -25.728 21.220  1.00 96.67  ? 29 PHI G CE1 1 
HETATM 418  C CE2 . PHI G 1 8 ? -21.116 -23.375 21.723  1.00 96.67  ? 29 PHI G CE2 1 
HETATM 419  C CZ  . PHI G 1 8 ? -20.596 -24.516 21.121  1.00 96.67  ? 29 PHI G CZ  1 
HETATM 420  I I   . PHI G 1 8 ? -18.888 -24.456 20.080  1.00 96.67  ? 29 PHI G I   1 
HETATM 421  C C   . PHI G 1 8 ? -26.736 -25.393 23.267  1.00 96.67  ? 29 PHI G C   1 
HETATM 422  O O   . PHI G 1 8 ? -26.990 -25.544 24.459  1.00 96.67  ? 29 PHI G O   1 
ATOM   423  N N   . GLY G 1 9 ? -27.665 -25.025 22.396  1.00 95.12  ? 30 GLY G N   1 
ATOM   424  C CA  . GLY G 1 9 ? -29.026 -24.745 22.807  1.00 95.12  ? 30 GLY G CA  1 
ATOM   425  C C   . GLY G 1 9 ? -29.748 -25.428 23.942  1.00 95.12  ? 30 GLY G C   1 
ATOM   426  O O   . GLY G 1 9 ? -29.143 -25.791 24.939  1.00 95.12  ? 30 GLY G O   1 
ATOM   427  O OXT . GLY G 1 9 ? -30.953 -25.643 23.897  1.00 95.12  ? 30 GLY G OXT 1 
ATOM   428  N N   . GLY H 1 1 ? -23.578 -7.346  3.031   1.00 98.09  ? 22 GLY J N   1 
ATOM   429  C CA  . GLY H 1 1 ? -24.896 -7.074  2.496   1.00 98.09  ? 22 GLY J CA  1 
ATOM   430  C C   . GLY H 1 1 ? -25.360 -8.133  1.525   1.00 98.09  ? 22 GLY J C   1 
ATOM   431  O O   . GLY H 1 1 ? -24.556 -8.898  1.012   1.00 98.09  ? 22 GLY J O   1 
HETATM 432  N N   . PHI H 1 2 ? -26.660 -8.186  1.281   1.00 101.26 ? 23 PHI J N   1 
HETATM 433  C CA  . PHI H 1 2 ? -27.206 -9.104  0.312   1.00 101.26 ? 23 PHI J CA  1 
HETATM 434  C CB  . PHI H 1 2 ? -28.198 -10.154 0.869   1.00 101.26 ? 23 PHI J CB  1 
HETATM 435  C CG  . PHI H 1 2 ? -27.857 -10.698 2.211   1.00 101.26 ? 23 PHI J CG  1 
HETATM 436  C CD1 . PHI H 1 2 ? -27.227 -11.938 2.339   1.00 101.26 ? 23 PHI J CD1 1 
HETATM 437  C CD2 . PHI H 1 2 ? -28.182 -9.989  3.376   1.00 101.26 ? 23 PHI J CD2 1 
HETATM 438  C CE1 . PHI H 1 2 ? -26.916 -12.449 3.600   1.00 101.26 ? 23 PHI J CE1 1 
HETATM 439  C CE2 . PHI H 1 2 ? -27.877 -10.489 4.640   1.00 101.26 ? 23 PHI J CE2 1 
HETATM 440  C CZ  . PHI H 1 2 ? -27.240 -11.726 4.752   1.00 101.26 ? 23 PHI J CZ  1 
HETATM 441  I I   . PHI H 1 2 ? -26.783 -12.471 6.573   1.00 101.26 ? 23 PHI J I   1 
HETATM 442  C C   . PHI H 1 2 ? -28.069 -8.889  -0.927  1.00 101.26 ? 23 PHI J C   1 
HETATM 443  O O   . PHI H 1 2 ? -27.873 -9.455  -1.994  1.00 101.26 ? 23 PHI J O   1 
ATOM   444  N N   . GLY H 1 3 ? -29.053 -8.009  -0.787  1.00 100.60 ? 24 GLY J N   1 
ATOM   445  C CA  . GLY H 1 3 ? -30.048 -7.806  -1.828  1.00 100.60 ? 24 GLY J CA  1 
ATOM   446  C C   . GLY H 1 3 ? -31.089 -6.793  -1.374  1.00 100.60 ? 24 GLY J C   1 
ATOM   447  O O   . GLY H 1 3 ? -31.182 -6.471  -0.192  1.00 100.60 ? 24 GLY J O   1 
ATOM   448  N N   . ASN H 1 4 ? -31.870 -6.280  -2.331  1.00 100.30 ? 25 ASN J N   1 
ATOM   449  C CA  . ASN H 1 4 ? -32.814 -5.203  -2.072  1.00 100.30 ? 25 ASN J CA  1 
ATOM   450  C C   . ASN H 1 4 ? -34.103 -5.411  -1.310  1.00 100.30 ? 25 ASN J C   1 
ATOM   451  O O   . ASN H 1 4 ? -34.604 -4.457  -0.706  1.00 100.30 ? 25 ASN J O   1 
ATOM   452  C CB  . ASN H 1 4 ? -33.106 -4.647  -3.461  1.00 100.30 ? 25 ASN J CB  1 
ATOM   453  C CG  . ASN H 1 4 ? -31.903 -4.058  -4.090  1.00 100.30 ? 25 ASN J CG  1 
ATOM   454  O OD1 . ASN H 1 4 ? -30.961 -3.667  -3.407  1.00 100.30 ? 25 ASN J OD1 1 
ATOM   455  N ND2 . ASN H 1 4 ? -31.893 -4.029  -5.413  1.00 100.30 ? 25 ASN J ND2 1 
ATOM   456  N N   . GLY H 1 5 ? -34.662 -6.612  -1.358  1.00 101.24 ? 26 GLY J N   1 
ATOM   457  C CA  . GLY H 1 5 ? -35.729 -7.011  -0.468  1.00 101.24 ? 26 GLY J CA  1 
ATOM   458  C C   . GLY H 1 5 ? -35.389 -8.300  0.244   1.00 101.24 ? 26 GLY J C   1 
ATOM   459  O O   . GLY H 1 5 ? -34.930 -9.252  -0.390  1.00 101.24 ? 26 GLY J O   1 
ATOM   460  N N   . ASN H 1 6 ? -35.575 -8.338  1.560   1.00 99.24  ? 27 ASN J N   1 
ATOM   461  C CA  . ASN H 1 6 ? -35.250 -9.517  2.342   1.00 99.24  ? 27 ASN J CA  1 
ATOM   462  C C   . ASN H 1 6 ? -35.901 -9.616  3.709   1.00 99.24  ? 27 ASN J C   1 
ATOM   463  O O   . ASN H 1 6 ? -35.787 -8.706  4.530   1.00 99.24  ? 27 ASN J O   1 
ATOM   464  C CB  . ASN H 1 6 ? -33.780 -9.510  2.733   1.00 99.24  ? 27 ASN J CB  1 
ATOM   465  C CG  . ASN H 1 6 ? -32.903 -10.081 1.667   1.00 99.24  ? 27 ASN J CG  1 
ATOM   466  O OD1 . ASN H 1 6 ? -33.306 -10.983 0.939   1.00 99.24  ? 27 ASN J OD1 1 
ATOM   467  N ND2 . ASN H 1 6 ? -31.702 -9.552  1.546   1.00 99.24  ? 27 ASN J ND2 1 
ATOM   468  N N   . GLY H 1 7 ? -36.596 -10.723 3.927   1.00 102.03 ? 28 GLY J N   1 
ATOM   469  C CA  . GLY H 1 7 ? -37.094 -11.131 5.233   1.00 102.03 ? 28 GLY J CA  1 
ATOM   470  C C   . GLY H 1 7 ? -36.864 -12.616 5.448   1.00 102.03 ? 28 GLY J C   1 
ATOM   471  O O   . GLY H 1 7 ? -37.755 -13.415 5.195   1.00 102.03 ? 28 GLY J O   1 
HETATM 472  N N   . PHI H 1 8 ? -35.671 -12.981 5.922   1.00 104.39 ? 29 PHI J N   1 
HETATM 473  C CA  . PHI H 1 8 ? -35.079 -14.305 5.736   1.00 104.39 ? 29 PHI J CA  1 
HETATM 474  C CB  . PHI H 1 8 ? -33.739 -14.437 6.502   1.00 104.39 ? 29 PHI J CB  1 
HETATM 475  C CG  . PHI H 1 8 ? -32.536 -14.701 5.659   1.00 104.39 ? 29 PHI J CG  1 
HETATM 476  C CD1 . PHI H 1 8 ? -32.231 -15.987 5.182   1.00 104.39 ? 29 PHI J CD1 1 
HETATM 477  C CD2 . PHI H 1 8 ? -31.678 -13.652 5.355   1.00 104.39 ? 29 PHI J CD2 1 
HETATM 478  C CE1 . PHI H 1 8 ? -31.106 -16.221 4.403   1.00 104.39 ? 29 PHI J CE1 1 
HETATM 479  C CE2 . PHI H 1 8 ? -30.553 -13.897 4.582   1.00 104.39 ? 29 PHI J CE2 1 
HETATM 480  C CZ  . PHI H 1 8 ? -30.263 -15.168 4.108   1.00 104.39 ? 29 PHI J CZ  1 
HETATM 481  I I   . PHI H 1 8 ? -28.611 -15.463 2.986   1.00 104.39 ? 29 PHI J I   1 
HETATM 482  C C   . PHI H 1 8 ? -36.235 -14.554 6.696   1.00 104.39 ? 29 PHI J C   1 
HETATM 483  O O   . PHI H 1 8 ? -36.514 -13.863 7.667   1.00 104.39 ? 29 PHI J O   1 
ATOM   484  N N   . GLY H 1 9 ? -36.912 -15.648 6.401   1.00 104.22 ? 30 GLY J N   1 
ATOM   485  C CA  . GLY H 1 9 ? -38.166 -16.033 7.001   1.00 104.22 ? 30 GLY J CA  1 
ATOM   486  C C   . GLY H 1 9 ? -39.259 -15.129 7.541   1.00 104.22 ? 30 GLY J C   1 
ATOM   487  O O   . GLY H 1 9 ? -40.296 -15.583 8.007   1.00 104.22 ? 30 GLY J O   1 
ATOM   488  O OXT . GLY H 1 9 ? -39.132 -13.905 7.518   1.00 104.22 ? 30 GLY J OXT 1 
ATOM   489  N N   . GLY I 1 1 ? -51.066 -9.096  -3.325  1.00 113.38 ? 22 GLY M N   1 
ATOM   490  C CA  . GLY I 1 1 ? -50.501 -9.664  -2.117  1.00 113.38 ? 22 GLY M CA  1 
ATOM   491  C C   . GLY I 1 1 ? -49.226 -10.446 -2.362  1.00 113.38 ? 22 GLY M C   1 
ATOM   492  O O   . GLY I 1 1 ? -49.159 -11.269 -3.269  1.00 113.38 ? 22 GLY M O   1 
HETATM 493  N N   . PHI I 1 2 ? -48.209 -10.199 -1.546  1.00 114.36 ? 23 PHI M N   1 
HETATM 494  C CA  . PHI I 1 2 ? -46.946 -10.847 -1.745  1.00 114.36 ? 23 PHI M CA  1 
HETATM 495  C CB  . PHI I 1 2 ? -45.794 -9.879  -2.055  1.00 114.36 ? 23 PHI M CB  1 
HETATM 496  C CG  . PHI I 1 2 ? -46.205 -8.993  -3.161  1.00 114.36 ? 23 PHI M CG  1 
HETATM 497  C CD1 . PHI I 1 2 ? -46.543 -9.543  -4.392  1.00 114.36 ? 23 PHI M CD1 1 
HETATM 498  C CD2 . PHI I 1 2 ? -46.269 -7.612  -2.978  1.00 114.36 ? 23 PHI M CD2 1 
HETATM 499  C CE1 . PHI I 1 2 ? -46.947 -8.715  -5.433  1.00 114.36 ? 23 PHI M CE1 1 
HETATM 500  C CE2 . PHI I 1 2 ? -46.667 -6.786  -4.022  1.00 114.36 ? 23 PHI M CE2 1 
HETATM 501  C CZ  . PHI I 1 2 ? -47.004 -7.336  -5.258  1.00 114.36 ? 23 PHI M CZ  1 
HETATM 502  I I   . PHI I 1 2 ? -47.587 -6.142  -6.780  1.00 114.36 ? 23 PHI M I   1 
HETATM 503  C C   . PHI I 1 2 ? -46.534 -11.657 -0.539  1.00 114.36 ? 23 PHI M C   1 
HETATM 504  O O   . PHI I 1 2 ? -46.740 -11.357 0.635   1.00 114.36 ? 23 PHI M O   1 
ATOM   505  N N   . GLY I 1 3 ? -45.885 -12.764 -0.877  1.00 110.35 ? 24 GLY M N   1 
ATOM   506  C CA  . GLY I 1 3 ? -45.485 -13.762 0.089   1.00 110.35 ? 24 GLY M CA  1 
ATOM   507  C C   . GLY I 1 3 ? -44.644 -14.062 1.305   1.00 110.35 ? 24 GLY M C   1 
ATOM   508  O O   . GLY I 1 3 ? -45.151 -14.488 2.341   1.00 110.35 ? 24 GLY M O   1 
ATOM   509  N N   . ASN I 1 4 ? -43.341 -13.846 1.161   1.00 107.46 ? 25 ASN M N   1 
ATOM   510  C CA  . ASN I 1 4 ? -42.392 -14.147 2.219   1.00 107.46 ? 25 ASN M CA  1 
ATOM   511  C C   . ASN I 1 4 ? -41.330 -13.324 1.508   1.00 107.46 ? 25 ASN M C   1 
ATOM   512  O O   . ASN I 1 4 ? -41.602 -12.681 0.494   1.00 107.46 ? 25 ASN M O   1 
ATOM   513  C CB  . ASN I 1 4 ? -41.958 -15.474 2.818   1.00 107.46 ? 25 ASN M CB  1 
ATOM   514  C CG  . ASN I 1 4 ? -41.053 -15.297 3.990   1.00 107.46 ? 25 ASN M CG  1 
ATOM   515  O OD1 . ASN I 1 4 ? -41.096 -14.274 4.658   1.00 107.46 ? 25 ASN M OD1 1 
ATOM   516  N ND2 . ASN I 1 4 ? -40.225 -16.291 4.259   1.00 107.46 ? 25 ASN M ND2 1 
ATOM   517  N N   . GLY I 1 5 ? -40.108 -13.348 2.017   1.00 106.21 ? 26 GLY M N   1 
ATOM   518  C CA  . GLY I 1 5 ? -39.095 -12.396 1.612   1.00 106.21 ? 26 GLY M CA  1 
ATOM   519  C C   . GLY I 1 5 ? -38.940 -12.426 0.108   1.00 106.21 ? 26 GLY M C   1 
ATOM   520  O O   . GLY I 1 5 ? -38.753 -13.488 -0.487  1.00 106.21 ? 26 GLY M O   1 
ATOM   521  N N   . ASN I 1 6 ? -39.033 -11.255 -0.515  1.00 106.13 ? 27 ASN M N   1 
ATOM   522  C CA  . ASN I 1 6 ? -38.777 -11.124 -1.940  1.00 106.13 ? 27 ASN M CA  1 
ATOM   523  C C   . ASN I 1 6 ? -38.572 -9.647  -2.226  1.00 106.13 ? 27 ASN M C   1 
ATOM   524  O O   . ASN I 1 6 ? -38.870 -8.782  -1.402  1.00 106.13 ? 27 ASN M O   1 
ATOM   525  C CB  . ASN I 1 6 ? -39.850 -11.725 -2.860  1.00 106.13 ? 27 ASN M CB  1 
ATOM   526  C CG  . ASN I 1 6 ? -41.176 -10.992 -2.798  1.00 106.13 ? 27 ASN M CG  1 
ATOM   527  O OD1 . ASN I 1 6 ? -41.257 -9.819  -2.453  1.00 106.13 ? 27 ASN M OD1 1 
ATOM   528  N ND2 . ASN I 1 6 ? -42.237 -11.707 -3.118  1.00 106.13 ? 27 ASN M ND2 1 
ATOM   529  N N   . GLY I 1 7 ? -38.070 -9.377  -3.420  1.00 106.98 ? 28 GLY M N   1 
ATOM   530  C CA  . GLY I 1 7 ? -37.782 -8.036  -3.871  1.00 106.98 ? 28 GLY M CA  1 
ATOM   531  C C   . GLY I 1 7 ? -37.346 -8.228  -5.297  1.00 106.98 ? 28 GLY M C   1 
ATOM   532  O O   . GLY I 1 7 ? -36.976 -9.340  -5.672  1.00 106.98 ? 28 GLY M O   1 
HETATM 533  N N   . PHI I 1 8 ? -37.401 -7.163  -6.093  1.00 109.72 ? 29 PHI M N   1 
HETATM 534  C CA  . PHI I 1 8 ? -37.137 -7.252  -7.515  1.00 109.72 ? 29 PHI M CA  1 
HETATM 535  C CB  . PHI I 1 8 ? -38.191 -6.560  -8.393  1.00 109.72 ? 29 PHI M CB  1 
HETATM 536  C CG  . PHI I 1 8 ? -39.525 -6.946  -7.908  1.00 109.72 ? 29 PHI M CG  1 
HETATM 537  C CD1 . PHI I 1 8 ? -39.954 -8.265  -8.082  1.00 109.72 ? 29 PHI M CD1 1 
HETATM 538  C CD2 . PHI I 1 8 ? -40.343 -6.006  -7.272  1.00 109.72 ? 29 PHI M CD2 1 
HETATM 539  C CE1 . PHI I 1 8 ? -41.208 -8.645  -7.627  1.00 109.72 ? 29 PHI M CE1 1 
HETATM 540  C CE2 . PHI I 1 8 ? -41.600 -6.384  -6.812  1.00 109.72 ? 29 PHI M CE2 1 
HETATM 541  C CZ  . PHI I 1 8 ? -42.015 -7.701  -6.997  1.00 109.72 ? 29 PHI M CZ  1 
HETATM 542  I I   . PHI I 1 8 ? -43.821 -8.277  -6.349  1.00 109.72 ? 29 PHI M I   1 
HETATM 543  C C   . PHI I 1 8 ? -35.751 -6.720  -7.767  1.00 109.72 ? 29 PHI M C   1 
HETATM 544  O O   . PHI I 1 8 ? -34.985 -7.156  -8.628  1.00 109.72 ? 29 PHI M O   1 
ATOM   545  N N   . GLY I 1 9 ? -35.416 -5.712  -6.975  1.00 106.25 ? 30 GLY M N   1 
ATOM   546  C CA  . GLY I 1 9 ? -34.131 -5.061  -7.092  1.00 106.25 ? 30 GLY M CA  1 
ATOM   547  C C   . GLY I 1 9 ? -34.244 -3.845  -7.987  1.00 106.25 ? 30 GLY M C   1 
ATOM   548  O O   . GLY I 1 9 ? -33.230 -3.335  -8.465  1.00 106.25 ? 30 GLY M O   1 
ATOM   549  O OXT . GLY I 1 9 ? -35.341 -3.342  -8.250  1.00 106.25 ? 30 GLY M OXT 1 
ATOM   550  N N   . GLY J 1 1 ? -30.003 -32.639 29.774  1.00 108.53 ? 22 GLY P N   1 
ATOM   551  C CA  . GLY J 1 1 ? -28.991 -31.609 29.670  1.00 108.53 ? 22 GLY P CA  1 
ATOM   552  C C   . GLY J 1 1 ? -27.638 -32.165 29.289  1.00 108.53 ? 22 GLY P C   1 
ATOM   553  O O   . GLY J 1 1 ? -27.502 -32.805 28.251  1.00 108.53 ? 22 GLY P O   1 
HETATM 554  N N   . PHI J 1 2 ? -26.635 -31.909 30.123  1.00 109.49 ? 23 PHI P N   1 
HETATM 555  C CA  . PHI J 1 2 ? -25.315 -32.457 29.922  1.00 109.49 ? 23 PHI P CA  1 
HETATM 556  C CB  . PHI J 1 2 ? -24.257 -31.554 29.242  1.00 109.49 ? 23 PHI P CB  1 
HETATM 557  C CG  . PHI J 1 2 ? -24.805 -30.305 28.646  1.00 109.49 ? 23 PHI P CG  1 
HETATM 558  C CD1 . PHI J 1 2 ? -24.808 -30.102 27.256  1.00 109.49 ? 23 PHI P CD1 1 
HETATM 559  C CD2 . PHI J 1 2 ? -25.314 -29.294 29.481  1.00 109.49 ? 23 PHI P CD2 1 
HETATM 560  C CE1 . PHI J 1 2 ? -25.322 -28.913 26.739  1.00 109.49 ? 23 PHI P CE1 1 
HETATM 561  C CE2 . PHI J 1 2 ? -25.832 -28.113 28.952  1.00 109.49 ? 23 PHI P CE2 1 
HETATM 562  C CZ  . PHI J 1 2 ? -25.832 -27.926 27.581  1.00 109.49 ? 23 PHI P CZ  1 
HETATM 563  I I   . PHI J 1 2 ? -26.587 -26.213 26.857  1.00 109.49 ? 23 PHI P I   1 
HETATM 564  C C   . PHI J 1 2 ? -24.661 -32.481 31.275  1.00 109.49 ? 23 PHI P C   1 
HETATM 565  O O   . PHI J 1 2 ? -25.108 -31.878 32.242  1.00 109.49 ? 23 PHI P O   1 
ATOM   566  N N   . GLY J 1 3 ? -23.543 -33.191 31.346  1.00 107.44 ? 24 GLY P N   1 
ATOM   567  C CA  . GLY J 1 3 ? -22.880 -33.415 32.615  1.00 107.44 ? 24 GLY P CA  1 
ATOM   568  C C   . GLY J 1 3 ? -22.062 -32.936 33.794  1.00 107.44 ? 24 GLY P C   1 
ATOM   569  O O   . GLY J 1 3 ? -22.346 -33.263 34.944  1.00 107.44 ? 24 GLY P O   1 
ATOM   570  N N   . ASN J 1 4 ? -21.044 -32.140 33.489  1.00 106.49 ? 25 ASN P N   1 
ATOM   571  C CA  . ASN J 1 4 ? -19.974 -31.819 34.421  1.00 106.49 ? 25 ASN P CA  1 
ATOM   572  C C   . ASN J 1 4 ? -19.871 -30.331 34.095  1.00 106.49 ? 25 ASN P C   1 
ATOM   573  O O   . ASN J 1 4 ? -20.622 -29.786 33.283  1.00 106.49 ? 25 ASN P O   1 
ATOM   574  C CB  . ASN J 1 4 ? -18.594 -32.455 34.400  1.00 106.49 ? 25 ASN P CB  1 
ATOM   575  C CG  . ASN J 1 4 ? -18.644 -33.913 34.668  1.00 106.49 ? 25 ASN P CG  1 
ATOM   576  O OD1 . ASN J 1 4 ? -19.551 -34.393 35.330  1.00 106.49 ? 25 ASN P OD1 1 
ATOM   577  N ND2 . ASN J 1 4 ? -17.702 -34.645 34.108  1.00 106.49 ? 25 ASN P ND2 1 
ATOM   578  N N   . GLY J 1 5 ? -18.922 -29.662 34.750  1.00 105.14 ? 26 GLY P N   1 
ATOM   579  C CA  . GLY J 1 5 ? -18.508 -28.330 34.350  1.00 105.14 ? 26 GLY P CA  1 
ATOM   580  C C   . GLY J 1 5 ? -17.890 -28.318 32.968  1.00 105.14 ? 26 GLY P C   1 
ATOM   581  O O   . GLY J 1 5 ? -16.876 -28.980 32.732  1.00 105.14 ? 26 GLY P O   1 
ATOM   582  N N   . ASN J 1 6 ? -18.470 -27.541 32.061  1.00 103.48 ? 27 ASN P N   1 
ATOM   583  C CA  . ASN J 1 6 ? -18.191 -27.658 30.638  1.00 103.48 ? 27 ASN P CA  1 
ATOM   584  C C   . ASN J 1 6 ? -17.078 -26.716 30.207  1.00 103.48 ? 27 ASN P C   1 
ATOM   585  O O   . ASN J 1 6 ? -17.026 -25.563 30.636  1.00 103.48 ? 27 ASN P O   1 
ATOM   586  C CB  . ASN J 1 6 ? -19.458 -27.352 29.855  1.00 103.48 ? 27 ASN P CB  1 
ATOM   587  C CG  . ASN J 1 6 ? -20.571 -28.303 30.185  1.00 103.48 ? 27 ASN P CG  1 
ATOM   588  O OD1 . ASN J 1 6 ? -20.327 -29.417 30.622  1.00 103.48 ? 27 ASN P OD1 1 
ATOM   589  N ND2 . ASN J 1 6 ? -21.804 -27.862 30.003  1.00 103.48 ? 27 ASN P ND2 1 
ATOM   590  N N   . GLY J 1 7 ? -16.191 -27.215 29.353  1.00 103.00 ? 28 GLY P N   1 
ATOM   591  C CA  . GLY J 1 7 ? -15.131 -26.408 28.766  1.00 103.00 ? 28 GLY P CA  1 
ATOM   592  C C   . GLY J 1 7 ? -14.950 -26.681 27.279  1.00 103.00 ? 28 GLY P C   1 
ATOM   593  O O   . GLY J 1 7 ? -13.831 -26.844 26.799  1.00 103.00 ? 28 GLY P O   1 
HETATM 594  N N   . PHI J 1 8 ? -16.065 -26.727 26.552  1.00 104.36 ? 29 PHI P N   1 
HETATM 595  C CA  . PHI J 1 8 ? -16.072 -27.142 25.165  1.00 104.36 ? 29 PHI P CA  1 
HETATM 596  C CB  . PHI J 1 8 ? -17.460 -27.312 24.512  1.00 104.36 ? 29 PHI P CB  1 
HETATM 597  C CG  . PHI J 1 8 ? -18.555 -26.563 25.174  1.00 104.36 ? 29 PHI P CG  1 
HETATM 598  C CD1 . PHI J 1 8 ? -18.434 -25.198 25.435  1.00 104.36 ? 29 PHI P CD1 1 
HETATM 599  C CD2 . PHI J 1 8 ? -19.740 -27.219 25.512  1.00 104.36 ? 29 PHI P CD2 1 
HETATM 600  C CE1 . PHI J 1 8 ? -19.465 -24.496 26.045  1.00 104.36 ? 29 PHI P CE1 1 
HETATM 601  C CE2 . PHI J 1 8 ? -20.777 -26.519 26.119  1.00 104.36 ? 29 PHI P CE2 1 
HETATM 602  C CZ  . PHI J 1 8 ? -20.640 -25.155 26.385  1.00 104.36 ? 29 PHI P CZ  1 
HETATM 603  I I   . PHI J 1 8 ? -22.115 -24.101 27.273  1.00 104.36 ? 29 PHI P I   1 
HETATM 604  C C   . PHI J 1 8 ? -15.166 -26.012 24.772  1.00 104.36 ? 29 PHI P C   1 
HETATM 605  O O   . PHI J 1 8 ? -15.329 -24.849 25.122  1.00 104.36 ? 29 PHI P O   1 
ATOM   606  N N   . GLY J 1 9 ? -14.166 -26.367 23.983  1.00 101.85 ? 30 GLY P N   1 
ATOM   607  C CA  . GLY J 1 9 ? -13.205 -25.397 23.519  1.00 101.85 ? 30 GLY P CA  1 
ATOM   608  C C   . GLY J 1 9 ? -13.193 -24.012 24.103  1.00 101.85 ? 30 GLY P C   1 
ATOM   609  O O   . GLY J 1 9 ? -12.132 -23.460 24.361  1.00 101.85 ? 30 GLY P O   1 
ATOM   610  O OXT . GLY J 1 9 ? -14.238 -23.419 24.345  1.00 101.85 ? 30 GLY P OXT 1 
ATOM   611  N N   . GLY K 1 1 ? -31.089 -1.737  -18.605 1.00 103.12 ? 22 GLY S N   1 
ATOM   612  C CA  . GLY K 1 1 ? -32.424 -1.476  -19.111 1.00 103.12 ? 22 GLY S CA  1 
ATOM   613  C C   . GLY K 1 1 ? -33.503 -2.082  -18.238 1.00 103.12 ? 22 GLY S C   1 
ATOM   614  O O   . GLY K 1 1 ? -33.208 -2.852  -17.323 1.00 103.12 ? 22 GLY S O   1 
HETATM 615  N N   . PHI K 1 2 ? -34.757 -1.742  -18.517 1.00 105.77 ? 23 PHI S N   1 
HETATM 616  C CA  . PHI K 1 2 ? -35.857 -2.263  -17.723 1.00 105.77 ? 23 PHI S CA  1 
HETATM 617  C CB  . PHI K 1 2 ? -35.975 -1.540  -16.389 1.00 105.77 ? 23 PHI S CB  1 
HETATM 618  C CG  . PHI K 1 2 ? -36.578 -2.559  -15.459 1.00 105.77 ? 23 PHI S CG  1 
HETATM 619  C CD1 . PHI K 1 2 ? -37.910 -2.467  -15.073 1.00 105.77 ? 23 PHI S CD1 1 
HETATM 620  C CD2 . PHI K 1 2 ? -35.788 -3.608  -15.013 1.00 105.77 ? 23 PHI S CD2 1 
HETATM 621  C CE1 . PHI K 1 2 ? -38.447 -3.426  -14.220 1.00 105.77 ? 23 PHI S CE1 1 
HETATM 622  C CE2 . PHI K 1 2 ? -36.324 -4.564  -14.163 1.00 105.77 ? 23 PHI S CE2 1 
HETATM 623  C CZ  . PHI K 1 2 ? -37.651 -4.473  -13.766 1.00 105.77 ? 23 PHI S CZ  1 
HETATM 624  I I   . PHI K 1 2 ? -38.436 -5.926  -12.485 1.00 105.77 ? 23 PHI S I   1 
HETATM 625  C C   . PHI K 1 2 ? -36.696 -1.382  -18.598 1.00 105.77 ? 23 PHI S C   1 
HETATM 626  O O   . PHI K 1 2 ? -36.140 -0.620  -19.415 1.00 105.77 ? 23 PHI S O   1 
ATOM   627  N N   . GLY K 1 3 ? -38.012 -1.457  -18.451 1.00 103.99 ? 24 GLY S N   1 
ATOM   628  C CA  . GLY K 1 3 ? -38.890 -0.604  -19.224 1.00 103.99 ? 24 GLY S CA  1 
ATOM   629  C C   . GLY K 1 3 ? -39.845 0.326   -18.516 1.00 103.99 ? 24 GLY S C   1 
ATOM   630  O O   . GLY K 1 3 ? -39.952 0.301   -17.290 1.00 103.99 ? 24 GLY S O   1 
ATOM   631  N N   . ASN K 1 4 ? -40.583 1.119   -19.282 1.00 103.51 ? 25 ASN S N   1 
ATOM   632  C CA  . ASN K 1 4 ? -41.583 1.991   -18.686 1.00 103.51 ? 25 ASN S CA  1 
ATOM   633  C C   . ASN K 1 4 ? -42.935 1.304   -18.607 1.00 103.51 ? 25 ASN S C   1 
ATOM   634  O O   . ASN K 1 4 ? -43.190 0.343   -19.333 1.00 103.51 ? 25 ASN S O   1 
ATOM   635  C CB  . ASN K 1 4 ? -41.634 3.296   -19.471 1.00 103.51 ? 25 ASN S CB  1 
ATOM   636  C CG  . ASN K 1 4 ? -42.144 3.101   -20.883 1.00 103.51 ? 25 ASN S CG  1 
ATOM   637  O OD1 . ASN K 1 4 ? -42.999 2.253   -21.135 1.00 103.51 ? 25 ASN S OD1 1 
ATOM   638  N ND2 . ASN K 1 4 ? -41.615 3.884   -21.815 1.00 103.51 ? 25 ASN S ND2 1 
ATOM   639  N N   . GLY K 1 5 ? -43.805 1.789   -17.730 1.00 103.42 ? 26 GLY S N   1 
ATOM   640  C CA  . GLY K 1 5 ? -45.131 1.211   -17.605 1.00 103.42 ? 26 GLY S CA  1 
ATOM   641  C C   . GLY K 1 5 ? -45.269 -0.127  -16.911 1.00 103.42 ? 26 GLY S C   1 
ATOM   642  O O   . GLY K 1 5 ? -46.322 -0.758  -16.983 1.00 103.42 ? 26 GLY S O   1 
ATOM   643  N N   . ASN K 1 6 ? -44.212 -0.569  -16.242 1.00 103.80 ? 27 ASN S N   1 
ATOM   644  C CA  . ASN K 1 6 ? -44.269 -1.826  -15.508 1.00 103.80 ? 27 ASN S CA  1 
ATOM   645  C C   . ASN K 1 6 ? -44.888 -1.678  -14.132 1.00 103.80 ? 27 ASN S C   1 
ATOM   646  O O   . ASN K 1 6 ? -44.191 -1.359  -13.170 1.00 103.80 ? 27 ASN S O   1 
ATOM   647  C CB  . ASN K 1 6 ? -42.847 -2.376  -15.424 1.00 103.80 ? 27 ASN S CB  1 
ATOM   648  C CG  . ASN K 1 6 ? -42.289 -2.766  -16.781 1.00 103.80 ? 27 ASN S CG  1 
ATOM   649  O OD1 . ASN K 1 6 ? -43.035 -3.036  -17.722 1.00 103.80 ? 27 ASN S OD1 1 
ATOM   650  N ND2 . ASN K 1 6 ? -40.969 -2.805  -16.884 1.00 103.80 ? 27 ASN S ND2 1 
ATOM   651  N N   . GLY K 1 7 ? -46.192 -1.905  -14.026 1.00 103.74 ? 28 GLY S N   1 
ATOM   652  C CA  . GLY K 1 7 ? -46.864 -1.690  -12.753 1.00 103.74 ? 28 GLY S CA  1 
ATOM   653  C C   . GLY K 1 7 ? -47.088 -3.075  -12.192 1.00 103.74 ? 28 GLY S C   1 
ATOM   654  O O   . GLY K 1 7 ? -47.120 -4.042  -12.952 1.00 103.74 ? 28 GLY S O   1 
HETATM 655  N N   . PHI K 1 8 ? -47.237 -3.205  -10.879 1.00 105.87 ? 29 PHI S N   1 
HETATM 656  C CA  . PHI K 1 8 ? -47.362 -4.527  -10.348 1.00 105.87 ? 29 PHI S CA  1 
HETATM 657  C CB  . PHI K 1 8 ? -46.294 -4.409  -9.241  1.00 105.87 ? 29 PHI S CB  1 
HETATM 658  C CG  . PHI K 1 8 ? -44.963 -4.487  -9.894  1.00 105.87 ? 29 PHI S CG  1 
HETATM 659  C CD1 . PHI K 1 8 ? -44.407 -5.732  -10.198 1.00 105.87 ? 29 PHI S CD1 1 
HETATM 660  C CD2 . PHI K 1 8 ? -44.259 -3.333  -10.230 1.00 105.87 ? 29 PHI S CD2 1 
HETATM 661  C CE1 . PHI K 1 8 ? -43.172 -5.826  -10.816 1.00 105.87 ? 29 PHI S CE1 1 
HETATM 662  C CE2 . PHI K 1 8 ? -43.022 -3.426  -10.856 1.00 105.87 ? 29 PHI S CE2 1 
HETATM 663  C CZ  . PHI K 1 8 ? -42.486 -4.671  -11.145 1.00 105.87 ? 29 PHI S CZ  1 
HETATM 664  I I   . PHI K 1 8 ? -40.694 -4.824  -12.036 1.00 105.87 ? 29 PHI S I   1 
HETATM 665  C C   . PHI K 1 8 ? -48.530 -4.167  -9.479  1.00 105.87 ? 29 PHI S C   1 
HETATM 666  O O   . PHI K 1 8 ? -48.556 -3.176  -8.762  1.00 105.87 ? 29 PHI S O   1 
ATOM   667  N N   . GLY K 1 9 ? -49.564 -4.997  -9.545  1.00 104.58 ? 30 GLY S N   1 
ATOM   668  C CA  . GLY K 1 9 ? -50.750 -4.745  -8.746  1.00 104.58 ? 30 GLY S CA  1 
ATOM   669  C C   . GLY K 1 9 ? -51.843 -4.801  -9.793  1.00 104.58 ? 30 GLY S C   1 
ATOM   670  O O   . GLY K 1 9 ? -51.623 -5.264  -10.913 1.00 104.58 ? 30 GLY S O   1 
ATOM   671  O OXT . GLY K 1 9 ? -52.975 -4.385  -9.550  1.00 104.58 ? 30 GLY S OXT 1 
ATOM   672  N N   . GLY L 1 1 ? -39.797 -20.894 13.393  1.00 96.70  ? 22 GLY V N   1 
ATOM   673  C CA  . GLY L 1 1 ? -39.506 -21.980 14.309  1.00 96.70  ? 22 GLY V CA  1 
ATOM   674  C C   . GLY L 1 1 ? -38.094 -22.514 14.244  1.00 96.70  ? 22 GLY V C   1 
ATOM   675  O O   . GLY L 1 1 ? -37.752 -23.258 13.341  1.00 96.70  ? 22 GLY V O   1 
HETATM 676  N N   . PHI L 1 2 ? -37.280 -22.139 15.222  1.00 97.37  ? 23 PHI V N   1 
HETATM 677  C CA  . PHI L 1 2 ? -35.915 -22.577 15.296  1.00 97.37  ? 23 PHI V CA  1 
HETATM 678  C CB  . PHI L 1 2 ? -34.937 -21.544 14.743  1.00 97.37  ? 23 PHI V CB  1 
HETATM 679  C CG  . PHI L 1 2 ? -35.220 -21.208 13.327  1.00 97.37  ? 23 PHI V CG  1 
HETATM 680  C CD1 . PHI L 1 2 ? -35.132 -22.181 12.336  1.00 97.37  ? 23 PHI V CD1 1 
HETATM 681  C CD2 . PHI L 1 2 ? -35.548 -19.906 12.961  1.00 97.37  ? 23 PHI V CD2 1 
HETATM 682  C CE1 . PHI L 1 2 ? -35.385 -21.852 11.009  1.00 97.37  ? 23 PHI V CE1 1 
HETATM 683  C CE2 . PHI L 1 2 ? -35.799 -19.584 11.631  1.00 97.37  ? 23 PHI V CE2 1 
HETATM 684  C CZ  . PHI L 1 2 ? -35.718 -20.557 10.651  1.00 97.37  ? 23 PHI V CZ  1 
HETATM 685  I I   . PHI L 1 2 ? -36.083 -20.084 8.732   1.00 97.37  ? 23 PHI V I   1 
HETATM 686  C C   . PHI L 1 2 ? -35.414 -22.072 16.637  1.00 97.37  ? 23 PHI V C   1 
HETATM 687  O O   . PHI L 1 2 ? -35.662 -20.950 17.066  1.00 97.37  ? 23 PHI V O   1 
ATOM   688  N N   . GLY L 1 3 ? -34.685 -22.927 17.341  1.00 95.89  ? 24 GLY V N   1 
ATOM   689  C CA  . GLY L 1 3 ? -33.995 -22.497 18.545  1.00 95.89  ? 24 GLY V CA  1 
ATOM   690  C C   . GLY L 1 3 ? -32.572 -22.743 19.007  1.00 95.89  ? 24 GLY V C   1 
ATOM   691  O O   . GLY L 1 3 ? -32.246 -22.509 20.157  1.00 95.89  ? 24 GLY V O   1 
ATOM   692  N N   . ASN L 1 4 ? -31.712 -23.147 18.092  1.00 93.64  ? 25 ASN V N   1 
ATOM   693  C CA  . ASN L 1 4 ? -30.321 -23.489 18.368  1.00 93.64  ? 25 ASN V CA  1 
ATOM   694  C C   . ASN L 1 4 ? -29.368 -22.634 17.554  1.00 93.64  ? 25 ASN V C   1 
ATOM   695  O O   . ASN L 1 4 ? -29.764 -21.638 16.940  1.00 93.64  ? 25 ASN V O   1 
ATOM   696  C CB  . ASN L 1 4 ? -30.244 -24.895 17.787  1.00 93.64  ? 25 ASN V CB  1 
ATOM   697  C CG  . ASN L 1 4 ? -30.807 -25.932 18.701  1.00 93.64  ? 25 ASN V CG  1 
ATOM   698  O OD1 . ASN L 1 4 ? -30.897 -25.723 19.905  1.00 93.64  ? 25 ASN V OD1 1 
ATOM   699  N ND2 . ASN L 1 4 ? -31.146 -27.090 18.144  1.00 93.64  ? 25 ASN V ND2 1 
ATOM   700  N N   . GLY L 1 5 ? -28.103 -22.995 17.576  1.00 92.23  ? 26 GLY V N   1 
ATOM   701  C CA  . GLY L 1 5 ? -27.197 -22.406 16.620  1.00 92.23  ? 26 GLY V CA  1 
ATOM   702  C C   . GLY L 1 5 ? -27.774 -22.429 15.219  1.00 92.23  ? 26 GLY V C   1 
ATOM   703  O O   . GLY L 1 5 ? -28.095 -23.493 14.682  1.00 92.23  ? 26 GLY V O   1 
ATOM   704  N N   . ASN L 1 6 ? -27.858 -21.251 14.601  1.00 91.17  ? 27 ASN V N   1 
ATOM   705  C CA  . ASN L 1 6 ? -28.360 -21.114 13.230  1.00 91.17  ? 27 ASN V CA  1 
ATOM   706  C C   . ASN L 1 6 ? -27.921 -19.710 12.813  1.00 91.17  ? 27 ASN V C   1 
ATOM   707  O O   . ASN L 1 6 ? -28.560 -18.718 13.166  1.00 91.17  ? 27 ASN V O   1 
ATOM   708  C CB  . ASN L 1 6 ? -29.841 -21.317 13.020  1.00 91.17  ? 27 ASN V CB  1 
ATOM   709  C CG  . ASN L 1 6 ? -30.219 -22.763 12.958  1.00 91.17  ? 27 ASN V CG  1 
ATOM   710  O OD1 . ASN L 1 6 ? -29.389 -23.612 12.654  1.00 91.17  ? 27 ASN V OD1 1 
ATOM   711  N ND2 . ASN L 1 6 ? -31.482 -23.054 13.210  1.00 91.17  ? 27 ASN V ND2 1 
ATOM   712  N N   . GLY L 1 7 ? -26.818 -19.651 12.083  1.00 92.32  ? 28 GLY V N   1 
ATOM   713  C CA  . GLY L 1 7 ? -26.164 -18.397 11.807  1.00 92.32  ? 28 GLY V CA  1 
ATOM   714  C C   . GLY L 1 7 ? -26.916 -17.695 10.715  1.00 92.32  ? 28 GLY V C   1 
ATOM   715  O O   . GLY L 1 7 ? -27.382 -16.574 10.901  1.00 92.32  ? 28 GLY V O   1 
HETATM 716  N N   . PHI L 1 8 ? -27.035 -18.370 9.579   1.00 94.85  ? 29 PHI V N   1 
HETATM 717  C CA  . PHI L 1 8 ? -27.667 -17.837 8.397   1.00 94.85  ? 29 PHI V CA  1 
HETATM 718  C CB  . PHI L 1 8 ? -29.155 -17.494 8.409   1.00 94.85  ? 29 PHI V CB  1 
HETATM 719  C CG  . PHI L 1 8 ? -29.959 -18.731 8.434   1.00 94.85  ? 29 PHI V CG  1 
HETATM 720  C CD1 . PHI L 1 8 ? -31.204 -18.722 9.052   1.00 94.85  ? 29 PHI V CD1 1 
HETATM 721  C CD2 . PHI L 1 8 ? -29.493 -19.903 7.862   1.00 94.85  ? 29 PHI V CD2 1 
HETATM 722  C CE1 . PHI L 1 8 ? -31.971 -19.868 9.098   1.00 94.85  ? 29 PHI V CE1 1 
HETATM 723  C CE2 . PHI L 1 8 ? -30.274 -21.048 7.913   1.00 94.85  ? 29 PHI V CE2 1 
HETATM 724  C CZ  . PHI L 1 8 ? -31.510 -21.034 8.535   1.00 94.85  ? 29 PHI V CZ  1 
HETATM 725  I I   . PHI L 1 8 ? -32.661 -22.689 8.611   1.00 94.85  ? 29 PHI V I   1 
HETATM 726  C C   . PHI L 1 8 ? -26.945 -16.572 8.080   1.00 94.85  ? 29 PHI V C   1 
HETATM 727  O O   . PHI L 1 8 ? -27.498 -15.503 7.869   1.00 94.85  ? 29 PHI V O   1 
ATOM   728  N N   . GLY L 1 9 ? -25.629 -16.700 8.123   1.00 95.01  ? 30 GLY V N   1 
ATOM   729  C CA  . GLY L 1 9 ? -24.761 -15.679 7.605   1.00 95.01  ? 30 GLY V CA  1 
ATOM   730  C C   . GLY L 1 9 ? -24.495 -16.009 6.156   1.00 95.01  ? 30 GLY V C   1 
ATOM   731  O O   . GLY L 1 9 ? -23.405 -15.781 5.657   1.00 95.01  ? 30 GLY V O   1 
ATOM   732  O OXT . GLY L 1 9 ? -25.351 -16.525 5.444   1.00 95.01  ? 30 GLY V OXT 1 
ATOM   733  N N   . GLY M 1 1 ? 50.915  13.986  0.697   1.00 96.01  ? 22 GLY H N   1 
ATOM   734  C CA  . GLY M 1 1 ? 50.018  13.298  -0.212  1.00 96.01  ? 22 GLY H CA  1 
ATOM   735  C C   . GLY M 1 1 ? 48.714  12.877  0.431   1.00 96.01  ? 22 GLY H C   1 
ATOM   736  O O   . GLY M 1 1 ? 48.710  12.210  1.466   1.00 96.01  ? 22 GLY H O   1 
HETATM 737  N N   . PHI M 1 2 ? 47.603  13.299  -0.160  1.00 96.63  ? 23 PHI H N   1 
HETATM 738  C CA  . PHI M 1 2 ? 46.297  12.957  0.365   1.00 96.63  ? 23 PHI H CA  1 
HETATM 739  C CB  . PHI M 1 2 ? 46.025  13.653  1.688   1.00 96.63  ? 23 PHI H CB  1 
HETATM 740  C CG  . PHI M 1 2 ? 46.019  12.587  2.753   1.00 96.63  ? 23 PHI H CG  1 
HETATM 741  C CD1 . PHI M 1 2 ? 45.435  11.356  2.481   1.00 96.63  ? 23 PHI H CD1 1 
HETATM 742  C CD2 . PHI M 1 2 ? 46.604  12.827  3.987   1.00 96.63  ? 23 PHI H CD2 1 
HETATM 743  C CE1 . PHI M 1 2 ? 45.425  10.363  3.450   1.00 96.63  ? 23 PHI H CE1 1 
HETATM 744  C CE2 . PHI M 1 2 ? 46.595  11.834  4.958   1.00 96.63  ? 23 PHI H CE2 1 
HETATM 745  C CZ  . PHI M 1 2 ? 46.007  10.604  4.689   1.00 96.63  ? 23 PHI H CZ  1 
HETATM 746  I I   . PHI M 1 2 ? 45.997  9.113   6.152   1.00 96.63  ? 23 PHI H I   1 
HETATM 747  C C   . PHI M 1 2 ? 46.045  13.241  -1.073  1.00 96.63  ? 23 PHI H C   1 
HETATM 748  O O   . PHI M 1 2 ? 46.956  13.727  -1.776  1.00 96.63  ? 23 PHI H O   1 
ATOM   749  N N   . GLY M 1 3 ? 44.822  12.993  -1.528  1.00 93.55  ? 24 GLY H N   1 
ATOM   750  C CA  . GLY M 1 3 ? 44.479  13.203  -2.922  1.00 93.55  ? 24 GLY H CA  1 
ATOM   751  C C   . GLY M 1 3 ? 43.012  12.902  -2.707  1.00 93.55  ? 24 GLY H C   1 
ATOM   752  O O   . GLY M 1 3 ? 42.562  12.713  -1.578  1.00 93.55  ? 24 GLY H O   1 
ATOM   753  N N   . ASN M 1 4 ? 42.251  12.852  -3.792  1.00 92.08  ? 25 ASN H N   1 
ATOM   754  C CA  . ASN M 1 4 ? 40.814  12.634  -3.670  1.00 92.08  ? 25 ASN H CA  1 
ATOM   755  C C   . ASN M 1 4 ? 40.370  11.222  -3.350  1.00 92.08  ? 25 ASN H C   1 
ATOM   756  O O   . ASN M 1 4 ? 41.178  10.294  -3.364  1.00 92.08  ? 25 ASN H O   1 
ATOM   757  C CB  . ASN M 1 4 ? 40.151  13.090  -4.970  1.00 92.08  ? 25 ASN H CB  1 
ATOM   758  C CG  . ASN M 1 4 ? 40.231  14.586  -5.166  1.00 92.08  ? 25 ASN H CG  1 
ATOM   759  O OD1 . ASN M 1 4 ? 40.382  15.341  -4.206  1.00 92.08  ? 25 ASN H OD1 1 
ATOM   760  N ND2 . ASN M 1 4 ? 40.134  15.025  -6.414  1.00 92.08  ? 25 ASN H ND2 1 
ATOM   761  N N   . GLY M 1 5 ? 39.085  11.057  -3.061  1.00 91.45  ? 26 GLY H N   1 
ATOM   762  C CA  . GLY M 1 5 ? 38.544  9.742   -2.772  1.00 91.45  ? 26 GLY H CA  1 
ATOM   763  C C   . GLY M 1 5 ? 39.496  8.902   -1.952  1.00 91.45  ? 26 GLY H C   1 
ATOM   764  O O   . GLY M 1 5 ? 39.725  7.737   -2.272  1.00 91.45  ? 26 GLY H O   1 
ATOM   765  N N   . ASN M 1 6 ? 40.057  9.476   -0.894  1.00 91.56  ? 27 ASN H N   1 
ATOM   766  C CA  . ASN M 1 6 ? 40.912  8.690   -0.037  1.00 91.56  ? 27 ASN H CA  1 
ATOM   767  C C   . ASN M 1 6 ? 39.820  8.172   0.879   1.00 91.56  ? 27 ASN H C   1 
ATOM   768  O O   . ASN M 1 6 ? 39.273  8.893   1.711   1.00 91.56  ? 27 ASN H O   1 
ATOM   769  C CB  . ASN M 1 6 ? 41.947  9.553   0.630   1.00 91.56  ? 27 ASN H CB  1 
ATOM   770  C CG  . ASN M 1 6 ? 43.024  9.962   -0.308  1.00 91.56  ? 27 ASN H CG  1 
ATOM   771  O OD1 . ASN M 1 6 ? 43.274  9.318   -1.323  1.00 91.56  ? 27 ASN H OD1 1 
ATOM   772  N ND2 . ASN M 1 6 ? 43.660  11.068  0.003   1.00 91.56  ? 27 ASN H ND2 1 
ATOM   773  N N   . GLY M 1 7 ? 39.456  6.918   0.673   1.00 92.49  ? 28 GLY H N   1 
ATOM   774  C CA  . GLY M 1 7 ? 38.378  6.341   1.442   1.00 92.49  ? 28 GLY H CA  1 
ATOM   775  C C   . GLY M 1 7 ? 38.600  4.865   1.622   1.00 92.49  ? 28 GLY H C   1 
ATOM   776  O O   . GLY M 1 7 ? 38.455  4.079   0.690   1.00 92.49  ? 28 GLY H O   1 
HETATM 777  N N   . PHI M 1 8 ? 38.951  4.484   2.838   1.00 95.35  ? 29 PHI H N   1 
HETATM 778  C CA  . PHI M 1 8 ? 39.363  3.130   3.112   1.00 95.35  ? 29 PHI H CA  1 
HETATM 779  C CB  . PHI M 1 8 ? 40.289  3.055   4.337   1.00 95.35  ? 29 PHI H CB  1 
HETATM 780  C CG  . PHI M 1 8 ? 41.010  4.354   4.465   1.00 95.35  ? 29 PHI H CG  1 
HETATM 781  C CD1 . PHI M 1 8 ? 42.026  4.693   3.571   1.00 95.35  ? 29 PHI H CD1 1 
HETATM 782  C CD2 . PHI M 1 8 ? 40.681  5.253   5.483   1.00 95.35  ? 29 PHI H CD2 1 
HETATM 783  C CE1 . PHI M 1 8 ? 42.691  5.905   3.704   1.00 95.35  ? 29 PHI H CE1 1 
HETATM 784  C CE2 . PHI M 1 8 ? 41.352  6.464   5.613   1.00 95.35  ? 29 PHI H CE2 1 
HETATM 785  C CZ  . PHI M 1 8 ? 42.357  6.787   4.720   1.00 95.35  ? 29 PHI H CZ  1 
HETATM 786  I I   . PHI M 1 8 ? 43.330  8.534   4.888   1.00 95.35  ? 29 PHI H I   1 
HETATM 787  C C   . PHI M 1 8 ? 38.159  2.244   3.326   1.00 95.35  ? 29 PHI H C   1 
HETATM 788  O O   . PHI M 1 8 ? 37.942  1.210   2.705   1.00 95.35  ? 29 PHI H O   1 
ATOM   789  N N   . GLY M 1 9 ? 37.327  2.680   4.259   1.00 93.13  ? 30 GLY H N   1 
ATOM   790  C CA  . GLY M 1 9 ? 36.085  1.995   4.530   1.00 93.13  ? 30 GLY H CA  1 
ATOM   791  C C   . GLY M 1 9 ? 36.287  0.651   5.183   1.00 93.13  ? 30 GLY H C   1 
ATOM   792  O O   . GLY M 1 9 ? 35.324  -0.048  5.477   1.00 93.13  ? 30 GLY H O   1 
ATOM   793  O OXT . GLY M 1 9 ? 37.409  0.229   5.428   1.00 93.13  ? 30 GLY H OXT 1 
ATOM   794  N N   . GLY N 1 1 ? 39.932  23.320  -11.512 1.00 104.92 ? 22 GLY K N   1 
ATOM   795  C CA  . GLY N 1 1 ? 38.764  23.828  -12.206 1.00 104.92 ? 22 GLY K CA  1 
ATOM   796  C C   . GLY N 1 1 ? 37.989  22.724  -12.883 1.00 104.92 ? 22 GLY K C   1 
ATOM   797  O O   . GLY N 1 1 ? 38.344  21.560  -12.750 1.00 104.92 ? 22 GLY K O   1 
HETATM 798  N N   . PHI N 1 2 ? 36.923  23.076  -13.587 1.00 105.79 ? 23 PHI K N   1 
HETATM 799  C CA  . PHI N 1 2 ? 36.186  22.121  -14.373 1.00 105.79 ? 23 PHI K CA  1 
HETATM 800  C CB  . PHI N 1 2 ? 35.143  21.248  -13.651 1.00 105.79 ? 23 PHI K CB  1 
HETATM 801  C CG  . PHI N 1 2 ? 35.574  20.561  -12.407 1.00 105.79 ? 23 PHI K CG  1 
HETATM 802  C CD1 . PHI N 1 2 ? 35.867  19.201  -12.424 1.00 105.79 ? 23 PHI K CD1 1 
HETATM 803  C CD2 . PHI N 1 2 ? 35.657  21.272  -11.205 1.00 105.79 ? 23 PHI K CD2 1 
HETATM 804  C CE1 . PHI N 1 2 ? 36.251  18.576  -11.251 1.00 105.79 ? 23 PHI K CE1 1 
HETATM 805  C CE2 . PHI N 1 2 ? 36.046  20.645  -10.037 1.00 105.79 ? 23 PHI K CE2 1 
HETATM 806  C CZ  . PHI N 1 2 ? 36.343  19.294  -10.066 1.00 105.79 ? 23 PHI K CZ  1 
HETATM 807  I I   . PHI N 1 2 ? 36.908  18.373  -8.370  1.00 105.79 ? 23 PHI K I   1 
HETATM 808  C C   . PHI N 1 2 ? 35.415  22.891  -15.407 1.00 105.79 ? 23 PHI K C   1 
HETATM 809  O O   . PHI N 1 2 ? 35.219  24.100  -15.335 1.00 105.79 ? 23 PHI K O   1 
ATOM   810  N N   . GLY N 1 3 ? 34.939  22.151  -16.400 1.00 104.44 ? 24 GLY K N   1 
ATOM   811  C CA  . GLY N 1 3 ? 34.257  22.740  -17.535 1.00 104.44 ? 24 GLY K CA  1 
ATOM   812  C C   . GLY N 1 3 ? 32.822  22.902  -17.097 1.00 104.44 ? 24 GLY K C   1 
ATOM   813  O O   . GLY N 1 3 ? 32.465  22.634  -15.959 1.00 104.44 ? 24 GLY K O   1 
ATOM   814  N N   . ASN N 1 4 ? 31.992  23.375  -18.015 1.00 103.69 ? 25 ASN K N   1 
ATOM   815  C CA  . ASN N 1 4 ? 30.570  23.527  -17.760 1.00 103.69 ? 25 ASN K CA  1 
ATOM   816  C C   . ASN N 1 4 ? 29.591  22.452  -17.335 1.00 103.69 ? 25 ASN K C   1 
ATOM   817  O O   . ASN N 1 4 ? 28.603  22.771  -16.679 1.00 103.69 ? 25 ASN K O   1 
ATOM   818  C CB  . ASN N 1 4 ? 30.059  24.231  -19.019 1.00 103.69 ? 25 ASN K CB  1 
ATOM   819  C CG  . ASN N 1 4 ? 30.774  25.539  -19.271 1.00 103.69 ? 25 ASN K CG  1 
ATOM   820  O OD1 . ASN N 1 4 ? 31.329  26.139  -18.354 1.00 103.69 ? 25 ASN K OD1 1 
ATOM   821  N ND2 . ASN N 1 4 ? 30.768  25.987  -20.513 1.00 103.69 ? 25 ASN K ND2 1 
ATOM   822  N N   . GLY N 1 5 ? 29.840  21.190  -17.687 1.00 102.52 ? 26 GLY K N   1 
ATOM   823  C CA  . GLY N 1 5 ? 28.982  20.096  -17.265 1.00 102.52 ? 26 GLY K CA  1 
ATOM   824  C C   . GLY N 1 5 ? 29.348  19.524  -15.911 1.00 102.52 ? 26 GLY K C   1 
ATOM   825  O O   . GLY N 1 5 ? 30.182  18.619  -15.801 1.00 102.52 ? 26 GLY K O   1 
ATOM   826  N N   . ASN N 1 6 ? 28.676  20.024  -14.879 1.00 102.13 ? 27 ASN K N   1 
ATOM   827  C CA  . ASN N 1 6 ? 29.033  19.819  -13.486 1.00 102.13 ? 27 ASN K CA  1 
ATOM   828  C C   . ASN N 1 6 ? 27.871  19.259  -12.709 1.00 102.13 ? 27 ASN K C   1 
ATOM   829  O O   . ASN N 1 6 ? 27.589  19.670  -11.585 1.00 102.13 ? 27 ASN K O   1 
ATOM   830  C CB  . ASN N 1 6 ? 29.457  21.118  -12.841 1.00 102.13 ? 27 ASN K CB  1 
ATOM   831  C CG  . ASN N 1 6 ? 30.763  21.577  -13.331 1.00 102.13 ? 27 ASN K CG  1 
ATOM   832  O OD1 . ASN N 1 6 ? 31.512  20.809  -13.921 1.00 102.13 ? 27 ASN K OD1 1 
ATOM   833  N ND2 . ASN N 1 6 ? 31.086  22.824  -13.055 1.00 102.13 ? 27 ASN K ND2 1 
ATOM   834  N N   . GLY N 1 7 ? 27.165  18.316  -13.297 1.00 101.86 ? 28 GLY K N   1 
ATOM   835  C CA  . GLY N 1 7 ? 26.113  17.658  -12.569 1.00 101.86 ? 28 GLY K CA  1 
ATOM   836  C C   . GLY N 1 7 ? 26.740  16.499  -11.849 1.00 101.86 ? 28 GLY K C   1 
ATOM   837  O O   . GLY N 1 7 ? 26.911  15.428  -12.420 1.00 101.86 ? 28 GLY K O   1 
HETATM 838  N N   . PHI N 1 8 ? 27.128  16.721  -10.604 1.00 102.71 ? 29 PHI K N   1 
HETATM 839  C CA  . PHI N 1 8 ? 27.663  15.656  -9.804  1.00 102.71 ? 29 PHI K CA  1 
HETATM 840  C CB  . PHI N 1 8 ? 29.017  15.922  -9.128  1.00 102.71 ? 29 PHI K CB  1 
HETATM 841  C CG  . PHI N 1 8 ? 30.188  15.911  -10.049 1.00 102.71 ? 29 PHI K CG  1 
HETATM 842  C CD1 . PHI N 1 8 ? 30.459  14.845  -10.908 1.00 102.71 ? 29 PHI K CD1 1 
HETATM 843  C CD2 . PHI N 1 8 ? 31.054  17.008  -10.027 1.00 102.71 ? 29 PHI K CD2 1 
HETATM 844  C CE1 . PHI N 1 8 ? 31.574  14.905  -11.739 1.00 102.71 ? 29 PHI K CE1 1 
HETATM 845  C CE2 . PHI N 1 8 ? 32.160  17.054  -10.850 1.00 102.71 ? 29 PHI K CE2 1 
HETATM 846  C CZ  . PHI N 1 8 ? 32.417  16.006  -11.705 1.00 102.71 ? 29 PHI K CZ  1 
HETATM 847  I I   . PHI N 1 8 ? 34.043  16.122  -12.890 1.00 102.71 ? 29 PHI K I   1 
HETATM 848  C C   . PHI N 1 8 ? 26.677  15.390  -8.711  1.00 102.71 ? 29 PHI K C   1 
HETATM 849  O O   . PHI N 1 8 ? 26.528  16.126  -7.745  1.00 102.71 ? 29 PHI K O   1 
ATOM   850  N N   . GLY N 1 9 ? 25.961  14.289  -8.875  1.00 98.39  ? 30 GLY K N   1 
ATOM   851  C CA  . GLY N 1 9 ? 25.066  13.822  -7.840  1.00 98.39  ? 30 GLY K CA  1 
ATOM   852  C C   . GLY N 1 9 ? 23.616  13.678  -8.253  1.00 98.39  ? 30 GLY K C   1 
ATOM   853  O O   . GLY N 1 9 ? 23.198  12.643  -8.775  1.00 98.39  ? 30 GLY K O   1 
ATOM   854  O OXT . GLY N 1 9 ? 22.823  14.594  -8.059  1.00 98.39  ? 30 GLY K OXT 1 
ATOM   855  N N   . GLY O 1 1 ? 14.116  16.666  -17.619 1.00 101.34 ? 22 GLY N N   1 
ATOM   856  C CA  . GLY O 1 1 ? 13.995  15.963  -18.882 1.00 101.34 ? 22 GLY N CA  1 
ATOM   857  C C   . GLY O 1 1 ? 15.359  15.540  -19.375 1.00 101.34 ? 22 GLY N C   1 
ATOM   858  O O   . GLY O 1 1 ? 15.502  14.581  -20.133 1.00 101.34 ? 22 GLY N O   1 
HETATM 859  N N   . PHI O 1 2 ? 16.374  16.265  -18.925 1.00 105.50 ? 23 PHI N N   1 
HETATM 860  C CA  . PHI O 1 2 ? 17.724  15.941  -19.272 1.00 105.50 ? 23 PHI N CA  1 
HETATM 861  C CB  . PHI O 1 2 ? 18.591  17.163  -19.642 1.00 105.50 ? 23 PHI N CB  1 
HETATM 862  C CG  . PHI O 1 2 ? 18.073  17.593  -20.960 1.00 105.50 ? 23 PHI N CG  1 
HETATM 863  C CD1 . PHI O 1 2 ? 18.516  16.965  -22.126 1.00 105.50 ? 23 PHI N CD1 1 
HETATM 864  C CD2 . PHI O 1 2 ? 17.114  18.594  -21.062 1.00 105.50 ? 23 PHI N CD2 1 
HETATM 865  C CE1 . PHI O 1 2 ? 18.036  17.334  -23.379 1.00 105.50 ? 23 PHI N CE1 1 
HETATM 866  C CE2 . PHI O 1 2 ? 16.629  18.960  -22.310 1.00 105.50 ? 23 PHI N CE2 1 
HETATM 867  C CZ  . PHI O 1 2 ? 17.086  18.336  -23.469 1.00 105.50 ? 23 PHI N CZ  1 
HETATM 868  I I   . PHI O 1 2 ? 16.372  18.869  -25.276 1.00 105.50 ? 23 PHI N I   1 
HETATM 869  C C   . PHI O 1 2 ? 18.078  14.997  -18.151 1.00 105.50 ? 23 PHI N C   1 
HETATM 870  O O   . PHI O 1 2 ? 17.413  14.852  -17.131 1.00 105.50 ? 23 PHI N O   1 
ATOM   871  N N   . GLY O 1 3 ? 19.190  14.307  -18.388 1.00 101.83 ? 24 GLY N N   1 
ATOM   872  C CA  . GLY O 1 3 ? 19.678  13.253  -17.528 1.00 101.83 ? 24 GLY N CA  1 
ATOM   873  C C   . GLY O 1 3 ? 20.451  12.983  -16.259 1.00 101.83 ? 24 GLY N C   1 
ATOM   874  O O   . GLY O 1 3 ? 20.077  12.138  -15.445 1.00 101.83 ? 24 GLY N O   1 
ATOM   875  N N   . ASN O 1 4 ? 21.537  13.727  -16.085 1.00 99.89  ? 25 ASN N N   1 
ATOM   876  C CA  . ASN O 1 4 ? 22.607  13.328  -15.182 1.00 99.89  ? 25 ASN N CA  1 
ATOM   877  C C   . ASN O 1 4 ? 22.941  14.729  -15.678 1.00 99.89  ? 25 ASN N C   1 
ATOM   878  O O   . ASN O 1 4 ? 22.159  15.345  -16.409 1.00 99.89  ? 25 ASN N O   1 
ATOM   879  C CB  . ASN O 1 4 ? 23.790  12.384  -15.313 1.00 99.89  ? 25 ASN N CB  1 
ATOM   880  C CG  . ASN O 1 4 ? 23.380  10.944  -15.172 1.00 99.89  ? 25 ASN N CG  1 
ATOM   881  O OD1 . ASN O 1 4 ? 22.345  10.641  -14.577 1.00 99.89  ? 25 ASN N OD1 1 
ATOM   882  N ND2 . ASN O 1 4 ? 24.192  10.043  -15.699 1.00 99.89  ? 25 ASN N ND2 1 
ATOM   883  N N   . GLY O 1 5 ? 24.110  15.228  -15.293 1.00 100.55 ? 26 GLY N N   1 
ATOM   884  C CA  . GLY O 1 5 ? 24.578  16.534  -15.703 1.00 100.55 ? 26 GLY N CA  1 
ATOM   885  C C   . GLY O 1 5 ? 24.768  17.092  -17.091 1.00 100.55 ? 26 GLY N C   1 
ATOM   886  O O   . GLY O 1 5 ? 25.366  16.431  -17.942 1.00 100.55 ? 26 GLY N O   1 
ATOM   887  N N   . ASN O 1 6 ? 24.262  18.294  -17.343 1.00 100.58 ? 27 ASN N N   1 
ATOM   888  C CA  . ASN O 1 6 ? 24.267  18.848  -18.694 1.00 100.58 ? 27 ASN N CA  1 
ATOM   889  C C   . ASN O 1 6 ? 24.354  20.362  -18.609 1.00 100.58 ? 27 ASN N C   1 
ATOM   890  O O   . ASN O 1 6 ? 23.409  21.017  -18.166 1.00 100.58 ? 27 ASN N O   1 
ATOM   891  C CB  . ASN O 1 6 ? 23.034  18.411  -19.485 1.00 100.58 ? 27 ASN N CB  1 
ATOM   892  C CG  . ASN O 1 6 ? 23.223  17.073  -20.200 1.00 100.58 ? 27 ASN N CG  1 
ATOM   893  O OD1 . ASN O 1 6 ? 24.337  16.668  -20.526 1.00 100.58 ? 27 ASN N OD1 1 
ATOM   894  N ND2 . ASN O 1 6 ? 22.122  16.394  -20.460 1.00 100.58 ? 27 ASN N ND2 1 
ATOM   895  N N   . GLY O 1 7 ? 25.500  20.896  -19.027 1.00 103.69 ? 28 GLY N N   1 
ATOM   896  C CA  . GLY O 1 7 ? 25.720  22.322  -19.159 1.00 103.69 ? 28 GLY N CA  1 
ATOM   897  C C   . GLY O 1 7 ? 26.033  22.635  -20.602 1.00 103.69 ? 28 GLY N C   1 
ATOM   898  O O   . GLY O 1 7 ? 26.698  21.854  -21.263 1.00 103.69 ? 28 GLY N O   1 
HETATM 899  N N   . PHI O 1 8 ? 25.566  23.781  -21.088 1.00 107.36 ? 29 PHI N N   1 
HETATM 900  C CA  . PHI O 1 8 ? 25.488  24.018  -22.510 1.00 107.36 ? 29 PHI N CA  1 
HETATM 901  C CB  . PHI O 1 8 ? 24.271  24.877  -22.886 1.00 107.36 ? 29 PHI N CB  1 
HETATM 902  C CG  . PHI O 1 8 ? 23.165  23.904  -22.784 1.00 107.36 ? 29 PHI N CG  1 
HETATM 903  C CD1 . PHI O 1 8 ? 23.062  22.882  -23.724 1.00 107.36 ? 29 PHI N CD1 1 
HETATM 904  C CD2 . PHI O 1 8 ? 22.264  23.972  -21.728 1.00 107.36 ? 29 PHI N CD2 1 
HETATM 905  C CE1 . PHI O 1 8 ? 22.051  21.941  -23.630 1.00 107.36 ? 29 PHI N CE1 1 
HETATM 906  C CE2 . PHI O 1 8 ? 21.250  23.034  -21.638 1.00 107.36 ? 29 PHI N CE2 1 
HETATM 907  C CZ  . PHI O 1 8 ? 21.143  22.021  -22.585 1.00 107.36 ? 29 PHI N CZ  1 
HETATM 908  I I   . PHI O 1 8 ? 19.665  20.667  -22.430 1.00 107.36 ? 29 PHI N I   1 
HETATM 909  C C   . PHI O 1 8 ? 26.712  24.663  -23.111 1.00 107.36 ? 29 PHI N C   1 
HETATM 910  O O   . PHI O 1 8 ? 27.238  24.248  -24.145 1.00 107.36 ? 29 PHI N O   1 
ATOM   911  N N   . GLY O 1 9 ? 27.192  25.719  -22.469 1.00 105.14 ? 30 GLY N N   1 
ATOM   912  C CA  . GLY O 1 9 ? 28.491  26.245  -22.844 1.00 105.14 ? 30 GLY N CA  1 
ATOM   913  C C   . GLY O 1 9 ? 28.619  27.743  -22.954 1.00 105.14 ? 30 GLY N C   1 
ATOM   914  O O   . GLY O 1 9 ? 29.388  28.237  -23.770 1.00 105.14 ? 30 GLY N O   1 
ATOM   915  O OXT . GLY O 1 9 ? 27.966  28.489  -22.236 1.00 105.14 ? 30 GLY N OXT 1 
ATOM   916  N N   . GLY P 1 1 ? 36.272  3.659   15.478  1.00 85.22  ? 22 GLY Q N   1 
ATOM   917  C CA  . GLY P 1 1 ? 36.635  3.272   16.828  1.00 85.22  ? 22 GLY Q CA  1 
ATOM   918  C C   . GLY P 1 1 ? 36.305  1.826   17.127  1.00 85.22  ? 22 GLY Q C   1 
ATOM   919  O O   . GLY P 1 1 ? 35.145  1.491   17.343  1.00 85.22  ? 22 GLY Q O   1 
HETATM 920  N N   . PHI P 1 2 ? 37.323  0.971   17.168  1.00 87.81  ? 23 PHI Q N   1 
HETATM 921  C CA  . PHI P 1 2 ? 37.094  -0.455  17.224  1.00 87.81  ? 23 PHI Q CA  1 
HETATM 922  C CB  . PHI P 1 2 ? 37.520  -1.252  15.964  1.00 87.81  ? 23 PHI Q CB  1 
HETATM 923  C CG  . PHI P 1 2 ? 37.411  -0.587  14.638  1.00 87.81  ? 23 PHI Q CG  1 
HETATM 924  C CD1 . PHI P 1 2 ? 37.850  0.720   14.415  1.00 87.81  ? 23 PHI Q CD1 1 
HETATM 925  C CD2 . PHI P 1 2 ? 36.893  -1.301  13.562  1.00 87.81  ? 23 PHI Q CD2 1 
HETATM 926  C CE1 . PHI P 1 2 ? 37.744  1.322   13.173  1.00 87.81  ? 23 PHI Q CE1 1 
HETATM 927  C CE2 . PHI P 1 2 ? 36.799  -0.699  12.311  1.00 87.81  ? 23 PHI Q CE2 1 
HETATM 928  C CZ  . PHI P 1 2 ? 37.223  0.609   12.107  1.00 87.81  ? 23 PHI Q CZ  1 
HETATM 929  I I   . PHI P 1 2 ? 37.077  1.478   10.290  1.00 87.81  ? 23 PHI Q I   1 
HETATM 930  C C   . PHI P 1 2 ? 38.435  -0.889  17.807  1.00 87.81  ? 23 PHI Q C   1 
HETATM 931  O O   . PHI P 1 2 ? 39.365  -0.119  18.015  1.00 87.81  ? 23 PHI Q O   1 
ATOM   932  N N   . GLY P 1 3 ? 38.538  -2.183  18.094  1.00 87.45  ? 24 GLY Q N   1 
ATOM   933  C CA  . GLY P 1 3 ? 39.607  -2.662  18.948  1.00 87.45  ? 24 GLY Q CA  1 
ATOM   934  C C   . GLY P 1 3 ? 41.074  -2.705  19.337  1.00 87.45  ? 24 GLY Q C   1 
ATOM   935  O O   . GLY P 1 3 ? 41.390  -2.790  20.516  1.00 87.45  ? 24 GLY Q O   1 
ATOM   936  N N   . ASN P 1 4 ? 41.986  -2.700  18.367  1.00 88.66  ? 25 ASN Q N   1 
ATOM   937  C CA  . ASN P 1 4 ? 43.370  -3.032  18.675  1.00 88.66  ? 25 ASN Q CA  1 
ATOM   938  C C   . ASN P 1 4 ? 44.383  -1.922  18.440  1.00 88.66  ? 25 ASN Q C   1 
ATOM   939  O O   . ASN P 1 4 ? 44.989  -1.417  19.388  1.00 88.66  ? 25 ASN Q O   1 
ATOM   940  C CB  . ASN P 1 4 ? 43.868  -4.224  17.854  1.00 88.66  ? 25 ASN Q CB  1 
ATOM   941  C CG  . ASN P 1 4 ? 43.253  -5.511  18.299  1.00 88.66  ? 25 ASN Q CG  1 
ATOM   942  O OD1 . ASN P 1 4 ? 42.789  -5.618  19.437  1.00 88.66  ? 25 ASN Q OD1 1 
ATOM   943  N ND2 . ASN P 1 4 ? 43.213  -6.498  17.403  1.00 88.66  ? 25 ASN Q ND2 1 
ATOM   944  N N   . GLY P 1 5 ? 44.543  -1.499  17.188  1.00 89.21  ? 26 GLY Q N   1 
ATOM   945  C CA  . GLY P 1 5 ? 45.589  -0.565  16.828  1.00 89.21  ? 26 GLY Q CA  1 
ATOM   946  C C   . GLY P 1 5 ? 45.393  -0.083  15.411  1.00 89.21  ? 26 GLY Q C   1 
ATOM   947  O O   . GLY P 1 5 ? 45.349  -0.899  14.489  1.00 89.21  ? 26 GLY Q O   1 
ATOM   948  N N   . ASN P 1 6 ? 45.279  1.222   15.205  1.00 89.69  ? 27 ASN Q N   1 
ATOM   949  C CA  . ASN P 1 6 ? 44.927  1.769   13.904  1.00 89.69  ? 27 ASN Q CA  1 
ATOM   950  C C   . ASN P 1 6 ? 45.935  2.856   13.568  1.00 89.69  ? 27 ASN Q C   1 
ATOM   951  O O   . ASN P 1 6 ? 46.174  3.757   14.379  1.00 89.69  ? 27 ASN Q O   1 
ATOM   952  C CB  . ASN P 1 6 ? 43.489  2.255   13.925  1.00 89.69  ? 27 ASN Q CB  1 
ATOM   953  C CG  . ASN P 1 6 ? 42.515  1.123   14.073  1.00 89.69  ? 27 ASN Q CG  1 
ATOM   954  O OD1 . ASN P 1 6 ? 42.812  -0.011  13.711  1.00 89.69  ? 27 ASN Q OD1 1 
ATOM   955  N ND2 . ASN P 1 6 ? 41.351  1.415   14.628  1.00 89.69  ? 27 ASN Q ND2 1 
ATOM   956  N N   . GLY P 1 7 ? 46.518  2.770   12.377  1.00 93.26  ? 28 GLY Q N   1 
ATOM   957  C CA  . GLY P 1 7 ? 47.553  3.700   11.962  1.00 93.26  ? 28 GLY Q CA  1 
ATOM   958  C C   . GLY P 1 7 ? 47.173  4.828   11.019  1.00 93.26  ? 28 GLY Q C   1 
ATOM   959  O O   . GLY P 1 7 ? 47.262  5.997   11.389  1.00 93.26  ? 28 GLY Q O   1 
HETATM 960  N N   . PHI P 1 8 ? 46.771  4.466   9.796   1.00 96.49  ? 29 PHI Q N   1 
HETATM 961  C CA  . PHI P 1 8 ? 46.262  5.394   8.779   1.00 96.49  ? 29 PHI Q CA  1 
HETATM 962  C CB  . PHI P 1 8 ? 44.787  5.790   9.003   1.00 96.49  ? 29 PHI Q CB  1 
HETATM 963  C CG  . PHI P 1 8 ? 43.899  4.616   8.921   1.00 96.49  ? 29 PHI Q CG  1 
HETATM 964  C CD1 . PHI P 1 8 ? 44.085  3.659   7.927   1.00 96.49  ? 29 PHI Q CD1 1 
HETATM 965  C CD2 . PHI P 1 8 ? 42.867  4.462   9.843   1.00 96.49  ? 29 PHI Q CD2 1 
HETATM 966  C CE1 . PHI P 1 8 ? 43.248  2.551   7.864   1.00 96.49  ? 29 PHI Q CE1 1 
HETATM 967  C CE2 . PHI P 1 8 ? 42.030  3.351   9.778   1.00 96.49  ? 29 PHI Q CE2 1 
HETATM 968  C CZ  . PHI P 1 8 ? 42.220  2.396   8.786   1.00 96.49  ? 29 PHI Q CZ  1 
HETATM 969  I I   . PHI P 1 8 ? 41.002  0.801   8.694   1.00 96.49  ? 29 PHI Q I   1 
HETATM 970  C C   . PHI P 1 8 ? 46.990  6.714   8.675   1.00 96.49  ? 29 PHI Q C   1 
HETATM 971  O O   . PHI P 1 8 ? 46.440  7.805   8.767   1.00 96.49  ? 29 PHI Q O   1 
ATOM   972  N N   . GLY P 1 9 ? 48.296  6.604   8.490   1.00 94.46  ? 30 GLY Q N   1 
ATOM   973  C CA  . GLY P 1 9 ? 49.128  7.773   8.327   1.00 94.46  ? 30 GLY Q CA  1 
ATOM   974  C C   . GLY P 1 9 ? 49.117  8.658   9.547   1.00 94.46  ? 30 GLY Q C   1 
ATOM   975  O O   . GLY P 1 9 ? 49.517  9.819   9.473   1.00 94.46  ? 30 GLY Q O   1 
ATOM   976  O OXT . GLY P 1 9 ? 48.702  8.221   10.619  1.00 94.46  ? 30 GLY Q OXT 1 
ATOM   977  N N   . GLY Q 1 1 ? 27.983  33.370  -27.545 1.00 109.70 ? 22 GLY T N   1 
ATOM   978  C CA  . GLY Q 1 1 ? 27.328  33.716  -28.792 1.00 109.70 ? 22 GLY T CA  1 
ATOM   979  C C   . GLY Q 1 1 ? 26.579  32.557  -29.404 1.00 109.70 ? 22 GLY T C   1 
ATOM   980  O O   . GLY Q 1 1 ? 27.113  31.456  -29.497 1.00 109.70 ? 22 GLY T O   1 
HETATM 981  N N   . PHI Q 1 2 ? 25.340  32.810  -29.818 1.00 111.46 ? 23 PHI T N   1 
HETATM 982  C CA  . PHI Q 1 2 ? 24.482  31.782  -30.371 1.00 111.46 ? 23 PHI T CA  1 
HETATM 983  C CB  . PHI Q 1 2 ? 23.510  31.151  -29.359 1.00 111.46 ? 23 PHI T CB  1 
HETATM 984  C CG  . PHI Q 1 2 ? 24.146  30.202  -28.412 1.00 111.46 ? 23 PHI T CG  1 
HETATM 985  C CD1 . PHI Q 1 2 ? 23.873  28.835  -28.484 1.00 111.46 ? 23 PHI T CD1 1 
HETATM 986  C CD2 . PHI Q 1 2 ? 25.004  30.659  -27.419 1.00 111.46 ? 23 PHI T CD2 1 
HETATM 987  C CE1 . PHI Q 1 2 ? 24.455  27.942  -27.591 1.00 111.46 ? 23 PHI T CE1 1 
HETATM 988  C CE2 . PHI Q 1 2 ? 25.589  29.768  -26.532 1.00 111.46 ? 23 PHI T CE2 1 
HETATM 989  C CZ  . PHI Q 1 2 ? 25.313  28.416  -26.620 1.00 111.46 ? 23 PHI T CZ  1 
HETATM 990  I I   . PHI Q 1 2 ? 26.172  27.149  -25.325 1.00 111.46 ? 23 PHI T I   1 
HETATM 991  C C   . PHI Q 1 2 ? 23.499  32.352  -31.378 1.00 111.46 ? 23 PHI T C   1 
HETATM 992  O O   . PHI Q 1 2 ? 23.395  33.548  -31.643 1.00 111.46 ? 23 PHI T O   1 
ATOM   993  N N   . GLY Q 1 3 ? 22.721  31.436  -31.951 1.00 109.15 ? 24 GLY T N   1 
ATOM   994  C CA  . GLY Q 1 3 ? 21.745  31.769  -32.978 1.00 109.15 ? 24 GLY T CA  1 
ATOM   995  C C   . GLY Q 1 3 ? 20.338  32.148  -32.557 1.00 109.15 ? 24 GLY T C   1 
ATOM   996  O O   . GLY Q 1 3 ? 19.818  31.653  -31.557 1.00 109.15 ? 24 GLY T O   1 
ATOM   997  N N   . ASN Q 1 4 ? 19.709  33.001  -33.367 1.00 108.53 ? 25 ASN T N   1 
ATOM   998  C CA  . ASN Q 1 4 ? 18.544  33.755  -32.918 1.00 108.53 ? 25 ASN T CA  1 
ATOM   999  C C   . ASN Q 1 4 ? 17.430  32.857  -32.387 1.00 108.53 ? 25 ASN T C   1 
ATOM   1000 O O   . ASN Q 1 4 ? 16.707  33.239  -31.460 1.00 108.53 ? 25 ASN T O   1 
ATOM   1001 C CB  . ASN Q 1 4 ? 18.043  34.654  -34.048 1.00 108.53 ? 25 ASN T CB  1 
ATOM   1002 C CG  . ASN Q 1 4 ? 17.546  33.880  -35.245 1.00 108.53 ? 25 ASN T CG  1 
ATOM   1003 O OD1 . ASN Q 1 4 ? 16.985  32.797  -35.118 1.00 108.53 ? 25 ASN T OD1 1 
ATOM   1004 N ND2 . ASN Q 1 4 ? 17.754  34.438  -36.427 1.00 108.53 ? 25 ASN T ND2 1 
ATOM   1005 N N   . GLY Q 1 5 ? 17.265  31.668  -32.957 1.00 108.92 ? 26 GLY T N   1 
ATOM   1006 C CA  . GLY Q 1 5 ? 16.107  30.867  -32.607 1.00 108.92 ? 26 GLY T CA  1 
ATOM   1007 C C   . GLY Q 1 5 ? 16.293  29.629  -31.752 1.00 108.92 ? 26 GLY T C   1 
ATOM   1008 O O   . GLY Q 1 5 ? 15.431  28.747  -31.747 1.00 108.92 ? 26 GLY T O   1 
ATOM   1009 N N   . ASN Q 1 6 ? 17.402  29.559  -31.017 1.00 108.19 ? 27 ASN T N   1 
ATOM   1010 C CA  . ASN Q 1 6 ? 17.682  28.403  -30.173 1.00 108.19 ? 27 ASN T CA  1 
ATOM   1011 C C   . ASN Q 1 6 ? 16.626  28.073  -29.130 1.00 108.19 ? 27 ASN T C   1 
ATOM   1012 O O   . ASN Q 1 6 ? 16.176  28.936  -28.372 1.00 108.19 ? 27 ASN T O   1 
ATOM   1013 C CB  . ASN Q 1 6 ? 19.032  28.585  -29.496 1.00 108.19 ? 27 ASN T CB  1 
ATOM   1014 C CG  . ASN Q 1 6 ? 20.174  28.382  -30.440 1.00 108.19 ? 27 ASN T CG  1 
ATOM   1015 O OD1 . ASN Q 1 6 ? 20.058  27.649  -31.416 1.00 108.19 ? 27 ASN T OD1 1 
ATOM   1016 N ND2 . ASN Q 1 6 ? 21.286  29.044  -30.171 1.00 108.19 ? 27 ASN T ND2 1 
ATOM   1017 N N   . GLY Q 1 7 ? 16.255  26.802  -29.078 1.00 107.87 ? 28 GLY T N   1 
ATOM   1018 C CA  . GLY Q 1 7 ? 15.284  26.332  -28.121 1.00 107.87 ? 28 GLY T CA  1 
ATOM   1019 C C   . GLY Q 1 7 ? 15.749  24.902  -28.278 1.00 107.87 ? 28 GLY T C   1 
ATOM   1020 O O   . GLY Q 1 7 ? 15.719  24.357  -29.375 1.00 107.87 ? 28 GLY T O   1 
HETATM 1021 N N   . PHI Q 1 8 ? 16.198  24.305  -27.176 1.00 109.21 ? 29 PHI T N   1 
HETATM 1022 C CA  . PHI Q 1 8 ? 16.536  22.904  -27.129 1.00 109.21 ? 29 PHI T CA  1 
HETATM 1023 C CB  . PHI Q 1 8 ? 17.860  22.509  -26.451 1.00 109.21 ? 29 PHI T CB  1 
HETATM 1024 C CG  . PHI Q 1 8 ? 18.555  23.756  -26.062 1.00 109.21 ? 29 PHI T CG  1 
HETATM 1025 C CD1 . PHI Q 1 8 ? 18.115  24.479  -24.951 1.00 109.21 ? 29 PHI T CD1 1 
HETATM 1026 C CD2 . PHI Q 1 8 ? 19.639  24.228  -26.809 1.00 109.21 ? 29 PHI T CD2 1 
HETATM 1027 C CE1 . PHI Q 1 8 ? 18.743  25.662  -24.590 1.00 109.21 ? 29 PHI T CE1 1 
HETATM 1028 C CE2 . PHI Q 1 8 ? 20.276  25.410  -26.449 1.00 109.21 ? 29 PHI T CE2 1 
HETATM 1029 C CZ  . PHI Q 1 8 ? 19.830  26.129  -25.336 1.00 109.21 ? 29 PHI T CZ  1 
HETATM 1030 I I   . PHI Q 1 8 ? 20.745  27.848  -24.784 1.00 109.21 ? 29 PHI T I   1 
HETATM 1031 C C   . PHI Q 1 8 ? 15.394  22.555  -26.208 1.00 109.21 ? 29 PHI T C   1 
HETATM 1032 O O   . PHI Q 1 8 ? 14.834  21.461  -26.165 1.00 109.21 ? 29 PHI T O   1 
ATOM   1033 N N   . GLY Q 1 9 ? 15.021  23.559  -25.431 1.00 107.30 ? 30 GLY T N   1 
ATOM   1034 C CA  . GLY Q 1 9 ? 13.836  23.479  -24.609 1.00 107.30 ? 30 GLY T CA  1 
ATOM   1035 C C   . GLY Q 1 9 ? 14.126  23.092  -23.184 1.00 107.30 ? 30 GLY T C   1 
ATOM   1036 O O   . GLY Q 1 9 ? 13.215  22.999  -22.369 1.00 107.30 ? 30 GLY T O   1 
ATOM   1037 O OXT . GLY Q 1 9 ? 15.271  22.851  -22.819 1.00 107.30 ? 30 GLY T OXT 1 
ATOM   1038 N N   . GLY R 1 1 ? 23.210  7.597   -3.712  1.00 90.96  ? 22 GLY W N   1 
ATOM   1039 C CA  . GLY R 1 1 ? 23.807  6.957   -2.559  1.00 90.96  ? 22 GLY W CA  1 
ATOM   1040 C C   . GLY R 1 1 ? 25.276  6.690   -2.782  1.00 90.96  ? 22 GLY W C   1 
ATOM   1041 O O   . GLY R 1 1 ? 25.652  5.855   -3.597  1.00 90.96  ? 22 GLY W O   1 
HETATM 1042 N N   . PHI R 1 2 ? 26.118  7.401   -2.044  1.00 94.64  ? 23 PHI W N   1 
HETATM 1043 C CA  . PHI R 1 2 ? 27.528  7.401   -2.335  1.00 94.64  ? 23 PHI W CA  1 
HETATM 1044 C CB  . PHI R 1 2 ? 28.163  8.803   -2.194  1.00 94.64  ? 23 PHI W CB  1 
HETATM 1045 C CG  . PHI R 1 2 ? 28.027  9.413   -3.539  1.00 94.64  ? 23 PHI W CG  1 
HETATM 1046 C CD1 . PHI R 1 2 ? 28.296  8.635   -4.665  1.00 94.64  ? 23 PHI W CD1 1 
HETATM 1047 C CD2 . PHI R 1 2 ? 27.620  10.738  -3.712  1.00 94.64  ? 23 PHI W CD2 1 
HETATM 1048 C CE1 . PHI R 1 2 ? 28.172  9.171   -5.941  1.00 94.64  ? 23 PHI W CE1 1 
HETATM 1049 C CE2 . PHI R 1 2 ? 27.495  11.279  -4.991  1.00 94.64  ? 23 PHI W CE2 1 
HETATM 1050 C CZ  . PHI R 1 2 ? 27.773  10.494  -6.109  1.00 94.64  ? 23 PHI W CZ  1 
HETATM 1051 I I   . PHI R 1 2 ? 27.579  11.233  -7.975  1.00 94.64  ? 23 PHI W I   1 
HETATM 1052 C C   . PHI R 1 2 ? 28.709  7.173   -1.410  1.00 94.64  ? 23 PHI W C   1 
HETATM 1053 O O   . PHI R 1 2 ? 29.791  7.748   -1.541  1.00 94.64  ? 23 PHI W O   1 
ATOM   1054 N N   . GLY R 1 3 ? 28.503  6.302   -0.429  1.00 90.68  ? 24 GLY W N   1 
ATOM   1055 C CA  . GLY R 1 3 ? 29.544  6.060   0.549   1.00 90.68  ? 24 GLY W CA  1 
ATOM   1056 C C   . GLY R 1 3 ? 30.511  6.760   1.473   1.00 90.68  ? 24 GLY W C   1 
ATOM   1057 O O   . GLY R 1 3 ? 30.105  7.569   2.296   1.00 90.68  ? 24 GLY W O   1 
ATOM   1058 N N   . ASN R 1 4 ? 31.801  6.457   1.330   1.00 88.70  ? 25 ASN W N   1 
ATOM   1059 C CA  . ASN R 1 4 ? 32.798  6.820   2.326   1.00 88.70  ? 25 ASN W CA  1 
ATOM   1060 C C   . ASN R 1 4 ? 33.769  7.876   1.819   1.00 88.70  ? 25 ASN W C   1 
ATOM   1061 O O   . ASN R 1 4 ? 33.985  8.878   2.502   1.00 88.70  ? 25 ASN W O   1 
ATOM   1062 C CB  . ASN R 1 4 ? 33.569  5.568   2.731   1.00 88.70  ? 25 ASN W CB  1 
ATOM   1063 C CG  . ASN R 1 4 ? 32.747  4.619   3.551   1.00 88.70  ? 25 ASN W CG  1 
ATOM   1064 O OD1 . ASN R 1 4 ? 31.776  5.004   4.185   1.00 88.70  ? 25 ASN W OD1 1 
ATOM   1065 N ND2 . ASN R 1 4 ? 33.122  3.354   3.520   1.00 88.70  ? 25 ASN W ND2 1 
ATOM   1066 N N   . GLY R 1 5 ? 34.313  7.712   0.618   1.00 88.23  ? 26 GLY W N   1 
ATOM   1067 C CA  . GLY R 1 5 ? 35.425  8.528   0.185   1.00 88.23  ? 26 GLY W CA  1 
ATOM   1068 C C   . GLY R 1 5 ? 35.113  9.876   -0.420  1.00 88.23  ? 26 GLY W C   1 
ATOM   1069 O O   . GLY R 1 5 ? 35.656  10.878  0.046   1.00 88.23  ? 26 GLY W O   1 
ATOM   1070 N N   . ASN R 1 6 ? 34.257  9.915   -1.448  1.00 87.74  ? 27 ASN W N   1 
ATOM   1071 C CA  . ASN R 1 6 ? 33.721  11.154  -2.024  1.00 87.74  ? 27 ASN W CA  1 
ATOM   1072 C C   . ASN R 1 6 ? 34.776  12.228  -2.242  1.00 87.74  ? 27 ASN W C   1 
ATOM   1073 O O   . ASN R 1 6 ? 34.676  13.325  -1.689  1.00 87.74  ? 27 ASN W O   1 
ATOM   1074 C CB  . ASN R 1 6 ? 32.590  11.751  -1.192  1.00 87.74  ? 27 ASN W CB  1 
ATOM   1075 C CG  . ASN R 1 6 ? 31.499  10.779  -0.922  1.00 87.74  ? 27 ASN W CG  1 
ATOM   1076 O OD1 . ASN R 1 6 ? 31.199  9.931   -1.748  1.00 87.74  ? 27 ASN W OD1 1 
ATOM   1077 N ND2 . ASN R 1 6 ? 30.822  10.954  0.189   1.00 87.74  ? 27 ASN W ND2 1 
ATOM   1078 N N   . GLY R 1 7 ? 35.820  11.937  -2.997  1.00 89.59  ? 28 GLY W N   1 
ATOM   1079 C CA  . GLY R 1 7 ? 36.764  12.980  -3.323  1.00 89.59  ? 28 GLY W CA  1 
ATOM   1080 C C   . GLY R 1 7 ? 36.718  13.267  -4.800  1.00 89.59  ? 28 GLY W C   1 
ATOM   1081 O O   . GLY R 1 7 ? 37.153  12.450  -5.610  1.00 89.59  ? 28 GLY W O   1 
HETATM 1082 N N   . PHI R 1 8 ? 36.177  14.423  -5.155  1.00 91.60  ? 29 PHI W N   1 
HETATM 1083 C CA  . PHI R 1 8 ? 36.039  14.776  -6.537  1.00 91.60  ? 29 PHI W CA  1 
HETATM 1084 C CB  . PHI R 1 8 ? 34.793  15.657  -6.831  1.00 91.60  ? 29 PHI W CB  1 
HETATM 1085 C CG  . PHI R 1 8 ? 33.788  14.577  -6.855  1.00 91.60  ? 29 PHI W CG  1 
HETATM 1086 C CD1 . PHI R 1 8 ? 33.940  13.617  -7.845  1.00 91.60  ? 29 PHI W CD1 1 
HETATM 1087 C CD2 . PHI R 1 8 ? 32.778  14.444  -5.895  1.00 91.60  ? 29 PHI W CD2 1 
HETATM 1088 C CE1 . PHI R 1 8 ? 33.071  12.549  -7.918  1.00 91.60  ? 29 PHI W CE1 1 
HETATM 1089 C CE2 . PHI R 1 8 ? 31.908  13.361  -5.961  1.00 91.60  ? 29 PHI W CE2 1 
HETATM 1090 C CZ  . PHI R 1 8 ? 32.073  12.422  -6.978  1.00 91.60  ? 29 PHI W CZ  1 
HETATM 1091 I I   . PHI R 1 8 ? 30.916  10.811  -7.198  1.00 91.60  ? 29 PHI W I   1 
HETATM 1092 C C   . PHI R 1 8 ? 37.337  15.437  -6.960  1.00 91.60  ? 29 PHI W C   1 
HETATM 1093 O O   . PHI R 1 8 ? 38.065  16.156  -6.242  1.00 91.60  ? 29 PHI W O   1 
ATOM   1094 N N   . GLY R 1 9 ? 37.656  15.125  -8.212  1.00 91.76  ? 30 GLY W N   1 
ATOM   1095 C CA  . GLY R 1 9 ? 38.881  15.561  -8.840  1.00 91.76  ? 30 GLY W CA  1 
ATOM   1096 C C   . GLY R 1 9 ? 39.477  14.443  -9.659  1.00 91.76  ? 30 GLY W C   1 
ATOM   1097 O O   . GLY R 1 9 ? 40.690  14.282  -9.731  1.00 91.76  ? 30 GLY W O   1 
ATOM   1098 O OXT . GLY R 1 9 ? 38.755  13.654  -10.262 1.00 91.76  ? 30 GLY W OXT 1 
ATOM   1099 N N   . GLY S 1 1 ? 7.763   -5.654  11.709  1.00 47.93  ? 22 GLY I N   1 
ATOM   1100 C CA  . GLY S 1 1 ? 7.675   -6.957  12.339  1.00 47.93  ? 22 GLY I CA  1 
ATOM   1101 C C   . GLY S 1 1 ? 6.331   -7.616  12.110  1.00 47.93  ? 22 GLY I C   1 
ATOM   1102 O O   . GLY S 1 1 ? 6.265   -8.751  11.638  1.00 47.93  ? 22 GLY I O   1 
HETATM 1103 N N   . PHI S 1 2 ? 5.256   -6.913  12.443  1.00 49.56  ? 23 PHI I N   1 
HETATM 1104 C CA  . PHI S 1 2 ? 3.927   -7.458  12.253  1.00 49.56  ? 23 PHI I CA  1 
HETATM 1105 C CB  . PHI S 1 2 ? 3.177   -7.393  13.575  1.00 49.56  ? 23 PHI I CB  1 
HETATM 1106 C CG  . PHI S 1 2 ? 3.361   -8.732  14.247  1.00 49.56  ? 23 PHI I CG  1 
HETATM 1107 C CD1 . PHI S 1 2 ? 4.644   -9.170  14.550  1.00 49.56  ? 23 PHI I CD1 1 
HETATM 1108 C CD2 . PHI S 1 2 ? 2.264   -9.529  14.556  1.00 49.56  ? 23 PHI I CD2 1 
HETATM 1109 C CE1 . PHI S 1 2 ? 4.835   -10.399 15.162  1.00 49.56  ? 23 PHI I CE1 1 
HETATM 1110 C CE2 . PHI S 1 2 ? 2.454   -10.762 15.171  1.00 49.56  ? 23 PHI I CE2 1 
HETATM 1111 C CZ  . PHI S 1 2 ? 3.741   -11.194 15.473  1.00 49.56  ? 23 PHI I CZ  1 
HETATM 1112 I I   . PHI S 1 2 ? 4.051   -13.043 16.396  1.00 49.56  ? 23 PHI I I   1 
HETATM 1113 C C   . PHI S 1 2 ? 3.421   -6.740  11.040  1.00 49.56  ? 23 PHI I C   1 
HETATM 1114 O O   . PHI S 1 2 ? 4.078   -5.779  10.589  1.00 49.56  ? 23 PHI I O   1 
ATOM   1115 N N   . GLY S 1 3 ? 2.284   -7.163  10.494  1.00 46.03  ? 24 GLY I N   1 
ATOM   1116 C CA  . GLY S 1 3 ? 1.805   -6.563  9.264   1.00 46.03  ? 24 GLY I CA  1 
ATOM   1117 C C   . GLY S 1 3 ? 0.452   -6.135  9.783   1.00 46.03  ? 24 GLY I C   1 
ATOM   1118 O O   . GLY S 1 3 ? 0.206   -6.167  10.987  1.00 46.03  ? 24 GLY I O   1 
ATOM   1119 N N   . ASN S 1 4 ? -0.435  -5.739  8.878   1.00 43.27  ? 25 ASN I N   1 
ATOM   1120 C CA  . ASN S 1 4 ? -1.763  -5.301  9.281   1.00 43.27  ? 25 ASN I CA  1 
ATOM   1121 C C   . ASN S 1 4 ? -2.878  -6.223  9.733   1.00 43.27  ? 25 ASN I C   1 
ATOM   1122 O O   . ASN S 1 4 ? -3.070  -7.295  9.159   1.00 43.27  ? 25 ASN I O   1 
ATOM   1123 C CB  . ASN S 1 4 ? -2.365  -4.637  8.046   1.00 43.27  ? 25 ASN I CB  1 
ATOM   1124 C CG  . ASN S 1 4 ? -1.574  -3.426  7.597   1.00 43.27  ? 25 ASN I CG  1 
ATOM   1125 O OD1 . ASN S 1 4 ? -0.852  -2.819  8.385   1.00 43.27  ? 25 ASN I OD1 1 
ATOM   1126 N ND2 . ASN S 1 4 ? -1.703  -3.073  6.322   1.00 43.27  ? 25 ASN I ND2 1 
ATOM   1127 N N   . GLY S 1 5 ? -3.619  -5.807  10.756  1.00 42.58  ? 26 GLY I N   1 
ATOM   1128 C CA  . GLY S 1 5 ? -4.719  -6.609  11.259  1.00 42.58  ? 26 GLY I CA  1 
ATOM   1129 C C   . GLY S 1 5 ? -4.219  -8.005  11.541  1.00 42.58  ? 26 GLY I C   1 
ATOM   1130 O O   . GLY S 1 5 ? -4.761  -8.980  11.023  1.00 42.58  ? 26 GLY I O   1 
ATOM   1131 N N   . ASN S 1 6 ? -3.176  -8.109  12.354  1.00 42.53  ? 27 ASN I N   1 
ATOM   1132 C CA  . ASN S 1 6 ? -2.635  -9.413  12.704  1.00 42.53  ? 27 ASN I CA  1 
ATOM   1133 C C   . ASN S 1 6 ? -3.391  -9.779  13.967  1.00 42.53  ? 27 ASN I C   1 
ATOM   1134 O O   . ASN S 1 6 ? -2.820  -9.793  15.053  1.00 42.53  ? 27 ASN I O   1 
ATOM   1135 C CB  . ASN S 1 6 ? -1.138  -9.309  12.984  1.00 42.53  ? 27 ASN I CB  1 
ATOM   1136 C CG  . ASN S 1 6 ? -0.329  -9.058  11.726  1.00 42.53  ? 27 ASN I CG  1 
ATOM   1137 O OD1 . ASN S 1 6 ? -0.770  -9.366  10.620  1.00 42.53  ? 27 ASN I OD1 1 
ATOM   1138 N ND2 . ASN S 1 6 ? 0.860   -8.492  11.889  1.00 42.53  ? 27 ASN I ND2 1 
ATOM   1139 N N   . GLY S 1 7 ? -4.681  -10.071 13.828  1.00 47.05  ? 28 GLY I N   1 
ATOM   1140 C CA  . GLY S 1 7 ? -5.492  -10.414 14.981  1.00 47.05  ? 28 GLY I CA  1 
ATOM   1141 C C   . GLY S 1 7 ? -4.918  -11.743 15.416  1.00 47.05  ? 28 GLY I C   1 
ATOM   1142 O O   . GLY S 1 7 ? -4.296  -12.443 14.618  1.00 47.05  ? 28 GLY I O   1 
HETATM 1143 N N   . PHI S 1 8 ? -5.118  -12.100 16.680  1.00 49.89  ? 29 PHI I N   1 
HETATM 1144 C CA  . PHI S 1 8 ? -4.638  -13.376 17.175  1.00 49.89  ? 29 PHI I CA  1 
HETATM 1145 C CB  . PHI S 1 8 ? -3.665  -13.283 18.342  1.00 49.89  ? 29 PHI I CB  1 
HETATM 1146 C CG  . PHI S 1 8 ? -2.261  -13.375 17.797  1.00 49.89  ? 29 PHI I CG  1 
HETATM 1147 C CD1 . PHI S 1 8 ? -1.348  -14.256 18.357  1.00 49.89  ? 29 PHI I CD1 1 
HETATM 1148 C CD2 . PHI S 1 8 ? -1.886  -12.575 16.725  1.00 49.89  ? 29 PHI I CD2 1 
HETATM 1149 C CE1 . PHI S 1 8 ? -0.059  -14.332 17.843  1.00 49.89  ? 29 PHI I CE1 1 
HETATM 1150 C CE2 . PHI S 1 8 ? -0.599  -12.649 16.211  1.00 49.89  ? 29 PHI I CE2 1 
HETATM 1151 C CZ  . PHI S 1 8 ? 0.315   -13.530 16.773  1.00 49.89  ? 29 PHI I CZ  1 
HETATM 1152 I I   . PHI S 1 8 ? 2.253   -13.647 16.002  1.00 49.89  ? 29 PHI I I   1 
HETATM 1153 C C   . PHI S 1 8 ? -5.928  -13.611 17.892  1.00 49.89  ? 29 PHI I C   1 
HETATM 1154 O O   . PHI S 1 8 ? -6.823  -12.741 17.831  1.00 49.89  ? 29 PHI I O   1 
ATOM   1155 N N   . GLY S 1 9 ? -6.065  -14.746 18.570  1.00 51.19  ? 30 GLY I N   1 
ATOM   1156 C CA  . GLY S 1 9 ? -7.252  -14.980 19.349  1.00 51.19  ? 30 GLY I CA  1 
ATOM   1157 C C   . GLY S 1 9 ? -7.496  -16.280 18.621  1.00 51.19  ? 30 GLY I C   1 
ATOM   1158 O O   . GLY S 1 9 ? -8.631  -16.720 18.452  1.00 51.19  ? 30 GLY I O   1 
ATOM   1159 O OXT . GLY S 1 9 ? -6.541  -16.906 18.166  1.00 51.19  ? 30 GLY I OXT 1 
ATOM   1160 N N   . GLY T 1 1 ? -4.876  4.466   -2.190  1.00 36.33  ? 22 GLY L N   1 
ATOM   1161 C CA  . GLY T 1 1 ? -3.877  3.475   -2.557  1.00 36.33  ? 22 GLY L CA  1 
ATOM   1162 C C   . GLY T 1 1 ? -4.395  2.378   -3.471  1.00 36.33  ? 22 GLY L C   1 
ATOM   1163 O O   . GLY T 1 1 ? -3.663  1.491   -3.895  1.00 36.33  ? 22 GLY L O   1 
HETATM 1164 N N   . PHI T 1 2 ? -5.676  2.443   -3.783  1.00 38.63  ? 23 PHI L N   1 
HETATM 1165 C CA  . PHI T 1 2 ? -6.269  1.464   -4.629  1.00 38.63  ? 23 PHI L CA  1 
HETATM 1166 C CB  . PHI T 1 2 ? -7.348  0.639   -3.894  1.00 38.63  ? 23 PHI L CB  1 
HETATM 1167 C CG  . PHI T 1 2 ? -6.777  -0.593  -3.276  1.00 38.63  ? 23 PHI L CG  1 
HETATM 1168 C CD1 . PHI T 1 2 ? -6.434  -1.673  -4.098  1.00 38.63  ? 23 PHI L CD1 1 
HETATM 1169 C CD2 . PHI T 1 2 ? -6.561  -0.722  -1.898  1.00 38.63  ? 23 PHI L CD2 1 
HETATM 1170 C CE1 . PHI T 1 2 ? -5.902  -2.851  -3.588  1.00 38.63  ? 23 PHI L CE1 1 
HETATM 1171 C CE2 . PHI T 1 2 ? -6.026  -1.909  -1.375  1.00 38.63  ? 23 PHI L CE2 1 
HETATM 1172 C CZ  . PHI T 1 2 ? -5.693  -2.979  -2.220  1.00 38.63  ? 23 PHI L CZ  1 
HETATM 1173 I I   . PHI T 1 2 ? -4.902  -4.715  -1.545  1.00 38.63  ? 23 PHI L I   1 
HETATM 1174 C C   . PHI T 1 2 ? -6.912  1.764   -5.969  1.00 38.63  ? 23 PHI L C   1 
HETATM 1175 O O   . PHI T 1 2 ? -6.439  1.426   -7.039  1.00 38.63  ? 23 PHI L O   1 
ATOM   1176 N N   . GLY T 1 3 ? -8.039  2.446   -5.917  1.00 38.15  ? 24 GLY L N   1 
ATOM   1177 C CA  . GLY T 1 3 ? -8.814  2.702   -7.114  1.00 38.15  ? 24 GLY L CA  1 
ATOM   1178 C C   . GLY T 1 3 ? -9.927  3.650   -6.722  1.00 38.15  ? 24 GLY L C   1 
ATOM   1179 O O   . GLY T 1 3 ? -10.041 4.022   -5.564  1.00 38.15  ? 24 GLY L O   1 
ATOM   1180 N N   . ASN T 1 4 ? -10.744 4.072   -7.678  1.00 38.28  ? 25 ASN L N   1 
ATOM   1181 C CA  . ASN T 1 4 ? -11.774 5.025   -7.319  1.00 38.28  ? 25 ASN L CA  1 
ATOM   1182 C C   . ASN T 1 4 ? -12.777 4.819   -6.199  1.00 38.28  ? 25 ASN L C   1 
ATOM   1183 O O   . ASN T 1 4 ? -12.953 5.715   -5.370  1.00 38.28  ? 25 ASN L O   1 
ATOM   1184 C CB  . ASN T 1 4 ? -12.615 5.359   -8.534  1.00 38.28  ? 25 ASN L CB  1 
ATOM   1185 C CG  . ASN T 1 4 ? -11.816 6.029   -9.598  1.00 38.28  ? 25 ASN L CG  1 
ATOM   1186 O OD1 . ASN T 1 4 ? -10.789 6.616   -9.306  1.00 38.28  ? 25 ASN L OD1 1 
ATOM   1187 N ND2 . ASN T 1 4 ? -12.315 6.029   -10.821 1.00 38.28  ? 25 ASN L ND2 1 
ATOM   1188 N N   . GLY T 1 5 ? -13.447 3.677   -6.150  1.00 35.78  ? 26 GLY L N   1 
ATOM   1189 C CA  . GLY T 1 5 ? -14.504 3.446   -5.184  1.00 35.78  ? 26 GLY L CA  1 
ATOM   1190 C C   . GLY T 1 5 ? -14.116 2.179   -4.454  1.00 35.78  ? 26 GLY L C   1 
ATOM   1191 O O   . GLY T 1 5 ? -13.528 1.278   -5.048  1.00 35.78  ? 26 GLY L O   1 
ATOM   1192 N N   . ASN T 1 6 ? -14.421 2.113   -3.159  1.00 32.19  ? 27 ASN L N   1 
ATOM   1193 C CA  . ASN T 1 6 ? -14.044 0.923   -2.406  1.00 32.19  ? 27 ASN L CA  1 
ATOM   1194 C C   . ASN T 1 6 ? -14.915 0.670   -1.185  1.00 32.19  ? 27 ASN L C   1 
ATOM   1195 O O   . ASN T 1 6 ? -14.906 1.439   -0.225  1.00 32.19  ? 27 ASN L O   1 
ATOM   1196 C CB  . ASN T 1 6 ? -12.585 0.992   -2.020  1.00 32.19  ? 27 ASN L CB  1 
ATOM   1197 C CG  . ASN T 1 6 ? -11.692 0.811   -3.209  1.00 32.19  ? 27 ASN L CG  1 
ATOM   1198 O OD1 . ASN T 1 6 ? -12.103 0.232   -4.212  1.00 32.19  ? 27 ASN L OD1 1 
ATOM   1199 N ND2 . ASN T 1 6 ? -10.465 1.272   -3.108  1.00 32.19  ? 27 ASN L ND2 1 
ATOM   1200 N N   . GLY T 1 7 ? -15.667 -0.427  -1.257  1.00 33.60  ? 28 GLY L N   1 
ATOM   1201 C CA  . GLY T 1 7 ? -16.246 -1.155  -0.142  1.00 33.60  ? 28 GLY L CA  1 
ATOM   1202 C C   . GLY T 1 7 ? -15.689 -2.575  -0.241  1.00 33.60  ? 28 GLY L C   1 
ATOM   1203 O O   . GLY T 1 7 ? -15.269 -3.014  -1.318  1.00 33.60  ? 28 GLY L O   1 
HETATM 1204 N N   . PHI T 1 8 ? -15.662 -3.298  0.874   1.00 34.99  ? 29 PHI L N   1 
HETATM 1205 C CA  . PHI T 1 8 ? -14.847 -4.486  0.951   1.00 34.99  ? 29 PHI L CA  1 
HETATM 1206 C CB  . PHI T 1 8 ? -13.701 -4.391  1.982   1.00 34.99  ? 29 PHI L CB  1 
HETATM 1207 C CG  . PHI T 1 8 ? -12.404 -4.452  1.269   1.00 34.99  ? 29 PHI L CG  1 
HETATM 1208 C CD1 . PHI T 1 8 ? -11.988 -5.649  0.675   1.00 34.99  ? 29 PHI L CD1 1 
HETATM 1209 C CD2 . PHI T 1 8 ? -11.606 -3.305  1.179   1.00 34.99  ? 29 PHI L CD2 1 
HETATM 1210 C CE1 . PHI T 1 8 ? -10.786 -5.714  -0.008  1.00 34.99  ? 29 PHI L CE1 1 
HETATM 1211 C CE2 . PHI T 1 8 ? -10.402 -3.384  0.501   1.00 34.99  ? 29 PHI L CE2 1 
HETATM 1212 C CZ  . PHI T 1 8 ? -10.011 -4.577  -0.080  1.00 34.99  ? 29 PHI L CZ  1 
HETATM 1213 I I   . PHI T 1 8 ? -8.274  -4.648  -1.051  1.00 34.99  ? 29 PHI L I   1 
HETATM 1214 C C   . PHI T 1 8 ? -15.609 -5.726  1.328   1.00 34.99  ? 29 PHI L C   1 
HETATM 1215 O O   . PHI T 1 8 ? -16.325 -5.810  2.320   1.00 34.99  ? 29 PHI L O   1 
ATOM   1216 N N   . GLY T 1 9 ? -15.426 -6.741  0.495   1.00 37.56  ? 30 GLY L N   1 
ATOM   1217 C CA  . GLY T 1 9 ? -15.914 -8.073  0.773   1.00 37.56  ? 30 GLY L CA  1 
ATOM   1218 C C   . GLY T 1 9 ? -17.369 -8.154  1.137   1.00 37.56  ? 30 GLY L C   1 
ATOM   1219 O O   . GLY T 1 9 ? -18.232 -8.011  0.292   1.00 37.56  ? 30 GLY L O   1 
ATOM   1220 O OXT . GLY T 1 9 ? -17.721 -8.358  2.284   1.00 37.56  ? 30 GLY L OXT 1 
ATOM   1221 N N   . GLY U 1 1 ? -27.947 1.492   -5.284  1.00 67.66  ? 22 GLY O N   1 
ATOM   1222 C CA  . GLY U 1 1 ? -27.073 0.416   -4.861  1.00 67.66  ? 22 GLY O CA  1 
ATOM   1223 C C   . GLY U 1 1 ? -26.916 -0.657  -5.909  1.00 67.66  ? 22 GLY O C   1 
ATOM   1224 O O   . GLY U 1 1 ? -27.848 -0.961  -6.653  1.00 67.66  ? 22 GLY O O   1 
HETATM 1225 N N   . PHI U 1 2 ? -25.729 -1.248  -5.943  1.00 68.54  ? 23 PHI O N   1 
HETATM 1226 C CA  . PHI U 1 2 ? -25.323 -2.096  -7.034  1.00 68.54  ? 23 PHI O CA  1 
HETATM 1227 C CB  . PHI U 1 2 ? -24.226 -1.451  -7.917  1.00 68.54  ? 23 PHI O CB  1 
HETATM 1228 C CG  . PHI U 1 2 ? -24.664 -0.145  -8.488  1.00 68.54  ? 23 PHI O CG  1 
HETATM 1229 C CD1 . PHI U 1 2 ? -24.928 -0.040  -9.849  1.00 68.54  ? 23 PHI O CD1 1 
HETATM 1230 C CD2 . PHI U 1 2 ? -24.821 0.992   -7.687  1.00 68.54  ? 23 PHI O CD2 1 
HETATM 1231 C CE1 . PHI U 1 2 ? -25.345 1.172   -10.384 1.00 68.54  ? 23 PHI O CE1 1 
HETATM 1232 C CE2 . PHI U 1 2 ? -25.237 2.202   -8.220  1.00 68.54  ? 23 PHI O CE2 1 
HETATM 1233 C CZ  . PHI U 1 2 ? -25.499 2.290   -9.578  1.00 68.54  ? 23 PHI O CZ  1 
HETATM 1234 I I   . PHI U 1 2 ? -26.099 4.037   -10.394 1.00 68.54  ? 23 PHI O I   1 
HETATM 1235 C C   . PHI U 1 2 ? -24.783 -2.733  -5.767  1.00 68.54  ? 23 PHI O C   1 
HETATM 1236 O O   . PHI U 1 2 ? -25.075 -2.338  -4.639  1.00 68.54  ? 23 PHI O O   1 
ATOM   1237 N N   . GLY U 1 3 ? -23.962 -3.763  -5.968  1.00 61.08  ? 24 GLY O N   1 
ATOM   1238 C CA  . GLY U 1 3 ? -23.393 -4.529  -4.871  1.00 61.08  ? 24 GLY O CA  1 
ATOM   1239 C C   . GLY U 1 3 ? -21.919 -4.206  -4.729  1.00 61.08  ? 24 GLY O C   1 
ATOM   1240 O O   . GLY U 1 3 ? -21.470 -3.171  -5.202  1.00 61.08  ? 24 GLY O O   1 
ATOM   1241 N N   . ASN U 1 4 ? -21.158 -5.101  -4.087  1.00 54.16  ? 25 ASN O N   1 
ATOM   1242 C CA  . ASN U 1 4 ? -19.734 -4.873  -3.849  1.00 54.16  ? 25 ASN O CA  1 
ATOM   1243 C C   . ASN U 1 4 ? -18.599 -4.544  -4.818  1.00 54.16  ? 25 ASN O C   1 
ATOM   1244 O O   . ASN U 1 4 ? -17.636 -3.895  -4.397  1.00 54.16  ? 25 ASN O O   1 
ATOM   1245 C CB  . ASN U 1 4 ? -19.430 -6.068  -2.937  1.00 54.16  ? 25 ASN O CB  1 
ATOM   1246 C CG  . ASN U 1 4 ? -19.464 -7.382  -3.661  1.00 54.16  ? 25 ASN O CG  1 
ATOM   1247 O OD1 . ASN U 1 4 ? -19.662 -7.436  -4.871  1.00 54.16  ? 25 ASN O OD1 1 
ATOM   1248 N ND2 . ASN U 1 4 ? -19.277 -8.461  -2.920  1.00 54.16  ? 25 ASN O ND2 1 
ATOM   1249 N N   . GLY U 1 5 ? -18.663 -4.978  -6.079  1.00 51.83  ? 26 GLY O N   1 
ATOM   1250 C CA  . GLY U 1 5 ? -17.779 -4.508  -7.143  1.00 51.83  ? 26 GLY O CA  1 
ATOM   1251 C C   . GLY U 1 5 ? -18.406 -3.240  -7.703  1.00 51.83  ? 26 GLY O C   1 
ATOM   1252 O O   . GLY U 1 5 ? -19.590 -3.233  -8.047  1.00 51.83  ? 26 GLY O O   1 
ATOM   1253 N N   . ASN U 1 6 ? -17.598 -2.200  -7.881  1.00 49.96  ? 27 ASN O N   1 
ATOM   1254 C CA  . ASN U 1 6 ? -18.018 -0.807  -8.068  1.00 49.96  ? 27 ASN O CA  1 
ATOM   1255 C C   . ASN U 1 6 ? -16.884 -0.027  -8.705  1.00 49.96  ? 27 ASN O C   1 
ATOM   1256 O O   . ASN U 1 6 ? -15.968 -0.600  -9.308  1.00 49.96  ? 27 ASN O O   1 
ATOM   1257 C CB  . ASN U 1 6 ? -18.515 0.014   -6.874  1.00 49.96  ? 27 ASN O CB  1 
ATOM   1258 C CG  . ASN U 1 6 ? -19.920 -0.209  -6.575  1.00 49.96  ? 27 ASN O CG  1 
ATOM   1259 O OD1 . ASN U 1 6 ? -20.628 -0.859  -7.322  1.00 49.96  ? 27 ASN O OD1 1 
ATOM   1260 N ND2 . ASN U 1 6 ? -20.385 0.428   -5.530  1.00 49.96  ? 27 ASN O ND2 1 
ATOM   1261 N N   . GLY U 1 7 ? -16.988 1.291   -8.625  1.00 48.05  ? 28 GLY O N   1 
ATOM   1262 C CA  . GLY U 1 7 ? -15.926 2.172   -9.040  1.00 48.05  ? 28 GLY O CA  1 
ATOM   1263 C C   . GLY U 1 7 ? -15.522 2.328   -10.476 1.00 48.05  ? 28 GLY O C   1 
ATOM   1264 O O   . GLY U 1 7 ? -14.362 2.172   -10.839 1.00 48.05  ? 28 GLY O O   1 
HETATM 1265 N N   . PHI U 1 8 ? -16.504 2.630   -11.306 1.00 49.04  ? 29 PHI O N   1 
HETATM 1266 C CA  . PHI U 1 8 ? -16.241 2.849   -12.679 1.00 49.04  ? 29 PHI O CA  1 
HETATM 1267 C CB  . PHI U 1 8 ? -17.483 3.286   -13.437 1.00 49.04  ? 29 PHI O CB  1 
HETATM 1268 C CG  . PHI U 1 8 ? -18.660 3.283   -12.544 1.00 49.04  ? 29 PHI O CG  1 
HETATM 1269 C CD1 . PHI U 1 8 ? -19.454 2.150   -12.326 1.00 49.04  ? 29 PHI O CD1 1 
HETATM 1270 C CD2 . PHI U 1 8 ? -18.987 4.473   -11.925 1.00 49.04  ? 29 PHI O CD2 1 
HETATM 1271 C CE1 . PHI U 1 8 ? -20.563 2.198   -11.492 1.00 49.04  ? 29 PHI O CE1 1 
HETATM 1272 C CE2 . PHI U 1 8 ? -20.093 4.531   -11.100 1.00 49.04  ? 29 PHI O CE2 1 
HETATM 1273 C CZ  . PHI U 1 8 ? -20.868 3.406   -10.880 1.00 49.04  ? 29 PHI O CZ  1 
HETATM 1274 I I   . PHI U 1 8 ? -22.428 3.659   -9.649  1.00 49.04  ? 29 PHI O I   1 
HETATM 1275 C C   . PHI U 1 8 ? -15.078 3.762   -12.410 1.00 49.04  ? 29 PHI O C   1 
HETATM 1276 O O   . PHI U 1 8 ? -15.106 4.765   -11.721 1.00 49.04  ? 29 PHI O O   1 
ATOM   1277 N N   . GLY U 1 9 ? -13.969 3.352   -13.006 1.00 46.70  ? 30 GLY O N   1 
ATOM   1278 C CA  . GLY U 1 9 ? -12.669 3.920   -12.725 1.00 46.70  ? 30 GLY O CA  1 
ATOM   1279 C C   . GLY U 1 9 ? -12.202 4.523   -14.019 1.00 46.70  ? 30 GLY O C   1 
ATOM   1280 O O   . GLY U 1 9 ? -11.028 4.400   -14.368 1.00 46.70  ? 30 GLY O O   1 
ATOM   1281 O OXT . GLY U 1 9 ? -12.979 5.147   -14.736 1.00 46.70  ? 30 GLY O OXT 1 
ATOM   1282 N N   . GLY V 1 1 ? -6.967  -23.626 23.981  1.00 86.75  ? 22 GLY R N   1 
ATOM   1283 C CA  . GLY V 1 1 ? -6.483  -22.620 24.904  1.00 86.75  ? 22 GLY R CA  1 
ATOM   1284 C C   . GLY V 1 1 ? -4.994  -22.720 25.140  1.00 86.75  ? 22 GLY R C   1 
ATOM   1285 O O   . GLY V 1 1 ? -4.311  -23.520 24.510  1.00 86.75  ? 22 GLY R O   1 
HETATM 1286 N N   . PHI V 1 2 ? -4.488  -21.909 26.056  1.00 86.97  ? 23 PHI R N   1 
HETATM 1287 C CA  . PHI V 1 2 ? -3.077  -21.876 26.306  1.00 86.97  ? 23 PHI R CA  1 
HETATM 1288 C CB  . PHI V 1 2 ? -2.373  -20.742 25.548  1.00 86.97  ? 23 PHI R CB  1 
HETATM 1289 C CG  . PHI V 1 2 ? -3.090  -20.329 24.320  1.00 86.97  ? 23 PHI R CG  1 
HETATM 1290 C CD1 . PHI V 1 2 ? -2.918  -21.014 23.117  1.00 86.97  ? 23 PHI R CD1 1 
HETATM 1291 C CD2 . PHI V 1 2 ? -3.938  -19.228 24.345  1.00 86.97  ? 23 PHI R CD2 1 
HETATM 1292 C CE1 . PHI V 1 2 ? -3.579  -20.616 21.955  1.00 86.97  ? 23 PHI R CE1 1 
HETATM 1293 C CE2 . PHI V 1 2 ? -4.599  -18.824 23.188  1.00 86.97  ? 23 PHI R CE2 1 
HETATM 1294 C CZ  . PHI V 1 2 ? -4.423  -19.517 21.996  1.00 86.97  ? 23 PHI R CZ  1 
HETATM 1295 I I   . PHI V 1 2 ? -5.398  -18.912 20.346  1.00 86.97  ? 23 PHI R I   1 
HETATM 1296 C C   . PHI V 1 2 ? -2.739  -21.678 27.773  1.00 86.97  ? 23 PHI R C   1 
HETATM 1297 O O   . PHI V 1 2 ? -3.529  -21.245 28.609  1.00 86.97  ? 23 PHI R O   1 
ATOM   1298 N N   . GLY V 1 3 ? -1.490  -22.005 28.094  1.00 83.64  ? 24 GLY R N   1 
ATOM   1299 C CA  . GLY V 1 3 ? -0.980  -21.881 29.449  1.00 83.64  ? 24 GLY R CA  1 
ATOM   1300 C C   . GLY V 1 3 ? -0.595  -20.426 29.615  1.00 83.64  ? 24 GLY R C   1 
ATOM   1301 O O   . GLY V 1 3 ? -0.853  -19.604 28.740  1.00 83.64  ? 24 GLY R O   1 
ATOM   1302 N N   . ASN V 1 4 ? -0.026  -20.091 30.769  1.00 80.21  ? 25 ASN R N   1 
ATOM   1303 C CA  . ASN V 1 4 ? 0.589   -18.785 30.954  1.00 80.21  ? 25 ASN R CA  1 
ATOM   1304 C C   . ASN V 1 4 ? 1.944   -18.338 30.420  1.00 80.21  ? 25 ASN R C   1 
ATOM   1305 O O   . ASN V 1 4 ? 2.415   -17.260 30.793  1.00 80.21  ? 25 ASN R O   1 
ATOM   1306 C CB  . ASN V 1 4 ? 0.582   -18.582 32.468  1.00 80.21  ? 25 ASN R CB  1 
ATOM   1307 C CG  . ASN V 1 4 ? -0.821  -18.318 33.000  1.00 80.21  ? 25 ASN R CG  1 
ATOM   1308 O OD1 . ASN V 1 4 ? -1.710  -17.907 32.254  1.00 80.21  ? 25 ASN R OD1 1 
ATOM   1309 N ND2 . ASN V 1 4 ? -1.017  -18.521 34.292  1.00 80.21  ? 25 ASN R ND2 1 
ATOM   1310 N N   . GLY V 1 5 ? 2.600   -19.133 29.584  1.00 78.74  ? 26 GLY R N   1 
ATOM   1311 C CA  . GLY V 1 5 ? 3.728   -18.601 28.841  1.00 78.74  ? 26 GLY R CA  1 
ATOM   1312 C C   . GLY V 1 5 ? 3.181   -18.049 27.542  1.00 78.74  ? 26 GLY R C   1 
ATOM   1313 O O   . GLY V 1 5 ? 2.846   -18.804 26.628  1.00 78.74  ? 26 GLY R O   1 
ATOM   1314 N N   . ASN V 1 6 ? 3.104   -16.728 27.445  1.00 75.42  ? 27 ASN R N   1 
ATOM   1315 C CA  . ASN V 1 6 ? 2.362   -16.050 26.391  1.00 75.42  ? 27 ASN R CA  1 
ATOM   1316 C C   . ASN V 1 6 ? 3.093   -14.810 25.892  1.00 75.42  ? 27 ASN R C   1 
ATOM   1317 O O   . ASN V 1 6 ? 2.573   -13.697 25.934  1.00 75.42  ? 27 ASN R O   1 
ATOM   1318 C CB  . ASN V 1 6 ? 0.959   -15.702 26.850  1.00 75.42  ? 27 ASN R CB  1 
ATOM   1319 C CG  . ASN V 1 6 ? 0.077   -16.911 26.962  1.00 75.42  ? 27 ASN R CG  1 
ATOM   1320 O OD1 . ASN V 1 6 ? 0.379   -17.963 26.419  1.00 75.42  ? 27 ASN R OD1 1 
ATOM   1321 N ND2 . ASN V 1 6 ? -1.051  -16.753 27.629  1.00 75.42  ? 27 ASN R ND2 1 
ATOM   1322 N N   . GLY V 1 7 ? 4.346   -14.972 25.497  1.00 71.52  ? 28 GLY R N   1 
ATOM   1323 C CA  . GLY V 1 7 ? 5.080   -13.880 24.879  1.00 71.52  ? 28 GLY R CA  1 
ATOM   1324 C C   . GLY V 1 7 ? 4.846   -13.479 23.429  1.00 71.52  ? 28 GLY R C   1 
ATOM   1325 O O   . GLY V 1 7 ? 5.249   -12.389 23.025  1.00 71.52  ? 28 GLY R O   1 
HETATM 1326 N N   . PHI V 1 8 ? 4.221   -14.363 22.652  1.00 68.62  ? 29 PHI R N   1 
HETATM 1327 C CA  . PHI V 1 8 ? 3.900   -14.133 21.244  1.00 68.62  ? 29 PHI R CA  1 
HETATM 1328 C CB  . PHI V 1 8 ? 2.714   -13.150 21.073  1.00 68.62  ? 29 PHI R CB  1 
HETATM 1329 C CG  . PHI V 1 8 ? 1.430   -13.800 21.433  1.00 68.62  ? 29 PHI R CG  1 
HETATM 1330 C CD1 . PHI V 1 8 ? 1.102   -15.037 20.881  1.00 68.62  ? 29 PHI R CD1 1 
HETATM 1331 C CD2 . PHI V 1 8 ? 0.554   -13.189 22.334  1.00 68.62  ? 29 PHI R CD2 1 
HETATM 1332 C CE1 . PHI V 1 8 ? -0.085  -15.653 21.231  1.00 68.62  ? 29 PHI R CE1 1 
HETATM 1333 C CE2 . PHI V 1 8 ? -0.636  -13.807 22.686  1.00 68.62  ? 29 PHI R CE2 1 
HETATM 1334 C CZ  . PHI V 1 8 ? -0.952  -15.041 22.131  1.00 68.62  ? 29 PHI R CZ  1 
HETATM 1335 I I   . PHI V 1 8 ? -2.681  -15.955 22.624  1.00 68.62  ? 29 PHI R I   1 
HETATM 1336 C C   . PHI V 1 8 ? 4.877   -13.753 20.150  1.00 68.62  ? 29 PHI R C   1 
HETATM 1337 O O   . PHI V 1 8 ? 4.592   -13.040 19.191  1.00 68.62  ? 29 PHI R O   1 
ATOM   1338 N N   . GLY V 1 9 ? 6.094   -14.266 20.302  1.00 66.00  ? 30 GLY R N   1 
ATOM   1339 C CA  . GLY V 1 9 ? 7.136   -14.106 19.301  1.00 66.00  ? 30 GLY R CA  1 
ATOM   1340 C C   . GLY V 1 9 ? 7.915   -12.851 19.642  1.00 66.00  ? 30 GLY R C   1 
ATOM   1341 O O   . GLY V 1 9 ? 8.844   -12.460 18.941  1.00 66.00  ? 30 GLY R O   1 
ATOM   1342 O OXT . GLY V 1 9 ? 7.632   -12.187 20.634  1.00 66.00  ? 30 GLY R OXT 1 
ATOM   1343 N N   . GLY W 1 1 ? -12.703 11.964  -18.945 1.00 57.04  ? 22 GLY U N   1 
ATOM   1344 C CA  . GLY W 1 1 ? -13.825 12.417  -19.742 1.00 57.04  ? 22 GLY U CA  1 
ATOM   1345 C C   . GLY W 1 1 ? -14.628 11.254  -20.268 1.00 57.04  ? 22 GLY U C   1 
ATOM   1346 O O   . GLY W 1 1 ? -14.283 10.108  -20.023 1.00 57.04  ? 22 GLY U O   1 
HETATM 1347 N N   . PHI W 1 2 ? -15.691 11.536  -21.004 1.00 58.49  ? 23 PHI U N   1 
HETATM 1348 C CA  . PHI W 1 2 ? -16.556 10.476  -21.431 1.00 58.49  ? 23 PHI U CA  1 
HETATM 1349 C CB  . PHI W 1 2 ? -17.659 10.189  -20.408 1.00 58.49  ? 23 PHI U CB  1 
HETATM 1350 C CG  . PHI W 1 2 ? -17.135 9.400   -19.277 1.00 58.49  ? 23 PHI U CG  1 
HETATM 1351 C CD1 . PHI W 1 2 ? -16.947 8.024   -19.416 1.00 58.49  ? 23 PHI U CD1 1 
HETATM 1352 C CD2 . PHI W 1 2 ? -16.836 10.030  -18.068 1.00 58.49  ? 23 PHI U CD2 1 
HETATM 1353 C CE1 . PHI W 1 2 ? -16.464 7.279   -18.347 1.00 58.49  ? 23 PHI U CE1 1 
HETATM 1354 C CE2 . PHI W 1 2 ? -16.356 9.282   -17.002 1.00 58.49  ? 23 PHI U CE2 1 
HETATM 1355 C CZ  . PHI W 1 2 ? -16.166 7.913   -17.145 1.00 58.49  ? 23 PHI U CZ  1 
HETATM 1356 I I   . PHI W 1 2 ? -15.454 6.839   -15.606 1.00 58.49  ? 23 PHI U I   1 
HETATM 1357 C C   . PHI W 1 2 ? -16.941 10.587  -22.890 1.00 58.49  ? 23 PHI U C   1 
HETATM 1358 O O   . PHI W 1 2 ? -16.582 11.483  -23.648 1.00 58.49  ? 23 PHI U O   1 
ATOM   1359 N N   . GLY W 1 3 ? -17.742 9.597   -23.282 1.00 56.47  ? 24 GLY U N   1 
ATOM   1360 C CA  . GLY W 1 3 ? -18.337 9.506   -24.601 1.00 56.47  ? 24 GLY U CA  1 
ATOM   1361 C C   . GLY W 1 3 ? -19.793 9.851   -24.401 1.00 56.47  ? 24 GLY U C   1 
ATOM   1362 O O   . GLY W 1 3 ? -20.233 10.036  -23.273 1.00 56.47  ? 24 GLY U O   1 
ATOM   1363 N N   . ASN W 1 4 ? -20.560 9.951   -25.478 1.00 53.75  ? 25 ASN U N   1 
ATOM   1364 C CA  . ASN W 1 4 ? -21.888 10.529  -25.330 1.00 53.75  ? 25 ASN U CA  1 
ATOM   1365 C C   . ASN W 1 4 ? -23.010 9.785   -24.609 1.00 53.75  ? 25 ASN U C   1 
ATOM   1366 O O   . ASN W 1 4 ? -23.569 10.288  -23.631 1.00 53.75  ? 25 ASN U O   1 
ATOM   1367 C CB  . ASN W 1 4 ? -22.255 10.888  -26.756 1.00 53.75  ? 25 ASN U CB  1 
ATOM   1368 C CG  . ASN W 1 4 ? -21.221 11.770  -27.373 1.00 53.75  ? 25 ASN U CG  1 
ATOM   1369 O OD1 . ASN W 1 4 ? -21.339 12.994  -27.350 1.00 53.75  ? 25 ASN U OD1 1 
ATOM   1370 N ND2 . ASN W 1 4 ? -20.158 11.163  -27.883 1.00 53.75  ? 25 ASN U ND2 1 
ATOM   1371 N N   . GLY W 1 5 ? -23.353 8.601   -25.073 1.00 52.87  ? 26 GLY U N   1 
ATOM   1372 C CA  . GLY W 1 5 ? -24.408 7.886   -24.399 1.00 52.87  ? 26 GLY U CA  1 
ATOM   1373 C C   . GLY W 1 5 ? -23.874 6.941   -23.353 1.00 52.87  ? 26 GLY U C   1 
ATOM   1374 O O   . GLY W 1 5 ? -23.369 5.868   -23.690 1.00 52.87  ? 26 GLY U O   1 
ATOM   1375 N N   . ASN W 1 6 ? -23.987 7.317   -22.082 1.00 51.78  ? 27 ASN U N   1 
ATOM   1376 C CA  . ASN W 1 6 ? -23.520 6.481   -20.974 1.00 51.78  ? 27 ASN U CA  1 
ATOM   1377 C C   . ASN W 1 6 ? -24.535 6.560   -19.843 1.00 51.78  ? 27 ASN U C   1 
ATOM   1378 O O   . ASN W 1 6 ? -24.549 7.529   -19.081 1.00 51.78  ? 27 ASN U O   1 
ATOM   1379 C CB  . ASN W 1 6 ? -22.135 6.895   -20.498 1.00 51.78  ? 27 ASN U CB  1 
ATOM   1380 C CG  . ASN W 1 6 ? -21.037 6.299   -21.334 1.00 51.78  ? 27 ASN U CG  1 
ATOM   1381 O OD1 . ASN W 1 6 ? -21.206 5.252   -21.936 1.00 51.78  ? 27 ASN U OD1 1 
ATOM   1382 N ND2 . ASN W 1 6 ? -19.906 6.959   -21.374 1.00 51.78  ? 27 ASN U ND2 1 
ATOM   1383 N N   . GLY W 1 7 ? -25.372 5.534   -19.740 1.00 52.09  ? 28 GLY U N   1 
ATOM   1384 C CA  . GLY W 1 7 ? -26.281 5.387   -18.624 1.00 52.09  ? 28 GLY U CA  1 
ATOM   1385 C C   . GLY W 1 7 ? -25.883 4.200   -17.775 1.00 52.09  ? 28 GLY U C   1 
ATOM   1386 O O   . GLY W 1 7 ? -26.175 3.058   -18.117 1.00 52.09  ? 28 GLY U O   1 
HETATM 1387 N N   . PHI W 1 8 ? -25.206 4.470   -16.667 1.00 54.15  ? 29 PHI U N   1 
HETATM 1388 C CA  . PHI W 1 8 ? -24.687 3.411   -15.842 1.00 54.15  ? 29 PHI U CA  1 
HETATM 1389 C CB  . PHI W 1 8 ? -23.848 3.859   -14.616 1.00 54.15  ? 29 PHI U CB  1 
HETATM 1390 C CG  . PHI W 1 8 ? -22.763 4.837   -14.875 1.00 54.15  ? 29 PHI U CG  1 
HETATM 1391 C CD1 . PHI W 1 8 ? -21.756 4.597   -15.811 1.00 54.15  ? 29 PHI U CD1 1 
HETATM 1392 C CD2 . PHI W 1 8 ? -22.729 6.029   -14.148 1.00 54.15  ? 29 PHI U CD2 1 
HETATM 1393 C CE1 . PHI W 1 8 ? -20.756 5.553   -16.018 1.00 54.15  ? 29 PHI U CE1 1 
HETATM 1394 C CE2 . PHI W 1 8 ? -21.733 6.980   -14.354 1.00 54.15  ? 29 PHI U CE2 1 
HETATM 1395 C CZ  . PHI W 1 8 ? -20.741 6.741   -15.290 1.00 54.15  ? 29 PHI U CZ  1 
HETATM 1396 I I   . PHI W 1 8 ? -19.310 8.122   -15.573 1.00 54.15  ? 29 PHI U I   1 
HETATM 1397 C C   . PHI W 1 8 ? -25.831 2.563   -15.306 1.00 54.15  ? 29 PHI U C   1 
HETATM 1398 O O   . PHI W 1 8 ? -26.824 3.006   -14.732 1.00 54.15  ? 29 PHI U O   1 
ATOM   1399 N N   . GLY W 1 9 ? -25.672 1.263   -15.526 1.00 55.41  ? 30 GLY U N   1 
ATOM   1400 C CA  . GLY W 1 9 ? -26.500 0.257   -14.897 1.00 55.41  ? 30 GLY U CA  1 
ATOM   1401 C C   . GLY W 1 9 ? -27.923 0.179   -15.392 1.00 55.41  ? 30 GLY U C   1 
ATOM   1402 O O   . GLY W 1 9 ? -28.320 -0.817  -15.985 1.00 55.41  ? 30 GLY U O   1 
ATOM   1403 O OXT . GLY W 1 9 ? -28.713 1.097   -15.204 1.00 55.41  ? 30 GLY U OXT 1 
ATOM   1404 N N   . GLY X 1 1 ? -18.413 -13.082 8.709   1.00 50.57  ? 22 GLY X N   1 
ATOM   1405 C CA  . GLY X 1 1 ? -17.550 -14.200 8.403   1.00 50.57  ? 22 GLY X CA  1 
ATOM   1406 C C   . GLY X 1 1 ? -16.100 -13.870 8.666   1.00 50.57  ? 22 GLY X C   1 
ATOM   1407 O O   . GLY X 1 1 ? -15.196 -14.617 8.291   1.00 50.57  ? 22 GLY X O   1 
HETATM 1408 N N   . PHI X 1 2 ? -15.869 -12.742 9.315   1.00 52.21  ? 23 PHI X N   1 
HETATM 1409 C CA  . PHI X 1 2 ? -14.530 -12.328 9.595   1.00 52.21  ? 23 PHI X CA  1 
HETATM 1410 C CB  . PHI X 1 2 ? -14.204 -10.941 9.004   1.00 52.21  ? 23 PHI X CB  1 
HETATM 1411 C CG  . PHI X 1 2 ? -14.325 -10.901 7.526   1.00 52.21  ? 23 PHI X CG  1 
HETATM 1412 C CD1 . PHI X 1 2 ? -14.195 -12.053 6.758   1.00 52.21  ? 23 PHI X CD1 1 
HETATM 1413 C CD2 . PHI X 1 2 ? -14.562 -9.700  6.862   1.00 52.21  ? 23 PHI X CD2 1 
HETATM 1414 C CE1 . PHI X 1 2 ? -14.304 -11.999 5.372   1.00 52.21  ? 23 PHI X CE1 1 
HETATM 1415 C CE2 . PHI X 1 2 ? -14.677 -9.639  5.473   1.00 52.21  ? 23 PHI X CE2 1 
HETATM 1416 C CZ  . PHI X 1 2 ? -14.547 -10.799 4.727   1.00 52.21  ? 23 PHI X CZ  1 
HETATM 1417 I I   . PHI X 1 2 ? -14.694 -10.772 2.728   1.00 52.21  ? 23 PHI X I   1 
HETATM 1418 C C   . PHI X 1 2 ? -14.351 -12.404 11.108  1.00 52.21  ? 23 PHI X C   1 
HETATM 1419 O O   . PHI X 1 2 ? -15.212 -12.059 11.907  1.00 52.21  ? 23 PHI X O   1 
ATOM   1420 N N   . GLY X 1 3 ? -13.173 -12.869 11.512  1.00 49.41  ? 24 GLY X N   1 
ATOM   1421 C CA  . GLY X 1 3 ? -12.854 -13.076 12.912  1.00 49.41  ? 24 GLY X CA  1 
ATOM   1422 C C   . GLY X 1 3 ? -12.240 -12.368 14.107  1.00 49.41  ? 24 GLY X C   1 
ATOM   1423 O O   . GLY X 1 3 ? -12.718 -12.517 15.227  1.00 49.41  ? 24 GLY X O   1 
ATOM   1424 N N   . ASN X 1 4 ? -11.162 -11.620 13.862  1.00 47.22  ? 25 ASN X N   1 
ATOM   1425 C CA  . ASN X 1 4 ? -10.482 -10.825 14.875  1.00 47.22  ? 25 ASN X CA  1 
ATOM   1426 C C   . ASN X 1 4 ? -9.755  -9.944  13.869  1.00 47.22  ? 25 ASN X C   1 
ATOM   1427 O O   . ASN X 1 4 ? -10.128 -9.909  12.697  1.00 47.22  ? 25 ASN X O   1 
ATOM   1428 C CB  . ASN X 1 4 ? -9.653  -11.332 16.043  1.00 47.22  ? 25 ASN X CB  1 
ATOM   1429 C CG  . ASN X 1 4 ? -10.453 -11.442 17.285  1.00 47.22  ? 25 ASN X CG  1 
ATOM   1430 O OD1 . ASN X 1 4 ? -11.449 -10.740 17.436  1.00 47.22  ? 25 ASN X OD1 1 
ATOM   1431 N ND2 . ASN X 1 4 ? -10.040 -12.315 18.195  1.00 47.22  ? 25 ASN X ND2 1 
ATOM   1432 N N   . GLY X 1 5 ? -8.708  -9.248  14.323  1.00 44.90  ? 26 GLY X N   1 
ATOM   1433 C CA  . GLY X 1 5 ? -8.097  -8.130  13.624  1.00 44.90  ? 26 GLY X CA  1 
ATOM   1434 C C   . GLY X 1 5 ? -7.838  -8.565  12.207  1.00 44.90  ? 26 GLY X C   1 
ATOM   1435 O O   . GLY X 1 5 ? -7.299  -9.644  11.987  1.00 44.90  ? 26 GLY X O   1 
ATOM   1436 N N   . ASN X 1 6 ? -8.252  -7.769  11.236  1.00 43.62  ? 27 ASN X N   1 
ATOM   1437 C CA  . ASN X 1 6 ? -8.388  -8.282  9.888   1.00 43.62  ? 27 ASN X CA  1 
ATOM   1438 C C   . ASN X 1 6 ? -7.171  -7.743  9.161   1.00 43.62  ? 27 ASN X C   1 
ATOM   1439 O O   . ASN X 1 6 ? -6.516  -6.794  9.604   1.00 43.62  ? 27 ASN X O   1 
ATOM   1440 C CB  . ASN X 1 6 ? -9.799  -8.082  9.359   1.00 43.62  ? 27 ASN X CB  1 
ATOM   1441 C CG  . ASN X 1 6 ? -10.678 -9.243  9.692   1.00 43.62  ? 27 ASN X CG  1 
ATOM   1442 O OD1 . ASN X 1 6 ? -10.214 -10.366 9.731   1.00 43.62  ? 27 ASN X OD1 1 
ATOM   1443 N ND2 . ASN X 1 6 ? -11.929 -8.989  9.965   1.00 43.62  ? 27 ASN X ND2 1 
ATOM   1444 N N   . GLY X 1 7 ? -6.912  -8.356  8.003   1.00 41.86  ? 28 GLY X N   1 
ATOM   1445 C CA  . GLY X 1 7 ? -5.622  -8.315  7.341   1.00 41.86  ? 28 GLY X CA  1 
ATOM   1446 C C   . GLY X 1 7 ? -5.658  -7.897  5.896   1.00 41.86  ? 28 GLY X C   1 
ATOM   1447 O O   . GLY X 1 7 ? -4.820  -8.300  5.110   1.00 41.86  ? 28 GLY X O   1 
HETATM 1448 N N   . PHI X 1 8 ? -6.615  -7.047  5.558   1.00 43.00  ? 29 PHI X N   1 
HETATM 1449 C CA  . PHI X 1 8 ? -6.809  -6.592  4.207   1.00 43.00  ? 29 PHI X CA  1 
HETATM 1450 C CB  . PHI X 1 8 ? -7.988  -5.626  4.008   1.00 43.00  ? 29 PHI X CB  1 
HETATM 1451 C CG  . PHI X 1 8 ? -9.261  -5.961  4.667   1.00 43.00  ? 29 PHI X CG  1 
HETATM 1452 C CD1 . PHI X 1 8 ? -9.971  -4.893  5.172   1.00 43.00  ? 29 PHI X CD1 1 
HETATM 1453 C CD2 . PHI X 1 8 ? -9.781  -7.249  4.777   1.00 43.00  ? 29 PHI X CD2 1 
HETATM 1454 C CE1 . PHI X 1 8 ? -11.184 -5.085  5.790   1.00 43.00  ? 29 PHI X CE1 1 
HETATM 1455 C CE2 . PHI X 1 8 ? -10.998 -7.451  5.407   1.00 43.00  ? 29 PHI X CE2 1 
HETATM 1456 C CZ  . PHI X 1 8 ? -11.683 -6.357  5.908   1.00 43.00  ? 29 PHI X CZ  1 
HETATM 1457 I I   . PHI X 1 8 ? -13.454 -6.544  6.825   1.00 43.00  ? 29 PHI X I   1 
HETATM 1458 C C   . PHI X 1 8 ? -5.461  -5.940  4.206   1.00 43.00  ? 29 PHI X C   1 
HETATM 1459 O O   . PHI X 1 8 ? -5.163  -5.079  5.015   1.00 43.00  ? 29 PHI X O   1 
ATOM   1460 N N   . GLY X 1 9 ? -4.629  -6.369  3.271   1.00 42.35  ? 30 GLY X N   1 
ATOM   1461 C CA  . GLY X 1 9 ? -3.231  -6.007  3.255   1.00 42.35  ? 30 GLY X CA  1 
ATOM   1462 C C   . GLY X 1 9 ? -3.221  -4.922  2.215   1.00 42.35  ? 30 GLY X C   1 
ATOM   1463 O O   . GLY X 1 9 ? -2.297  -4.123  2.160   1.00 42.35  ? 30 GLY X O   1 
ATOM   1464 O OXT . GLY X 1 9 ? -4.142  -4.809  1.421   1.00 42.35  ? 30 GLY X OXT 1 
# 
